data_2CFG
#
_entry.id   2CFG
#
_cell.length_a   192.369
_cell.length_b   62.948
_cell.length_c   158.131
_cell.angle_alpha   90.00
_cell.angle_beta   117.46
_cell.angle_gamma   90.00
#
_symmetry.space_group_name_H-M   'C 1 2 1'
#
loop_
_entity.id
_entity.type
_entity.pdbx_description
1 polymer 'PHENYLETHYLAMINE OXIDASE'
2 non-polymer 'COPPER (II) ION'
3 non-polymer 'SODIUM ION'
4 non-polymer "BIS[1H,1'H-2,2'-BIPYRIDINATO(2-)-KAPPA~2~N~1~,N~1'~]{3-[4-(1,10-DIHYDRO-1,10-PHENANTHROLIN-4-YL-KAPPA~2~N~1~,N~10~)BUTOXY]-N,N-DIMETHYLANILINATO(2-)}RUTHENIUM"
5 non-polymer GLYCEROL
6 non-polymer 'SULFATE ION'
7 water water
#
_entity_poly.entity_id   1
_entity_poly.type   'polypeptide(L)'
_entity_poly.pdbx_seq_one_letter_code
;PSTIQTASPFRLASAGEISEVQGILRTAGLLGPEKRIAYLGVLDPARGAGSEAEDRRFRVFIHDVSGARPQEVTVSVTNG
TVISAVELDTAATGELPVLEEEFEVVEQLLATDERWLKALAARNLDVSKVRVAPLSAGVFEYAEERGRRILRGLAFVQDF
PEDSAWAHPVDGLVAYVDVVSKEVTRVIDTGVFPVPAEHGNYTDPELTGPLRTTQKPISITQPEGPSFTVTGGNHIEWEK
WSLDVGFDVREGVVLHNIAFRDGDRLRPIINRASIAEMVVPYGDPSPIRSWQNYFDTGEYLVGQYANSLELGCDCLGDIT
YLSPVISDAFGNPREIRNGICMHEEDWGILAKHSDLWSGINYTRRNRRMVISFFTTIGN(TPQ)DYGFYWYLYLDGTIEF
EAKATGVVFTSAFPEGGSDNISQLAPGLGAPFHQHIFSARLDMAIDGFTNRVEEEDVVRQTMGPGNERGNAFSRKRTVLT
RESEAVREADARTGRTWIISNPESKNRLNEPVGYKLHAHNQPTLLADPGSSIARRAAFATKDLWVTRYADDERYPTGDFV
NQHSGGAGLPSYIAQDRDIDGQDIVVWHTFGLTHFPRVEDWPIMPVDTVGFKLRPEGFFDRSPVLDVPANPSQSGSHCHG
SNWSHPQFEK
;
_entity_poly.pdbx_strand_id   A,B
#
loop_
_chem_comp.id
_chem_comp.type
_chem_comp.name
_chem_comp.formula
CU non-polymer 'COPPER (II) ION' 'Cu 2'
GOL non-polymer GLYCEROL 'C3 H8 O3'
NA non-polymer 'SODIUM ION' 'Na 1'
R4A non-polymer BIS[1H,1'H-2,2'-BIPYRIDINATO(2-)-KAPPA~2~N~1~,N~1'~]{3-[4-(1,10-DIHYDRO-1,10-PHENANTHROLIN-4-YL-KAPPA~2~N~1~,N~10~)BUTOXY]-N,N-DIMETHYLANILINATO(2-)}RUTHENIUM 'C44 H61 N7 O Ru'
SO4 non-polymer 'SULFATE ION' 'O4 S -2'
#
# COMPACT_ATOMS: atom_id res chain seq x y z
N ALA A 7 -22.54 -4.74 -32.28
CA ALA A 7 -22.43 -3.25 -32.36
C ALA A 7 -21.08 -2.75 -31.83
N SER A 8 -20.71 -3.28 -30.67
CA SER A 8 -19.55 -2.91 -29.85
C SER A 8 -18.34 -2.16 -30.50
N PRO A 9 -18.39 -0.83 -30.56
CA PRO A 9 -17.28 -0.04 -31.12
C PRO A 9 -15.97 -0.10 -30.33
N PHE A 10 -16.03 -0.56 -29.09
CA PHE A 10 -14.83 -0.73 -28.25
C PHE A 10 -14.32 -2.17 -28.20
N ARG A 11 -14.86 -3.05 -29.04
CA ARG A 11 -14.39 -4.42 -29.12
C ARG A 11 -12.90 -4.48 -29.50
N LEU A 12 -12.25 -5.55 -29.06
CA LEU A 12 -10.88 -5.85 -29.46
C LEU A 12 -10.74 -5.98 -30.97
N ALA A 13 -9.59 -5.59 -31.49
CA ALA A 13 -9.24 -5.84 -32.88
C ALA A 13 -9.27 -7.34 -33.17
N SER A 14 -9.84 -7.70 -34.31
CA SER A 14 -9.88 -9.09 -34.73
C SER A 14 -8.79 -9.37 -35.79
N ALA A 15 -8.41 -10.63 -35.92
CA ALA A 15 -7.47 -11.05 -36.96
C ALA A 15 -7.88 -10.50 -38.31
N GLY A 16 -9.17 -10.66 -38.64
CA GLY A 16 -9.72 -10.17 -39.89
C GLY A 16 -9.55 -8.68 -40.10
N GLU A 17 -9.71 -7.88 -39.04
CA GLU A 17 -9.50 -6.43 -39.16
C GLU A 17 -8.05 -6.04 -39.47
N ILE A 18 -7.09 -6.72 -38.85
CA ILE A 18 -5.67 -6.47 -39.11
C ILE A 18 -5.33 -6.90 -40.54
N SER A 19 -5.79 -8.09 -40.95
CA SER A 19 -5.63 -8.53 -42.32
C SER A 19 -6.18 -7.51 -43.31
N GLU A 20 -7.32 -6.92 -42.97
CA GLU A 20 -7.96 -5.95 -43.85
C GLU A 20 -7.19 -4.64 -43.91
N VAL A 21 -6.62 -4.22 -42.78
CA VAL A 21 -5.74 -3.06 -42.76
C VAL A 21 -4.57 -3.31 -43.71
N GLN A 22 -3.99 -4.50 -43.60
CA GLN A 22 -2.90 -4.93 -44.47
C GLN A 22 -3.33 -4.85 -45.94
N GLY A 23 -4.54 -5.36 -46.22
CA GLY A 23 -5.08 -5.39 -47.58
C GLY A 23 -5.35 -4.00 -48.15
N ILE A 24 -5.91 -3.12 -47.33
CA ILE A 24 -6.16 -1.73 -47.70
C ILE A 24 -4.84 -1.00 -47.96
N LEU A 25 -3.85 -1.21 -47.10
CA LEU A 25 -2.55 -0.56 -47.24
C LEU A 25 -1.85 -1.04 -48.51
N ARG A 26 -2.00 -2.33 -48.81
CA ARG A 26 -1.39 -2.95 -49.96
C ARG A 26 -2.00 -2.36 -51.22
N THR A 27 -3.33 -2.40 -51.27
CA THR A 27 -4.08 -1.89 -52.40
C THR A 27 -3.73 -0.43 -52.69
N ALA A 28 -3.46 0.33 -51.63
CA ALA A 28 -3.16 1.77 -51.75
C ALA A 28 -1.68 2.11 -52.04
N GLY A 29 -0.82 1.10 -52.15
CA GLY A 29 0.58 1.32 -52.47
C GLY A 29 1.49 1.68 -51.30
N LEU A 30 1.02 1.46 -50.07
CA LEU A 30 1.74 1.86 -48.87
C LEU A 30 2.42 0.71 -48.14
N LEU A 31 2.22 -0.52 -48.62
CA LEU A 31 2.80 -1.68 -47.96
C LEU A 31 3.45 -2.69 -48.94
N GLY A 32 4.39 -2.18 -49.74
CA GLY A 32 5.23 -3.01 -50.58
C GLY A 32 6.19 -3.87 -49.77
N PRO A 33 7.01 -4.65 -50.46
CA PRO A 33 7.92 -5.60 -49.79
C PRO A 33 9.00 -5.00 -48.88
N GLU A 34 9.33 -3.73 -49.06
CA GLU A 34 10.33 -3.06 -48.20
C GLU A 34 9.70 -2.37 -46.95
N LYS A 35 8.38 -2.46 -46.82
CA LYS A 35 7.71 -1.83 -45.69
C LYS A 35 7.53 -2.78 -44.52
N ARG A 36 7.57 -2.21 -43.31
CA ARG A 36 7.40 -2.94 -42.07
C ARG A 36 6.53 -2.12 -41.12
N ILE A 37 5.57 -2.76 -40.49
CA ILE A 37 4.73 -2.10 -39.51
C ILE A 37 5.44 -2.08 -38.15
N ALA A 38 5.75 -0.88 -37.66
CA ALA A 38 6.38 -0.68 -36.37
C ALA A 38 5.37 -0.48 -35.25
N TYR A 39 4.15 -0.07 -35.62
CA TYR A 39 3.03 0.05 -34.70
C TYR A 39 1.71 -0.01 -35.47
N LEU A 40 0.74 -0.69 -34.89
CA LEU A 40 -0.62 -0.74 -35.41
C LEU A 40 -1.60 -0.89 -34.25
N GLY A 41 -2.60 -0.03 -34.22
CA GLY A 41 -3.63 -0.10 -33.20
C GLY A 41 -4.92 0.54 -33.66
N VAL A 42 -6.02 0.08 -33.09
CA VAL A 42 -7.33 0.66 -33.34
C VAL A 42 -7.44 1.99 -32.61
N LEU A 43 -8.10 2.95 -33.24
CA LEU A 43 -8.37 4.24 -32.61
C LEU A 43 -9.71 4.15 -31.87
N ASP A 44 -9.82 4.90 -30.78
CA ASP A 44 -11.08 4.96 -30.04
C ASP A 44 -12.09 5.78 -30.82
N PRO A 45 -13.38 5.45 -30.68
CA PRO A 45 -14.44 6.26 -31.28
C PRO A 45 -14.33 7.73 -30.90
N ALA A 46 -14.72 8.61 -31.81
CA ALA A 46 -14.76 10.04 -31.54
C ALA A 46 -15.82 10.35 -30.51
N ARG A 47 -15.65 11.46 -29.81
CA ARG A 47 -16.65 11.98 -28.88
C ARG A 47 -17.98 12.16 -29.59
N GLY A 48 -19.05 11.61 -29.03
CA GLY A 48 -20.40 11.75 -29.57
C GLY A 48 -20.72 10.87 -30.77
N ALA A 49 -19.90 9.84 -31.00
CA ALA A 49 -20.06 8.98 -32.17
C ALA A 49 -21.08 7.85 -31.96
N GLY A 50 -21.53 7.65 -30.72
CA GLY A 50 -22.46 6.59 -30.39
C GLY A 50 -23.73 6.54 -31.24
N SER A 51 -24.24 7.71 -31.62
CA SER A 51 -25.47 7.80 -32.42
C SER A 51 -25.28 7.43 -33.89
N GLU A 52 -24.08 7.66 -34.40
CA GLU A 52 -23.73 7.29 -35.78
C GLU A 52 -23.31 5.81 -35.88
N ALA A 53 -23.22 5.32 -37.11
CA ALA A 53 -22.74 3.96 -37.36
C ALA A 53 -21.26 3.86 -37.03
N GLU A 54 -20.81 2.62 -36.78
CA GLU A 54 -19.41 2.35 -36.47
C GLU A 54 -18.48 2.81 -37.60
N ASP A 55 -17.33 3.34 -37.21
CA ASP A 55 -16.19 3.50 -38.11
C ASP A 55 -14.96 3.06 -37.36
N ARG A 56 -14.58 1.80 -37.57
CA ARG A 56 -13.36 1.24 -37.02
C ARG A 56 -12.18 1.77 -37.81
N ARG A 57 -11.37 2.60 -37.16
CA ARG A 57 -10.17 3.17 -37.76
C ARG A 57 -8.94 2.63 -37.04
N PHE A 58 -7.86 2.42 -37.80
CA PHE A 58 -6.60 1.93 -37.28
C PHE A 58 -5.48 2.90 -37.63
N ARG A 59 -4.58 3.10 -36.69
CA ARG A 59 -3.41 3.93 -36.88
C ARG A 59 -2.17 3.05 -37.01
N VAL A 60 -1.33 3.38 -37.99
CA VAL A 60 -0.19 2.55 -38.35
C VAL A 60 1.05 3.43 -38.53
N PHE A 61 2.18 2.99 -37.98
CA PHE A 61 3.47 3.59 -38.28
C PHE A 61 4.18 2.59 -39.18
N ILE A 62 4.53 3.02 -40.38
CA ILE A 62 5.17 2.14 -41.35
C ILE A 62 6.63 2.55 -41.55
N HIS A 63 7.54 1.62 -41.31
CA HIS A 63 8.98 1.79 -41.51
C HIS A 63 9.41 1.24 -42.88
N ASP A 64 10.47 1.81 -43.44
CA ASP A 64 10.99 1.38 -44.74
C ASP A 64 12.43 0.89 -44.57
N VAL A 65 12.67 -0.39 -44.87
CA VAL A 65 14.01 -0.98 -44.68
C VAL A 65 15.06 -0.50 -45.69
N SER A 66 14.61 0.12 -46.79
CA SER A 66 15.53 0.63 -47.81
C SER A 66 16.07 2.04 -47.52
N GLY A 67 15.56 2.67 -46.45
CA GLY A 67 16.06 3.95 -45.99
C GLY A 67 15.16 5.14 -46.32
N ALA A 68 14.03 4.88 -46.95
CA ALA A 68 13.03 5.92 -47.21
C ALA A 68 12.41 6.37 -45.91
N ARG A 69 11.76 7.52 -45.94
CA ARG A 69 11.17 8.10 -44.73
C ARG A 69 9.95 7.27 -44.30
N PRO A 70 9.75 7.12 -43.00
CA PRO A 70 8.60 6.37 -42.49
C PRO A 70 7.33 7.19 -42.63
N GLN A 71 6.19 6.54 -42.51
CA GLN A 71 4.89 7.19 -42.66
C GLN A 71 3.99 6.93 -41.45
N GLU A 72 3.09 7.87 -41.17
CA GLU A 72 1.99 7.64 -40.26
C GLU A 72 0.71 7.61 -41.10
N VAL A 73 -0.07 6.56 -40.91
CA VAL A 73 -1.26 6.32 -41.72
C VAL A 73 -2.45 6.00 -40.83
N THR A 74 -3.60 6.56 -41.16
CA THR A 74 -4.84 6.16 -40.54
C THR A 74 -5.72 5.52 -41.60
N VAL A 75 -6.27 4.36 -41.29
CA VAL A 75 -7.08 3.56 -42.21
C VAL A 75 -8.48 3.38 -41.62
N SER A 76 -9.49 3.41 -42.47
CA SER A 76 -10.83 2.98 -42.10
C SER A 76 -11.08 1.53 -42.55
N VAL A 77 -11.08 0.59 -41.61
CA VAL A 77 -11.29 -0.81 -41.97
C VAL A 77 -12.75 -1.08 -42.34
N THR A 78 -13.67 -0.31 -41.76
CA THR A 78 -15.08 -0.36 -42.11
C THR A 78 -15.29 -0.07 -43.59
N ASN A 79 -14.73 1.04 -44.04
CA ASN A 79 -14.95 1.55 -45.40
C ASN A 79 -13.90 1.12 -46.43
N GLY A 80 -12.85 0.43 -46.00
CA GLY A 80 -11.80 -0.05 -46.89
C GLY A 80 -10.96 1.06 -47.51
N THR A 81 -10.77 2.15 -46.78
CA THR A 81 -10.06 3.30 -47.31
C THR A 81 -8.89 3.76 -46.45
N VAL A 82 -8.00 4.52 -47.09
CA VAL A 82 -6.97 5.26 -46.38
C VAL A 82 -7.53 6.66 -46.11
N ILE A 83 -7.61 7.01 -44.83
CA ILE A 83 -8.04 8.35 -44.40
C ILE A 83 -6.95 9.40 -44.56
N SER A 84 -5.77 9.09 -44.04
CA SER A 84 -4.62 10.00 -44.11
C SER A 84 -3.30 9.22 -44.16
N ALA A 85 -2.33 9.76 -44.87
CA ALA A 85 -0.99 9.19 -44.93
C ALA A 85 0.00 10.32 -45.03
N VAL A 86 0.96 10.36 -44.11
CA VAL A 86 1.88 11.48 -44.00
C VAL A 86 3.30 10.97 -43.81
N GLU A 87 4.23 11.52 -44.59
CA GLU A 87 5.64 11.20 -44.47
C GLU A 87 6.21 11.90 -43.24
N LEU A 88 6.98 11.15 -42.44
CA LEU A 88 7.56 11.67 -41.21
C LEU A 88 9.00 12.08 -41.43
N ASP A 89 9.37 13.21 -40.84
CA ASP A 89 10.75 13.64 -40.75
C ASP A 89 11.22 13.33 -39.32
N THR A 90 11.92 12.21 -39.16
CA THR A 90 12.23 11.70 -37.81
C THR A 90 13.20 12.57 -37.03
N ALA A 91 14.08 13.29 -37.72
CA ALA A 91 14.98 14.22 -37.04
C ALA A 91 14.18 15.25 -36.23
N ALA A 92 13.01 15.61 -36.74
CA ALA A 92 12.15 16.59 -36.07
C ALA A 92 11.22 15.95 -35.06
N THR A 93 10.42 14.98 -35.48
CA THR A 93 9.34 14.47 -34.63
C THR A 93 9.65 13.17 -33.86
N GLY A 94 10.78 12.54 -34.16
CA GLY A 94 11.18 11.31 -33.48
C GLY A 94 11.21 10.09 -34.38
N GLU A 95 12.02 9.11 -34.01
CA GLU A 95 12.10 7.82 -34.72
C GLU A 95 10.95 6.92 -34.31
N LEU A 96 10.63 5.97 -35.16
CA LEU A 96 9.61 4.99 -34.85
C LEU A 96 10.09 4.10 -33.70
N PRO A 97 9.17 3.42 -33.03
CA PRO A 97 9.54 2.42 -32.02
C PRO A 97 10.49 1.35 -32.52
N VAL A 98 11.29 0.81 -31.59
CA VAL A 98 12.21 -0.28 -31.90
C VAL A 98 11.42 -1.44 -32.49
N LEU A 99 11.96 -2.03 -33.54
CA LEU A 99 11.34 -3.17 -34.23
C LEU A 99 11.87 -4.47 -33.63
N GLU A 100 10.97 -5.42 -33.40
CA GLU A 100 11.30 -6.80 -33.03
C GLU A 100 12.54 -7.31 -33.75
N GLU A 101 12.57 -7.14 -35.07
CA GLU A 101 13.62 -7.70 -35.93
C GLU A 101 14.99 -7.03 -35.79
N GLU A 102 15.05 -5.87 -35.15
CA GLU A 102 16.31 -5.18 -34.90
C GLU A 102 17.02 -5.72 -33.66
N PHE A 103 16.31 -6.54 -32.88
CA PHE A 103 16.84 -7.06 -31.62
C PHE A 103 18.17 -7.82 -31.79
N GLU A 104 18.30 -8.55 -32.90
CA GLU A 104 19.48 -9.36 -33.18
C GLU A 104 20.57 -8.57 -33.88
N VAL A 105 20.19 -7.48 -34.53
CA VAL A 105 21.08 -6.75 -35.43
C VAL A 105 22.29 -6.12 -34.76
N VAL A 106 22.14 -5.68 -33.52
CA VAL A 106 23.27 -4.99 -32.86
C VAL A 106 24.41 -5.99 -32.64
N GLU A 107 24.06 -7.16 -32.11
CA GLU A 107 25.05 -8.21 -31.89
C GLU A 107 25.66 -8.70 -33.21
N GLN A 108 24.81 -8.95 -34.20
CA GLN A 108 25.23 -9.47 -35.50
C GLN A 108 26.23 -8.55 -36.21
N LEU A 109 26.01 -7.24 -36.14
CA LEU A 109 26.89 -6.29 -36.82
C LEU A 109 28.20 -6.14 -36.07
N LEU A 110 28.10 -6.14 -34.75
CA LEU A 110 29.27 -5.97 -33.91
C LEU A 110 30.24 -7.16 -34.02
N ALA A 111 29.71 -8.34 -34.32
CA ALA A 111 30.52 -9.55 -34.32
C ALA A 111 31.57 -9.61 -35.44
N THR A 112 31.42 -8.78 -36.48
CA THR A 112 32.45 -8.66 -37.53
C THR A 112 33.14 -7.30 -37.55
N ASP A 113 32.90 -6.46 -36.56
CA ASP A 113 33.58 -5.17 -36.43
C ASP A 113 34.91 -5.31 -35.72
N GLU A 114 35.98 -4.76 -36.31
CA GLU A 114 37.34 -4.92 -35.80
C GLU A 114 37.58 -4.25 -34.45
N ARG A 115 36.95 -3.10 -34.23
CA ARG A 115 37.06 -2.43 -32.93
C ARG A 115 36.42 -3.27 -31.82
N TRP A 116 35.22 -3.78 -32.08
CA TRP A 116 34.50 -4.62 -31.14
C TRP A 116 35.29 -5.89 -30.84
N LEU A 117 35.79 -6.55 -31.89
CA LEU A 117 36.58 -7.76 -31.73
C LEU A 117 37.88 -7.52 -30.94
N LYS A 118 38.49 -6.36 -31.14
CA LYS A 118 39.68 -5.98 -30.38
C LYS A 118 39.37 -5.86 -28.90
N ALA A 119 38.24 -5.23 -28.58
CA ALA A 119 37.80 -5.06 -27.21
C ALA A 119 37.52 -6.41 -26.56
N LEU A 120 36.92 -7.35 -27.29
CA LEU A 120 36.62 -8.66 -26.74
C LEU A 120 37.91 -9.47 -26.56
N ALA A 121 38.81 -9.40 -27.53
CA ALA A 121 40.08 -10.13 -27.45
C ALA A 121 40.91 -9.65 -26.25
N ALA A 122 40.84 -8.35 -25.92
CA ALA A 122 41.55 -7.81 -24.75
C ALA A 122 41.07 -8.41 -23.42
N ARG A 123 39.83 -8.89 -23.40
CA ARG A 123 39.19 -9.46 -22.21
C ARG A 123 39.11 -10.97 -22.32
N ASN A 124 39.69 -11.54 -23.37
CA ASN A 124 39.72 -12.99 -23.60
C ASN A 124 38.34 -13.61 -23.65
N LEU A 125 37.45 -12.93 -24.37
CA LEU A 125 36.08 -13.34 -24.52
C LEU A 125 35.82 -13.85 -25.93
N ASP A 126 35.26 -15.05 -26.00
CA ASP A 126 34.86 -15.67 -27.27
C ASP A 126 33.63 -14.93 -27.85
N VAL A 127 33.77 -14.39 -29.05
CA VAL A 127 32.71 -13.61 -29.68
C VAL A 127 31.40 -14.40 -29.80
N SER A 128 31.49 -15.72 -30.01
CA SER A 128 30.28 -16.55 -30.08
C SER A 128 29.50 -16.61 -28.75
N LYS A 129 30.15 -16.27 -27.64
CA LYS A 129 29.50 -16.28 -26.33
C LYS A 129 29.04 -14.90 -25.87
N VAL A 130 29.24 -13.86 -26.68
CA VAL A 130 28.93 -12.51 -26.25
C VAL A 130 27.57 -12.04 -26.78
N ARG A 131 26.64 -11.88 -25.85
CA ARG A 131 25.31 -11.36 -26.16
C ARG A 131 25.37 -9.85 -26.10
N VAL A 132 24.64 -9.18 -27.00
CA VAL A 132 24.58 -7.75 -27.01
C VAL A 132 23.12 -7.31 -27.00
N ALA A 133 22.77 -6.55 -25.97
CA ALA A 133 21.42 -6.05 -25.82
C ALA A 133 21.18 -4.90 -26.79
N PRO A 134 20.03 -4.89 -27.46
CA PRO A 134 19.64 -3.76 -28.34
C PRO A 134 18.94 -2.63 -27.57
N LEU A 135 19.73 -1.62 -27.21
CA LEU A 135 19.32 -0.65 -26.22
C LEU A 135 18.99 0.69 -26.85
N SER A 136 17.87 1.30 -26.41
CA SER A 136 17.48 2.60 -26.94
C SER A 136 18.58 3.61 -26.67
N ALA A 137 18.73 4.57 -27.58
CA ALA A 137 19.89 5.43 -27.63
C ALA A 137 19.70 6.78 -26.93
N GLY A 138 18.46 7.28 -26.93
CA GLY A 138 18.20 8.62 -26.43
C GLY A 138 18.84 9.67 -27.34
N VAL A 139 18.99 10.87 -26.80
CA VAL A 139 19.56 11.98 -27.53
C VAL A 139 20.61 12.65 -26.65
N PHE A 140 21.85 12.59 -27.11
CA PHE A 140 22.97 13.16 -26.38
C PHE A 140 23.80 14.03 -27.33
N GLU A 141 25.13 13.91 -27.34
CA GLU A 141 26.00 14.94 -27.95
C GLU A 141 26.45 14.56 -29.35
N TYR A 142 25.91 13.45 -29.86
CA TYR A 142 26.42 12.89 -31.10
C TYR A 142 25.60 13.38 -32.30
N ALA A 143 26.12 14.39 -32.97
CA ALA A 143 25.38 15.07 -34.06
C ALA A 143 24.99 14.14 -35.22
N GLU A 144 25.85 13.17 -35.51
CA GLU A 144 25.62 12.21 -36.59
C GLU A 144 24.39 11.31 -36.41
N GLU A 145 23.93 11.16 -35.17
CA GLU A 145 22.75 10.34 -34.88
C GLU A 145 21.41 10.99 -35.23
N ARG A 146 21.39 12.31 -35.39
CA ARG A 146 20.15 13.03 -35.66
C ARG A 146 19.54 12.63 -37.03
N GLY A 147 18.33 12.08 -37.00
CA GLY A 147 17.69 11.51 -38.17
C GLY A 147 18.04 10.07 -38.52
N ARG A 148 18.95 9.45 -37.77
CA ARG A 148 19.33 8.07 -37.98
C ARG A 148 18.72 7.17 -36.90
N ARG A 149 18.31 5.95 -37.30
CA ARG A 149 17.88 4.92 -36.35
C ARG A 149 19.11 4.29 -35.72
N ILE A 150 19.39 4.63 -34.47
CA ILE A 150 20.54 4.13 -33.74
C ILE A 150 20.08 3.22 -32.60
N LEU A 151 20.80 2.13 -32.36
CA LEU A 151 20.72 1.43 -31.08
C LEU A 151 22.11 1.36 -30.48
N ARG A 152 22.19 1.36 -29.16
CA ARG A 152 23.44 1.19 -28.45
C ARG A 152 23.51 -0.22 -27.93
N GLY A 153 24.72 -0.72 -27.74
CA GLY A 153 24.93 -2.10 -27.37
C GLY A 153 25.80 -2.26 -26.14
N LEU A 154 25.28 -2.98 -25.16
CA LEU A 154 26.04 -3.39 -23.98
C LEU A 154 26.11 -4.91 -23.99
N ALA A 155 27.27 -5.43 -23.59
CA ALA A 155 27.59 -6.84 -23.76
C ALA A 155 27.56 -7.63 -22.45
N PHE A 156 27.14 -8.90 -22.57
CA PHE A 156 26.99 -9.83 -21.46
C PHE A 156 27.39 -11.20 -21.97
N VAL A 157 28.21 -11.92 -21.20
CA VAL A 157 28.74 -13.20 -21.63
C VAL A 157 27.81 -14.34 -21.21
N GLN A 158 27.56 -15.23 -22.15
CA GLN A 158 26.74 -16.40 -21.94
C GLN A 158 27.67 -17.62 -22.06
N ASP A 159 27.96 -18.29 -20.95
CA ASP A 159 28.95 -19.40 -20.93
C ASP A 159 28.47 -20.62 -21.69
N PHE A 160 27.17 -20.79 -21.77
CA PHE A 160 26.56 -21.87 -22.53
C PHE A 160 25.13 -21.46 -22.82
N PRO A 161 24.41 -22.20 -23.67
CA PRO A 161 23.11 -21.74 -24.17
C PRO A 161 22.05 -21.39 -23.10
N GLU A 162 22.06 -22.08 -21.96
CA GLU A 162 21.04 -21.92 -20.92
C GLU A 162 21.53 -21.00 -19.78
N ASP A 163 22.69 -20.39 -19.97
CA ASP A 163 23.30 -19.52 -18.98
C ASP A 163 22.62 -18.14 -18.95
N SER A 164 22.53 -17.57 -17.75
CA SER A 164 22.00 -16.24 -17.57
C SER A 164 23.14 -15.26 -17.78
N ALA A 165 23.09 -14.54 -18.90
CA ALA A 165 24.19 -13.69 -19.31
C ALA A 165 24.32 -12.47 -18.40
N TRP A 166 23.24 -12.14 -17.73
CA TRP A 166 23.16 -11.00 -16.81
C TRP A 166 24.18 -11.11 -15.68
N ALA A 167 24.58 -12.35 -15.35
CA ALA A 167 25.61 -12.57 -14.34
C ALA A 167 27.01 -12.11 -14.78
N HIS A 168 27.21 -11.91 -16.09
CA HIS A 168 28.52 -11.68 -16.68
C HIS A 168 28.58 -10.42 -17.53
N PRO A 169 28.30 -9.25 -16.94
CA PRO A 169 28.36 -8.01 -17.72
C PRO A 169 29.79 -7.69 -18.12
N VAL A 170 29.96 -7.09 -19.30
CA VAL A 170 31.25 -6.66 -19.82
C VAL A 170 31.32 -5.15 -19.71
N ASP A 171 31.84 -4.66 -18.60
CA ASP A 171 31.87 -3.23 -18.31
C ASP A 171 33.04 -2.60 -19.03
N GLY A 172 33.00 -1.27 -19.14
CA GLY A 172 34.02 -0.51 -19.80
C GLY A 172 33.88 -0.50 -21.31
N LEU A 173 32.76 -1.01 -21.83
CA LEU A 173 32.60 -1.21 -23.27
C LEU A 173 31.17 -0.93 -23.69
N VAL A 174 31.02 -0.11 -24.73
CA VAL A 174 29.72 0.19 -25.31
C VAL A 174 29.89 0.52 -26.78
N ALA A 175 28.91 0.14 -27.60
CA ALA A 175 28.94 0.39 -29.04
C ALA A 175 27.64 1.05 -29.50
N TYR A 176 27.74 1.84 -30.57
CA TYR A 176 26.60 2.52 -31.18
C TYR A 176 26.48 2.00 -32.61
N VAL A 177 25.26 1.68 -33.04
CA VAL A 177 25.01 1.03 -34.34
C VAL A 177 23.82 1.67 -35.09
N ASP A 178 24.03 1.98 -36.37
CA ASP A 178 22.96 2.39 -37.28
C ASP A 178 22.31 1.13 -37.85
N VAL A 179 21.10 0.83 -37.40
CA VAL A 179 20.43 -0.43 -37.77
C VAL A 179 19.70 -0.44 -39.13
N VAL A 180 19.73 0.68 -39.86
CA VAL A 180 19.18 0.73 -41.22
C VAL A 180 20.28 0.59 -42.27
N SER A 181 21.31 1.43 -42.17
CA SER A 181 22.47 1.33 -43.06
C SER A 181 23.37 0.15 -42.67
N LYS A 182 23.12 -0.41 -41.49
CA LYS A 182 23.86 -1.57 -40.99
C LYS A 182 25.34 -1.25 -40.83
N GLU A 183 25.62 -0.16 -40.10
CA GLU A 183 26.99 0.32 -39.85
C GLU A 183 27.23 0.56 -38.36
N VAL A 184 28.43 0.25 -37.88
CA VAL A 184 28.81 0.52 -36.49
C VAL A 184 29.44 1.91 -36.43
N THR A 185 28.75 2.84 -35.78
CA THR A 185 29.20 4.24 -35.78
C THR A 185 30.30 4.54 -34.77
N ARG A 186 30.24 3.91 -33.60
CA ARG A 186 31.24 4.14 -32.55
C ARG A 186 31.43 2.87 -31.69
N VAL A 187 32.67 2.61 -31.30
CA VAL A 187 32.96 1.61 -30.27
C VAL A 187 33.79 2.30 -29.20
N ILE A 188 33.27 2.35 -27.98
CA ILE A 188 33.95 3.01 -26.88
C ILE A 188 34.44 1.98 -25.88
N ASP A 189 35.75 1.96 -25.65
CA ASP A 189 36.38 1.09 -24.67
C ASP A 189 37.16 1.95 -23.68
N THR A 190 36.60 2.13 -22.49
CA THR A 190 37.22 2.96 -21.44
C THR A 190 38.20 2.17 -20.56
N GLY A 191 38.29 0.87 -20.80
CA GLY A 191 39.22 0.01 -20.09
C GLY A 191 38.56 -1.26 -19.59
N VAL A 192 39.37 -2.28 -19.36
CA VAL A 192 38.86 -3.57 -18.92
C VAL A 192 38.47 -3.53 -17.44
N PHE A 193 37.33 -4.16 -17.15
CA PHE A 193 36.90 -4.49 -15.81
C PHE A 193 36.80 -6.01 -15.78
N PRO A 194 37.03 -6.64 -14.64
CA PRO A 194 36.84 -8.09 -14.53
C PRO A 194 35.40 -8.43 -14.88
N VAL A 195 35.18 -9.46 -15.69
CA VAL A 195 33.83 -9.92 -15.96
C VAL A 195 33.46 -10.83 -14.83
N PRO A 196 32.41 -10.51 -14.07
CA PRO A 196 32.02 -11.31 -12.91
C PRO A 196 31.82 -12.78 -13.28
N ALA A 197 32.33 -13.68 -12.43
CA ALA A 197 32.46 -15.10 -12.79
C ALA A 197 31.34 -16.01 -12.27
N GLU A 198 30.77 -15.71 -11.11
CA GLU A 198 29.70 -16.56 -10.58
C GLU A 198 28.53 -16.58 -11.53
N HIS A 199 27.95 -17.77 -11.71
CA HIS A 199 26.71 -17.86 -12.48
C HIS A 199 25.50 -17.38 -11.68
N GLY A 200 24.44 -17.05 -12.40
CA GLY A 200 23.20 -16.60 -11.81
C GLY A 200 22.05 -17.45 -12.29
N ASN A 201 22.29 -18.75 -12.42
CA ASN A 201 21.30 -19.69 -12.93
C ASN A 201 20.41 -20.21 -11.82
N TYR A 202 19.27 -19.54 -11.67
CA TYR A 202 18.29 -19.77 -10.62
C TYR A 202 17.49 -21.08 -10.79
N THR A 203 17.74 -21.87 -11.85
CA THR A 203 17.18 -23.24 -11.92
C THR A 203 18.24 -24.31 -11.70
N ASP A 204 19.48 -23.91 -11.52
CA ASP A 204 20.59 -24.82 -11.21
C ASP A 204 20.50 -25.32 -9.76
N PRO A 205 20.34 -26.63 -9.56
CA PRO A 205 20.27 -27.21 -8.20
C PRO A 205 21.43 -26.86 -7.29
N GLU A 206 22.61 -26.65 -7.86
CA GLU A 206 23.78 -26.18 -7.12
C GLU A 206 23.55 -24.84 -6.42
N LEU A 207 22.78 -23.96 -7.05
CA LEU A 207 22.47 -22.63 -6.51
C LEU A 207 21.20 -22.63 -5.66
N THR A 208 20.16 -23.33 -6.11
CA THR A 208 18.89 -23.37 -5.38
C THR A 208 19.00 -24.21 -4.11
N GLY A 209 19.87 -25.21 -4.11
CA GLY A 209 19.82 -26.25 -3.12
C GLY A 209 18.63 -27.15 -3.37
N PRO A 210 18.40 -28.08 -2.46
CA PRO A 210 17.22 -28.95 -2.55
C PRO A 210 15.93 -28.12 -2.53
N LEU A 211 15.00 -28.37 -3.43
CA LEU A 211 13.77 -27.60 -3.46
C LEU A 211 12.91 -27.93 -2.25
N ARG A 212 12.18 -26.93 -1.76
CA ARG A 212 11.32 -27.11 -0.59
C ARG A 212 10.26 -28.14 -0.84
N THR A 213 10.00 -28.96 0.17
CA THR A 213 8.92 -29.93 0.12
C THR A 213 7.81 -29.61 1.11
N THR A 214 7.81 -28.38 1.61
CA THR A 214 6.95 -27.98 2.71
C THR A 214 5.67 -27.26 2.30
N GLN A 215 5.57 -26.86 1.04
CA GLN A 215 4.39 -26.11 0.59
C GLN A 215 3.27 -27.09 0.26
N LYS A 216 2.19 -27.03 1.03
CA LYS A 216 0.98 -27.82 0.75
C LYS A 216 0.11 -27.00 -0.18
N PRO A 217 -0.67 -27.68 -1.01
CA PRO A 217 -1.48 -27.00 -2.02
C PRO A 217 -2.53 -26.02 -1.48
N ILE A 218 -2.79 -24.97 -2.26
CA ILE A 218 -3.90 -24.07 -2.02
C ILE A 218 -4.77 -24.12 -3.26
N SER A 219 -6.03 -24.47 -3.05
CA SER A 219 -6.97 -24.64 -4.13
C SER A 219 -8.02 -23.53 -4.12
N ILE A 220 -8.07 -22.77 -5.19
CA ILE A 220 -9.08 -21.73 -5.32
C ILE A 220 -9.99 -22.08 -6.46
N THR A 221 -11.26 -22.34 -6.13
CA THR A 221 -12.25 -22.74 -7.11
C THR A 221 -13.54 -21.95 -6.95
N GLN A 222 -14.29 -21.94 -8.05
CA GLN A 222 -15.60 -21.35 -8.11
C GLN A 222 -16.50 -22.42 -8.71
N PRO A 223 -17.21 -23.16 -7.87
CA PRO A 223 -18.01 -24.30 -8.36
C PRO A 223 -19.19 -23.88 -9.25
N GLU A 224 -19.70 -22.67 -9.12
CA GLU A 224 -20.77 -22.17 -10.01
C GLU A 224 -20.23 -21.20 -11.08
N GLY A 225 -18.91 -21.21 -11.25
CA GLY A 225 -18.26 -20.26 -12.15
C GLY A 225 -18.12 -18.86 -11.54
N PRO A 226 -17.60 -17.93 -12.32
CA PRO A 226 -17.34 -16.56 -11.86
C PRO A 226 -18.59 -15.68 -11.88
N SER A 227 -18.52 -14.59 -11.12
CA SER A 227 -19.65 -13.67 -10.97
C SER A 227 -19.67 -12.60 -12.05
N PHE A 228 -18.62 -12.50 -12.85
CA PHE A 228 -18.64 -11.56 -13.96
C PHE A 228 -19.09 -12.27 -15.24
N THR A 229 -19.68 -11.49 -16.15
CA THR A 229 -19.98 -11.95 -17.50
C THR A 229 -19.08 -11.22 -18.49
N VAL A 230 -18.78 -11.91 -19.57
CA VAL A 230 -18.11 -11.31 -20.71
C VAL A 230 -19.04 -11.46 -21.91
N THR A 231 -19.36 -10.34 -22.54
CA THR A 231 -20.13 -10.30 -23.76
C THR A 231 -19.41 -9.43 -24.80
N GLY A 232 -19.73 -9.67 -26.07
CA GLY A 232 -19.09 -8.95 -27.15
C GLY A 232 -17.58 -9.07 -27.15
N GLY A 233 -17.07 -10.18 -26.61
CA GLY A 233 -15.65 -10.43 -26.56
C GLY A 233 -14.89 -9.78 -25.41
N ASN A 234 -15.30 -8.58 -25.01
CA ASN A 234 -14.51 -7.80 -24.05
C ASN A 234 -15.29 -6.87 -23.16
N HIS A 235 -16.62 -7.01 -23.13
CA HIS A 235 -17.45 -6.22 -22.22
C HIS A 235 -17.67 -7.01 -20.93
N ILE A 236 -17.23 -6.42 -19.83
CA ILE A 236 -17.35 -6.99 -18.50
C ILE A 236 -18.46 -6.34 -17.69
N GLU A 237 -19.25 -7.16 -17.02
CA GLU A 237 -20.20 -6.70 -16.03
C GLU A 237 -19.94 -7.51 -14.78
N TRP A 238 -19.71 -6.82 -13.68
CA TRP A 238 -19.39 -7.47 -12.43
C TRP A 238 -19.75 -6.58 -11.26
N GLU A 239 -20.66 -7.05 -10.41
CA GLU A 239 -20.99 -6.41 -9.14
C GLU A 239 -21.20 -4.89 -9.26
N LYS A 240 -22.11 -4.54 -10.17
CA LYS A 240 -22.51 -3.17 -10.49
C LYS A 240 -21.56 -2.48 -11.46
N TRP A 241 -20.33 -2.97 -11.63
CA TRP A 241 -19.40 -2.38 -12.59
C TRP A 241 -19.66 -2.83 -14.01
N SER A 242 -19.33 -1.94 -14.93
CA SER A 242 -19.44 -2.13 -16.38
C SER A 242 -18.18 -1.51 -16.99
N LEU A 243 -17.51 -2.20 -17.89
CA LEU A 243 -16.37 -1.66 -18.62
C LEU A 243 -16.04 -2.53 -19.83
N ASP A 244 -15.20 -1.99 -20.69
CA ASP A 244 -14.62 -2.71 -21.81
C ASP A 244 -13.11 -2.80 -21.66
N VAL A 245 -12.59 -4.01 -21.84
CA VAL A 245 -11.16 -4.29 -21.78
C VAL A 245 -10.54 -4.24 -23.16
N GLY A 246 -9.85 -3.15 -23.45
CA GLY A 246 -9.09 -3.00 -24.67
C GLY A 246 -7.64 -3.44 -24.53
N PHE A 247 -6.98 -3.55 -25.68
CA PHE A 247 -5.58 -3.88 -25.71
C PHE A 247 -4.91 -3.16 -26.87
N ASP A 248 -3.75 -2.59 -26.56
CA ASP A 248 -2.97 -1.87 -27.53
C ASP A 248 -1.51 -2.31 -27.41
N VAL A 249 -0.86 -2.44 -28.55
CA VAL A 249 0.50 -2.93 -28.61
C VAL A 249 1.48 -2.00 -27.85
N ARG A 250 1.22 -0.71 -27.83
CA ARG A 250 2.04 0.23 -27.05
C ARG A 250 1.69 0.19 -25.57
N GLU A 251 0.43 0.48 -25.25
CA GLU A 251 0.05 0.69 -23.84
C GLU A 251 -0.23 -0.58 -23.07
N GLY A 252 -0.58 -1.65 -23.78
CA GLY A 252 -1.02 -2.88 -23.16
C GLY A 252 -2.51 -2.85 -22.91
N VAL A 253 -2.93 -3.37 -21.76
CA VAL A 253 -4.35 -3.38 -21.37
C VAL A 253 -4.81 -1.95 -21.11
N VAL A 254 -5.91 -1.59 -21.77
CA VAL A 254 -6.54 -0.28 -21.62
C VAL A 254 -8.00 -0.50 -21.21
N LEU A 255 -8.46 0.22 -20.19
CA LEU A 255 -9.85 0.11 -19.75
C LEU A 255 -10.66 1.28 -20.32
N HIS A 256 -11.83 0.95 -20.87
CA HIS A 256 -12.72 1.94 -21.44
C HIS A 256 -14.06 1.91 -20.71
N ASN A 257 -14.70 3.06 -20.58
CA ASN A 257 -16.10 3.11 -20.17
C ASN A 257 -16.35 2.50 -18.79
N ILE A 258 -15.45 2.80 -17.85
CA ILE A 258 -15.64 2.36 -16.48
C ILE A 258 -16.81 3.12 -15.87
N ALA A 259 -17.84 2.38 -15.50
CA ALA A 259 -19.08 2.92 -15.00
C ALA A 259 -19.65 1.99 -13.92
N PHE A 260 -20.52 2.55 -13.09
CA PHE A 260 -21.09 1.84 -11.96
C PHE A 260 -22.62 1.99 -12.00
N ARG A 261 -23.33 0.87 -11.89
CA ARG A 261 -24.79 0.83 -11.92
C ARG A 261 -25.33 1.10 -10.51
N ASP A 262 -25.75 2.34 -10.28
CA ASP A 262 -26.23 2.78 -8.99
C ASP A 262 -27.74 2.83 -9.09
N GLY A 263 -28.38 1.80 -8.54
CA GLY A 263 -29.82 1.63 -8.72
C GLY A 263 -30.11 1.37 -10.18
N ASP A 264 -30.83 2.30 -10.81
CA ASP A 264 -31.28 2.12 -12.18
C ASP A 264 -30.44 2.92 -13.18
N ARG A 265 -29.44 3.64 -12.68
CA ARG A 265 -28.65 4.53 -13.55
C ARG A 265 -27.23 4.01 -13.69
N LEU A 266 -26.79 3.83 -14.93
CA LEU A 266 -25.40 3.56 -15.24
C LEU A 266 -24.62 4.87 -15.18
N ARG A 267 -23.76 4.99 -14.17
CA ARG A 267 -23.03 6.23 -13.93
C ARG A 267 -21.56 6.09 -14.36
N PRO A 268 -21.12 6.87 -15.35
CA PRO A 268 -19.71 6.84 -15.77
C PRO A 268 -18.81 7.33 -14.65
N ILE A 269 -17.58 6.82 -14.65
CA ILE A 269 -16.56 7.28 -13.72
C ILE A 269 -15.30 7.65 -14.47
N ILE A 270 -14.74 6.69 -15.22
CA ILE A 270 -13.56 6.92 -16.04
C ILE A 270 -13.81 6.46 -17.49
N ASN A 271 -13.60 7.38 -18.42
CA ASN A 271 -13.78 7.09 -19.85
C ASN A 271 -12.67 6.23 -20.42
N ARG A 272 -11.42 6.49 -20.03
CA ARG A 272 -10.30 5.67 -20.47
C ARG A 272 -9.20 5.69 -19.43
N ALA A 273 -8.69 4.50 -19.12
CA ALA A 273 -7.60 4.38 -18.15
C ALA A 273 -6.50 3.55 -18.79
N SER A 274 -5.28 4.06 -18.75
CA SER A 274 -4.13 3.36 -19.33
C SER A 274 -2.86 3.77 -18.62
N ILE A 275 -1.81 2.95 -18.78
CA ILE A 275 -0.45 3.35 -18.49
C ILE A 275 0.11 3.84 -19.82
N ALA A 276 0.23 5.16 -19.95
CA ALA A 276 0.52 5.79 -21.23
C ALA A 276 2.01 5.96 -21.48
N GLU A 277 2.83 5.78 -20.45
CA GLU A 277 4.28 5.73 -20.59
C GLU A 277 4.89 5.09 -19.35
N MET A 278 6.06 4.49 -19.53
CA MET A 278 6.85 4.07 -18.39
C MET A 278 8.32 4.18 -18.77
N VAL A 279 9.12 4.71 -17.87
CA VAL A 279 10.53 4.94 -18.16
C VAL A 279 11.41 4.45 -17.02
N VAL A 280 12.58 3.95 -17.39
CA VAL A 280 13.54 3.40 -16.45
C VAL A 280 14.85 4.19 -16.62
N PRO A 281 14.97 5.32 -15.95
CA PRO A 281 16.22 6.10 -15.97
C PRO A 281 17.29 5.56 -15.02
N TYR A 282 18.53 5.49 -15.49
CA TYR A 282 19.63 4.97 -14.66
C TYR A 282 20.49 6.08 -14.08
N GLY A 283 20.96 5.85 -12.86
CA GLY A 283 21.62 6.86 -12.05
C GLY A 283 23.11 6.66 -11.88
N ASP A 284 23.72 5.92 -12.80
CA ASP A 284 25.17 5.65 -12.81
C ASP A 284 25.85 6.64 -13.78
N PRO A 285 26.75 7.49 -13.30
CA PRO A 285 27.42 8.46 -14.18
C PRO A 285 28.51 7.86 -15.10
N SER A 286 28.83 6.57 -15.01
CA SER A 286 29.77 5.98 -15.97
C SER A 286 29.29 6.26 -17.39
N PRO A 287 30.17 6.72 -18.28
CA PRO A 287 29.79 6.89 -19.69
C PRO A 287 29.34 5.61 -20.38
N ILE A 288 29.63 4.45 -19.79
CA ILE A 288 29.14 3.19 -20.33
C ILE A 288 27.60 3.06 -20.20
N ARG A 289 27.00 3.68 -19.18
CA ARG A 289 25.57 3.59 -18.95
C ARG A 289 24.85 4.91 -18.72
N SER A 290 25.56 6.05 -18.73
CA SER A 290 24.94 7.30 -18.29
C SER A 290 23.87 7.80 -19.27
N TRP A 291 23.85 7.23 -20.47
CA TRP A 291 22.86 7.55 -21.50
C TRP A 291 21.60 6.71 -21.40
N GLN A 292 21.55 5.72 -20.50
CA GLN A 292 20.46 4.76 -20.58
C GLN A 292 19.18 5.16 -19.81
N ASN A 293 18.10 5.19 -20.57
CA ASN A 293 16.77 5.50 -20.07
C ASN A 293 15.82 4.72 -20.96
N TYR A 294 15.19 3.68 -20.43
CA TYR A 294 14.38 2.82 -21.26
C TYR A 294 12.92 3.19 -21.09
N PHE A 295 12.33 3.71 -22.16
CA PHE A 295 10.89 3.98 -22.21
C PHE A 295 10.27 2.69 -22.72
N ASP A 296 10.03 1.75 -21.81
CA ASP A 296 9.52 0.44 -22.18
C ASP A 296 8.24 0.55 -23.01
N THR A 297 7.35 1.47 -22.63
CA THR A 297 6.10 1.66 -23.34
C THR A 297 6.31 2.40 -24.66
N GLY A 298 6.91 3.59 -24.61
CA GLY A 298 6.99 4.44 -25.78
C GLY A 298 7.98 3.99 -26.83
N GLU A 299 9.11 3.42 -26.40
CA GLU A 299 10.17 2.99 -27.32
C GLU A 299 10.05 1.51 -27.72
N TYR A 300 9.70 0.65 -26.78
CA TYR A 300 9.68 -0.79 -27.05
C TYR A 300 8.30 -1.39 -27.32
N LEU A 301 7.26 -0.78 -26.74
CA LEU A 301 5.87 -1.20 -26.88
C LEU A 301 5.56 -2.41 -26.00
N VAL A 302 5.06 -2.17 -24.78
CA VAL A 302 4.94 -3.24 -23.78
C VAL A 302 3.89 -4.28 -24.14
N GLY A 303 2.83 -3.88 -24.83
CA GLY A 303 1.81 -4.81 -25.25
C GLY A 303 2.34 -5.92 -26.18
N GLN A 304 3.26 -5.56 -27.06
CA GLN A 304 3.71 -6.53 -28.06
C GLN A 304 4.47 -7.69 -27.45
N TYR A 305 5.05 -7.51 -26.25
CA TYR A 305 5.83 -8.54 -25.55
C TYR A 305 5.09 -9.15 -24.36
N ALA A 306 3.78 -8.95 -24.32
CA ALA A 306 2.92 -9.55 -23.33
C ALA A 306 3.12 -11.06 -23.36
N ASN A 307 3.21 -11.66 -22.19
CA ASN A 307 3.43 -13.09 -22.03
C ASN A 307 2.13 -13.86 -22.26
N SER A 308 2.25 -15.08 -22.77
CA SER A 308 1.17 -16.06 -22.64
C SER A 308 1.16 -16.59 -21.21
N LEU A 309 0.03 -16.46 -20.52
CA LEU A 309 -0.06 -16.69 -19.07
C LEU A 309 -0.69 -18.04 -18.74
N GLU A 310 0.07 -18.86 -18.01
CA GLU A 310 -0.29 -20.25 -17.77
C GLU A 310 -1.13 -20.41 -16.51
N LEU A 311 -2.19 -21.21 -16.62
CA LEU A 311 -3.14 -21.41 -15.52
C LEU A 311 -2.45 -22.12 -14.35
N GLY A 312 -2.73 -21.65 -13.13
CA GLY A 312 -2.21 -22.26 -11.92
C GLY A 312 -0.77 -21.88 -11.62
N CYS A 313 -0.19 -21.06 -12.49
CA CYS A 313 1.17 -20.60 -12.37
C CYS A 313 1.14 -19.07 -12.38
N ASP A 314 0.70 -18.47 -13.48
CA ASP A 314 0.63 -17.00 -13.59
C ASP A 314 -0.65 -16.43 -13.00
N CYS A 315 -1.77 -17.08 -13.26
CA CYS A 315 -3.07 -16.63 -12.77
C CYS A 315 -3.77 -17.80 -12.12
N LEU A 316 -4.10 -17.65 -10.85
CA LEU A 316 -4.64 -18.73 -10.04
C LEU A 316 -6.12 -18.49 -9.74
N GLY A 317 -6.92 -19.54 -9.89
CA GLY A 317 -8.34 -19.49 -9.61
C GLY A 317 -9.14 -19.77 -10.87
N ASP A 318 -10.38 -19.32 -10.88
CA ASP A 318 -11.23 -19.46 -12.05
C ASP A 318 -11.00 -18.29 -12.99
N ILE A 319 -10.21 -18.53 -14.04
CA ILE A 319 -9.68 -17.48 -14.90
C ILE A 319 -10.38 -17.49 -16.24
N THR A 320 -10.81 -16.32 -16.68
CA THR A 320 -11.28 -16.10 -18.04
C THR A 320 -10.17 -15.34 -18.76
N TYR A 321 -9.75 -15.84 -19.92
CA TYR A 321 -8.66 -15.23 -20.70
C TYR A 321 -9.17 -14.46 -21.91
N LEU A 322 -8.47 -13.38 -22.24
CA LEU A 322 -8.56 -12.80 -23.56
C LEU A 322 -7.24 -13.04 -24.28
N SER A 323 -7.32 -13.19 -25.61
CA SER A 323 -6.17 -13.45 -26.44
C SER A 323 -6.12 -12.37 -27.49
N PRO A 324 -5.51 -11.23 -27.16
CA PRO A 324 -5.50 -10.10 -28.09
C PRO A 324 -4.71 -10.42 -29.35
N VAL A 325 -5.11 -9.81 -30.45
CA VAL A 325 -4.43 -9.98 -31.72
C VAL A 325 -3.72 -8.68 -32.06
N ILE A 326 -2.47 -8.82 -32.48
CA ILE A 326 -1.64 -7.72 -32.93
C ILE A 326 -1.11 -8.00 -34.34
N SER A 327 -0.47 -7.02 -34.94
CA SER A 327 0.14 -7.17 -36.26
C SER A 327 1.61 -7.51 -36.09
N ASP A 328 2.12 -8.44 -36.90
CA ASP A 328 3.56 -8.57 -37.06
C ASP A 328 4.09 -7.46 -37.97
N ALA A 329 5.37 -7.53 -38.31
CA ALA A 329 6.00 -6.48 -39.10
C ALA A 329 5.46 -6.35 -40.52
N PHE A 330 4.78 -7.39 -41.02
CA PHE A 330 4.28 -7.38 -42.40
C PHE A 330 2.78 -7.13 -42.49
N GLY A 331 2.13 -6.99 -41.35
CA GLY A 331 0.70 -6.76 -41.32
C GLY A 331 -0.14 -8.02 -41.17
N ASN A 332 0.47 -9.17 -40.95
CA ASN A 332 -0.28 -10.39 -40.66
C ASN A 332 -0.69 -10.39 -39.19
N PRO A 333 -1.90 -10.85 -38.88
CA PRO A 333 -2.32 -10.94 -37.48
C PRO A 333 -1.58 -12.03 -36.72
N ARG A 334 -1.33 -11.75 -35.44
CA ARG A 334 -0.66 -12.65 -34.54
C ARG A 334 -1.39 -12.58 -33.21
N GLU A 335 -1.74 -13.75 -32.70
CA GLU A 335 -2.46 -13.87 -31.45
C GLU A 335 -1.47 -13.94 -30.31
N ILE A 336 -1.75 -13.23 -29.23
CA ILE A 336 -1.09 -13.46 -27.95
C ILE A 336 -2.05 -14.32 -27.12
N ARG A 337 -1.88 -15.64 -27.22
CA ARG A 337 -2.69 -16.61 -26.49
C ARG A 337 -2.64 -16.35 -25.00
N ASN A 338 -3.82 -16.25 -24.40
CA ASN A 338 -3.98 -16.08 -22.97
C ASN A 338 -3.09 -14.94 -22.43
N GLY A 339 -3.10 -13.84 -23.16
CA GLY A 339 -2.33 -12.65 -22.80
C GLY A 339 -2.96 -11.79 -21.73
N ILE A 340 -4.27 -11.89 -21.53
CA ILE A 340 -4.96 -11.12 -20.48
C ILE A 340 -5.73 -12.06 -19.57
N CYS A 341 -5.47 -11.96 -18.28
CA CYS A 341 -6.19 -12.68 -17.24
C CYS A 341 -7.29 -11.85 -16.64
N MET A 342 -8.45 -12.46 -16.45
CA MET A 342 -9.58 -11.82 -15.81
C MET A 342 -10.13 -12.79 -14.77
N HIS A 343 -10.21 -12.34 -13.52
CA HIS A 343 -10.82 -13.13 -12.45
C HIS A 343 -11.26 -12.25 -11.29
N GLU A 344 -12.13 -12.79 -10.45
CA GLU A 344 -12.48 -12.16 -9.19
C GLU A 344 -11.83 -12.90 -8.03
N GLU A 345 -11.48 -12.16 -6.99
CA GLU A 345 -10.93 -12.79 -5.81
C GLU A 345 -11.45 -12.16 -4.55
N ASP A 346 -11.46 -13.00 -3.53
CA ASP A 346 -11.83 -12.56 -2.20
C ASP A 346 -10.84 -11.48 -1.75
N TRP A 347 -11.33 -10.47 -1.04
CA TRP A 347 -10.47 -9.40 -0.50
C TRP A 347 -10.74 -9.08 0.98
N GLY A 348 -10.84 -10.13 1.78
CA GLY A 348 -10.99 -9.99 3.21
C GLY A 348 -12.30 -9.37 3.63
N ILE A 349 -12.29 -8.67 4.76
CA ILE A 349 -13.48 -8.07 5.33
C ILE A 349 -13.77 -6.76 4.59
N LEU A 350 -15.03 -6.59 4.22
CA LEU A 350 -15.54 -5.36 3.60
C LEU A 350 -16.03 -4.37 4.65
N ALA A 351 -16.80 -4.85 5.61
CA ALA A 351 -17.39 -4.04 6.68
C ALA A 351 -17.78 -4.94 7.81
N LYS A 352 -17.65 -4.48 9.03
CA LYS A 352 -17.88 -5.27 10.20
C LYS A 352 -18.22 -4.36 11.36
N HIS A 353 -19.25 -4.71 12.12
CA HIS A 353 -19.55 -4.03 13.36
C HIS A 353 -20.32 -4.95 14.29
N SER A 354 -19.90 -4.98 15.55
CA SER A 354 -20.61 -5.71 16.61
C SER A 354 -21.14 -4.65 17.57
N ASP A 355 -22.44 -4.42 17.57
CA ASP A 355 -22.96 -3.27 18.29
C ASP A 355 -23.38 -3.56 19.71
N LEU A 356 -22.82 -2.79 20.65
CA LEU A 356 -23.07 -2.87 22.10
C LEU A 356 -24.52 -2.62 22.53
N TRP A 357 -25.27 -1.81 21.78
CA TRP A 357 -26.63 -1.44 22.17
C TRP A 357 -27.73 -2.17 21.41
N SER A 358 -27.51 -2.43 20.11
CA SER A 358 -28.51 -3.12 19.29
C SER A 358 -28.42 -4.63 19.39
N GLY A 359 -27.28 -5.15 19.84
CA GLY A 359 -27.04 -6.59 19.84
C GLY A 359 -26.74 -7.22 18.49
N ILE A 360 -26.73 -6.40 17.43
CA ILE A 360 -26.54 -6.92 16.08
C ILE A 360 -25.06 -7.03 15.77
N ASN A 361 -24.66 -8.22 15.34
CA ASN A 361 -23.33 -8.47 14.82
C ASN A 361 -23.42 -8.67 13.32
N TYR A 362 -22.54 -8.01 12.59
CA TYR A 362 -22.62 -7.91 11.14
C TYR A 362 -21.23 -7.96 10.58
N THR A 363 -21.05 -8.82 9.59
CA THR A 363 -19.78 -8.95 8.89
C THR A 363 -20.09 -9.21 7.43
N ARG A 364 -19.38 -8.52 6.54
CA ARG A 364 -19.46 -8.79 5.12
C ARG A 364 -18.07 -8.90 4.55
N ARG A 365 -17.95 -9.70 3.49
CA ARG A 365 -16.69 -9.91 2.79
C ARG A 365 -16.58 -9.09 1.52
N ASN A 366 -15.35 -8.66 1.23
CA ASN A 366 -15.03 -7.91 0.06
C ASN A 366 -14.55 -8.81 -1.04
N ARG A 367 -14.62 -8.32 -2.28
CA ARG A 367 -13.94 -8.96 -3.42
C ARG A 367 -13.52 -7.89 -4.40
N ARG A 368 -12.63 -8.27 -5.29
CA ARG A 368 -12.23 -7.41 -6.38
C ARG A 368 -12.15 -8.16 -7.71
N MET A 369 -12.48 -7.45 -8.77
CA MET A 369 -12.24 -7.89 -10.14
C MET A 369 -10.83 -7.47 -10.53
N VAL A 370 -10.10 -8.44 -11.09
CA VAL A 370 -8.72 -8.27 -11.50
C VAL A 370 -8.60 -8.45 -13.01
N ILE A 371 -7.99 -7.48 -13.67
CA ILE A 371 -7.67 -7.54 -15.09
C ILE A 371 -6.19 -7.26 -15.21
N SER A 372 -5.43 -8.23 -15.70
CA SER A 372 -3.98 -8.11 -15.73
C SER A 372 -3.33 -8.68 -16.99
N PHE A 373 -2.10 -8.24 -17.23
CA PHE A 373 -1.17 -8.86 -18.16
C PHE A 373 0.25 -8.75 -17.61
N PHE A 374 1.15 -9.54 -18.17
CA PHE A 374 2.56 -9.53 -17.79
C PHE A 374 3.40 -9.41 -19.04
N THR A 375 4.40 -8.52 -19.03
CA THR A 375 5.24 -8.31 -20.20
C THR A 375 6.71 -8.50 -19.83
N THR A 376 7.54 -8.72 -20.85
CA THR A 376 8.97 -8.89 -20.69
C THR A 376 9.67 -7.96 -21.65
N ILE A 377 10.52 -7.09 -21.11
CA ILE A 377 11.35 -6.20 -21.89
C ILE A 377 12.82 -6.44 -21.49
N GLY A 378 13.51 -7.26 -22.25
CA GLY A 378 14.87 -7.66 -21.94
C GLY A 378 15.03 -8.37 -20.61
N ASN A 379 15.77 -7.75 -19.69
CA ASN A 379 15.91 -8.27 -18.34
C ASN A 379 14.68 -8.08 -17.45
N TPQ A 380 13.87 -7.05 -17.73
CA TPQ A 380 12.72 -6.72 -16.86
CB TPQ A 380 12.18 -5.28 -16.92
C TPQ A 380 11.47 -7.52 -17.20
O TPQ A 380 11.25 -7.85 -18.36
C1 TPQ A 380 13.22 -4.20 -17.03
C2 TPQ A 380 14.07 -3.86 -15.86
O2 TPQ A 380 13.93 -4.52 -14.80
C3 TPQ A 380 15.10 -2.80 -15.98
C4 TPQ A 380 15.23 -2.09 -17.17
O4 TPQ A 380 16.10 -1.18 -17.29
C5 TPQ A 380 14.35 -2.41 -18.33
O5 TPQ A 380 14.43 -1.77 -19.42
C6 TPQ A 380 13.34 -3.48 -18.21
H TPQ A 380 14.03 -6.45 -18.51
HA TPQ A 380 12.98 -6.92 -15.81
HB2 TPQ A 380 11.50 -5.19 -17.77
HB3 TPQ A 380 11.59 -5.10 -16.02
H3 TPQ A 380 15.73 -2.57 -15.14
H6 TPQ A 380 12.70 -3.71 -19.05
N ASP A 381 10.66 -7.81 -16.19
CA ASP A 381 9.31 -8.34 -16.40
C ASP A 381 8.37 -7.59 -15.49
N TYR A 382 7.27 -7.10 -16.06
CA TYR A 382 6.32 -6.32 -15.33
C TYR A 382 4.90 -6.86 -15.48
N GLY A 383 4.21 -6.94 -14.35
CA GLY A 383 2.77 -7.20 -14.27
C GLY A 383 2.00 -5.91 -14.07
N PHE A 384 0.97 -5.70 -14.89
CA PHE A 384 0.08 -4.56 -14.84
C PHE A 384 -1.29 -5.08 -14.37
N TYR A 385 -1.73 -4.64 -13.20
CA TYR A 385 -2.99 -5.10 -12.59
C TYR A 385 -3.95 -3.95 -12.37
N TRP A 386 -5.16 -4.07 -12.90
CA TRP A 386 -6.26 -3.18 -12.54
C TRP A 386 -7.26 -3.93 -11.67
N TYR A 387 -7.74 -3.26 -10.65
CA TYR A 387 -8.65 -3.81 -9.65
C TYR A 387 -9.88 -2.91 -9.55
N LEU A 388 -11.06 -3.52 -9.54
CA LEU A 388 -12.31 -2.84 -9.23
C LEU A 388 -12.85 -3.50 -7.96
N TYR A 389 -13.18 -2.71 -6.95
CA TYR A 389 -13.69 -3.27 -5.69
C TYR A 389 -15.20 -3.07 -5.51
N LEU A 390 -15.82 -3.90 -4.67
CA LEU A 390 -17.24 -3.79 -4.39
C LEU A 390 -17.66 -2.39 -3.98
N ASP A 391 -16.81 -1.71 -3.20
CA ASP A 391 -17.15 -0.43 -2.60
C ASP A 391 -16.91 0.77 -3.51
N GLY A 392 -16.55 0.54 -4.77
CA GLY A 392 -16.39 1.62 -5.73
C GLY A 392 -14.94 2.04 -5.96
N THR A 393 -14.04 1.51 -5.16
CA THR A 393 -12.61 1.77 -5.34
C THR A 393 -12.06 1.20 -6.64
N ILE A 394 -11.21 1.98 -7.30
CA ILE A 394 -10.50 1.59 -8.50
C ILE A 394 -9.02 1.69 -8.16
N GLU A 395 -8.25 0.67 -8.51
CA GLU A 395 -6.82 0.63 -8.19
C GLU A 395 -5.97 0.06 -9.33
N PHE A 396 -4.76 0.60 -9.49
CA PHE A 396 -3.75 0.06 -10.33
C PHE A 396 -2.55 -0.37 -9.49
N GLU A 397 -1.96 -1.51 -9.86
CA GLU A 397 -0.74 -1.98 -9.24
C GLU A 397 0.21 -2.51 -10.32
N ALA A 398 1.45 -2.05 -10.31
CA ALA A 398 2.51 -2.61 -11.13
C ALA A 398 3.37 -3.52 -10.25
N LYS A 399 3.67 -4.71 -10.75
CA LYS A 399 4.57 -5.64 -10.09
C LYS A 399 5.83 -5.79 -10.92
N ALA A 400 6.96 -5.35 -10.36
CA ALA A 400 8.26 -5.39 -11.05
C ALA A 400 9.07 -6.57 -10.59
N THR A 401 9.55 -7.34 -11.55
CA THR A 401 10.40 -8.48 -11.30
C THR A 401 11.36 -8.64 -12.53
N GLY A 402 11.90 -9.84 -12.72
CA GLY A 402 12.89 -10.12 -13.74
C GLY A 402 14.27 -10.22 -13.13
N VAL A 403 15.28 -9.84 -13.90
CA VAL A 403 16.66 -9.88 -13.48
C VAL A 403 17.14 -8.44 -13.51
N VAL A 404 17.85 -8.02 -12.49
CA VAL A 404 18.35 -6.64 -12.46
C VAL A 404 19.41 -6.44 -13.54
N PHE A 405 19.45 -5.23 -14.10
CA PHE A 405 20.44 -4.87 -15.10
C PHE A 405 21.76 -4.68 -14.37
N THR A 406 22.80 -5.35 -14.85
CA THR A 406 24.06 -5.39 -14.11
C THR A 406 25.20 -4.66 -14.78
N SER A 407 26.26 -4.50 -14.00
CA SER A 407 27.51 -3.89 -14.41
C SER A 407 28.61 -4.55 -13.58
N ALA A 408 29.86 -4.09 -13.74
CA ALA A 408 30.89 -4.45 -12.77
C ALA A 408 30.66 -3.65 -11.49
N PHE A 409 31.12 -4.18 -10.37
CA PHE A 409 31.13 -3.43 -9.14
C PHE A 409 32.54 -2.91 -8.96
N PRO A 410 32.71 -1.59 -8.98
CA PRO A 410 34.05 -0.98 -8.91
C PRO A 410 34.83 -1.38 -7.67
N GLU A 411 36.13 -1.60 -7.85
CA GLU A 411 37.06 -1.72 -6.74
C GLU A 411 36.95 -0.41 -5.97
N GLY A 412 36.84 -0.48 -4.66
CA GLY A 412 36.69 0.74 -3.90
C GLY A 412 35.27 1.27 -3.80
N GLY A 413 34.30 0.49 -4.28
CA GLY A 413 32.90 0.82 -4.12
C GLY A 413 32.36 1.88 -5.07
N SER A 414 31.11 2.27 -4.83
CA SER A 414 30.40 3.21 -5.70
C SER A 414 29.27 3.89 -4.96
N ASP A 415 29.05 5.17 -5.28
CA ASP A 415 27.91 5.90 -4.79
C ASP A 415 26.66 5.66 -5.66
N ASN A 416 26.80 4.95 -6.79
CA ASN A 416 25.72 4.85 -7.77
C ASN A 416 25.38 3.42 -8.23
N ILE A 417 26.00 2.45 -7.57
CA ILE A 417 25.93 1.04 -7.94
C ILE A 417 25.96 0.23 -6.66
N SER A 418 25.13 -0.81 -6.59
CA SER A 418 25.06 -1.77 -5.49
C SER A 418 25.87 -3.01 -5.81
N GLN A 419 26.48 -3.64 -4.82
CA GLN A 419 27.13 -4.94 -5.02
C GLN A 419 26.13 -6.09 -4.82
N LEU A 420 26.09 -7.03 -5.77
CA LEU A 420 25.19 -8.19 -5.70
C LEU A 420 25.89 -9.51 -5.46
N ALA A 421 27.12 -9.59 -5.94
CA ALA A 421 27.93 -10.82 -5.89
C ALA A 421 29.34 -10.35 -6.12
N PRO A 422 30.36 -11.18 -5.90
CA PRO A 422 31.76 -10.74 -6.10
C PRO A 422 32.03 -10.14 -7.48
N GLY A 423 32.38 -8.85 -7.50
CA GLY A 423 32.65 -8.15 -8.74
C GLY A 423 31.41 -7.71 -9.53
N LEU A 424 30.22 -8.09 -9.07
CA LEU A 424 28.98 -7.86 -9.79
C LEU A 424 28.20 -6.70 -9.17
N GLY A 425 27.90 -5.70 -9.99
CA GLY A 425 27.13 -4.55 -9.57
C GLY A 425 25.76 -4.43 -10.23
N ALA A 426 24.93 -3.56 -9.67
CA ALA A 426 23.62 -3.21 -10.21
C ALA A 426 23.45 -1.69 -10.06
N PRO A 427 23.52 -0.97 -11.16
CA PRO A 427 23.36 0.48 -11.08
C PRO A 427 21.98 0.88 -10.59
N PHE A 428 21.94 1.97 -9.82
CA PHE A 428 20.73 2.53 -9.31
C PHE A 428 19.86 3.04 -10.46
N HIS A 429 18.56 2.94 -10.29
CA HIS A 429 17.63 3.32 -11.34
C HIS A 429 16.26 3.57 -10.73
N GLN A 430 15.35 4.10 -11.53
CA GLN A 430 13.93 4.21 -11.15
C GLN A 430 13.08 3.56 -12.23
N HIS A 431 11.88 3.11 -11.89
CA HIS A 431 10.87 2.72 -12.87
C HIS A 431 9.71 3.66 -12.64
N ILE A 432 9.41 4.53 -13.61
CA ILE A 432 8.41 5.58 -13.39
C ILE A 432 7.31 5.45 -14.44
N PHE A 433 6.08 5.32 -13.96
CA PHE A 433 4.89 5.09 -14.74
C PHE A 433 4.10 6.41 -14.86
N SER A 434 3.34 6.54 -15.94
CA SER A 434 2.35 7.62 -16.09
C SER A 434 1.00 6.97 -16.39
N ALA A 435 0.04 7.15 -15.47
CA ALA A 435 -1.32 6.68 -15.70
C ALA A 435 -2.13 7.83 -16.28
N ARG A 436 -2.69 7.60 -17.45
CA ARG A 436 -3.56 8.57 -18.11
C ARG A 436 -5.02 8.16 -17.89
N LEU A 437 -5.72 9.02 -17.16
CA LEU A 437 -7.08 8.80 -16.69
C LEU A 437 -7.94 9.87 -17.32
N ASP A 438 -8.56 9.53 -18.44
CA ASP A 438 -9.55 10.37 -19.08
C ASP A 438 -10.81 10.25 -18.24
N MET A 439 -11.04 11.25 -17.39
CA MET A 439 -12.08 11.20 -16.40
C MET A 439 -13.45 11.43 -17.02
N ALA A 440 -14.46 10.82 -16.41
CA ALA A 440 -15.86 11.08 -16.74
C ALA A 440 -16.74 10.86 -15.52
N ILE A 441 -16.46 11.62 -14.46
CA ILE A 441 -17.20 11.52 -13.22
C ILE A 441 -18.65 11.97 -13.45
N ASP A 442 -19.56 11.01 -13.50
CA ASP A 442 -20.97 11.27 -13.82
C ASP A 442 -21.16 12.00 -15.17
N GLY A 443 -20.27 11.72 -16.12
CA GLY A 443 -20.22 12.42 -17.40
C GLY A 443 -18.96 13.22 -17.52
N PHE A 444 -18.86 14.01 -18.58
CA PHE A 444 -17.59 14.62 -18.98
C PHE A 444 -17.28 15.97 -18.35
N THR A 445 -18.29 16.63 -17.77
CA THR A 445 -18.09 17.92 -17.13
C THR A 445 -17.43 17.77 -15.75
N ASN A 446 -16.09 17.83 -15.72
CA ASN A 446 -15.35 17.55 -14.51
C ASN A 446 -14.40 18.69 -14.14
N ARG A 447 -13.93 18.65 -12.90
CA ARG A 447 -12.86 19.52 -12.46
C ARG A 447 -12.04 18.80 -11.39
N VAL A 448 -10.85 19.31 -11.13
CA VAL A 448 -9.95 18.73 -10.13
C VAL A 448 -9.64 19.77 -9.07
N GLU A 449 -9.68 19.34 -7.81
CA GLU A 449 -9.24 20.10 -6.67
C GLU A 449 -8.08 19.38 -6.01
N GLU A 450 -7.12 20.17 -5.54
CA GLU A 450 -6.07 19.68 -4.67
C GLU A 450 -6.54 19.84 -3.22
N GLU A 451 -6.55 18.73 -2.46
CA GLU A 451 -6.98 18.79 -1.06
C GLU A 451 -5.82 18.53 -0.11
N ASP A 452 -5.58 19.50 0.77
CA ASP A 452 -4.59 19.40 1.83
C ASP A 452 -5.26 19.41 3.19
N VAL A 453 -4.72 18.63 4.11
CA VAL A 453 -4.99 18.77 5.54
C VAL A 453 -4.51 20.19 6.00
N VAL A 454 -5.29 20.81 6.87
CA VAL A 454 -5.01 22.15 7.43
C VAL A 454 -4.93 22.04 8.94
N ARG A 455 -3.75 22.32 9.47
CA ARG A 455 -3.59 22.37 10.91
C ARG A 455 -4.04 23.74 11.41
N GLN A 456 -4.51 23.77 12.65
CA GLN A 456 -5.08 24.97 13.26
C GLN A 456 -4.35 25.30 14.55
N THR A 457 -4.18 26.60 14.80
CA THR A 457 -3.52 27.08 16.00
C THR A 457 -4.48 27.19 17.19
N MET A 458 -3.99 26.79 18.35
CA MET A 458 -4.69 26.92 19.61
C MET A 458 -4.91 28.41 19.85
N GLY A 459 -6.14 28.74 20.19
CA GLY A 459 -6.53 30.13 20.43
C GLY A 459 -8.03 30.22 20.35
N PRO A 460 -8.54 31.45 20.22
CA PRO A 460 -9.98 31.66 20.04
C PRO A 460 -10.62 30.81 18.95
N GLY A 461 -11.74 30.17 19.27
CA GLY A 461 -12.37 29.23 18.38
C GLY A 461 -11.80 27.83 18.48
N ASN A 462 -10.69 27.65 19.21
CA ASN A 462 -9.96 26.36 19.24
C ASN A 462 -9.15 26.36 20.52
N GLU A 463 -9.83 26.55 21.64
CA GLU A 463 -9.15 26.83 22.89
C GLU A 463 -8.34 25.64 23.40
N ARG A 464 -8.78 24.42 23.09
CA ARG A 464 -8.02 23.23 23.45
C ARG A 464 -6.97 22.78 22.42
N GLY A 465 -6.93 23.40 21.23
CA GLY A 465 -5.85 23.15 20.28
C GLY A 465 -5.98 21.75 19.69
N ASN A 466 -7.21 21.32 19.52
CA ASN A 466 -7.47 20.02 18.92
C ASN A 466 -8.00 20.05 17.50
N ALA A 467 -8.48 21.19 17.04
CA ALA A 467 -9.13 21.26 15.75
C ALA A 467 -8.16 21.03 14.60
N PHE A 468 -8.65 20.36 13.57
CA PHE A 468 -7.98 20.30 12.31
C PHE A 468 -9.02 20.28 11.22
N SER A 469 -8.60 20.66 10.03
CA SER A 469 -9.51 20.85 8.91
C SER A 469 -8.84 20.41 7.62
N ARG A 470 -9.38 20.86 6.50
CA ARG A 470 -8.82 20.68 5.19
C ARG A 470 -9.20 21.83 4.28
N LYS A 471 -8.45 21.96 3.19
CA LYS A 471 -8.75 22.94 2.17
C LYS A 471 -8.69 22.30 0.81
N ARG A 472 -9.47 22.87 -0.12
CA ARG A 472 -9.55 22.39 -1.50
C ARG A 472 -9.30 23.58 -2.42
N THR A 473 -8.43 23.38 -3.40
CA THR A 473 -8.08 24.42 -4.36
C THR A 473 -8.39 23.91 -5.75
N VAL A 474 -9.31 24.58 -6.44
CA VAL A 474 -9.71 24.17 -7.78
C VAL A 474 -8.59 24.53 -8.74
N LEU A 475 -8.24 23.60 -9.60
CA LEU A 475 -7.27 23.84 -10.65
C LEU A 475 -8.08 24.31 -11.84
N THR A 476 -7.97 25.59 -12.18
CA THR A 476 -8.91 26.19 -13.14
C THR A 476 -8.43 26.16 -14.57
N ARG A 477 -7.12 26.26 -14.77
CA ARG A 477 -6.51 26.23 -16.09
C ARG A 477 -5.25 25.38 -16.09
N GLU A 478 -4.87 24.91 -17.27
CA GLU A 478 -3.77 23.96 -17.38
C GLU A 478 -2.48 24.51 -16.80
N SER A 479 -2.27 25.82 -16.87
CA SER A 479 -1.03 26.42 -16.32
C SER A 479 -0.94 26.28 -14.80
N GLU A 480 -2.07 26.02 -14.13
CA GLU A 480 -2.11 25.89 -12.69
C GLU A 480 -2.20 24.42 -12.29
N ALA A 481 -2.11 23.52 -13.26
CA ALA A 481 -2.51 22.12 -13.02
C ALA A 481 -1.33 21.14 -13.06
N VAL A 482 -0.14 21.62 -12.78
CA VAL A 482 1.04 20.77 -12.64
C VAL A 482 1.42 20.76 -11.18
N ARG A 483 1.12 19.65 -10.51
CA ARG A 483 1.14 19.59 -9.05
C ARG A 483 2.13 18.57 -8.52
N GLU A 484 2.66 18.84 -7.34
CA GLU A 484 3.55 17.91 -6.66
C GLU A 484 2.88 17.31 -5.41
N ALA A 485 3.37 16.14 -4.98
CA ALA A 485 2.92 15.51 -3.77
C ALA A 485 3.28 16.33 -2.53
N ASP A 486 2.51 16.14 -1.46
CA ASP A 486 2.88 16.60 -0.14
C ASP A 486 2.32 15.63 0.87
N ALA A 487 3.08 14.56 1.14
CA ALA A 487 2.62 13.49 2.01
C ALA A 487 2.35 14.01 3.42
N ARG A 488 3.19 14.94 3.88
CA ARG A 488 3.10 15.48 5.22
C ARG A 488 1.73 16.11 5.49
N THR A 489 1.15 16.75 4.47
CA THR A 489 -0.17 17.39 4.60
C THR A 489 -1.27 16.54 4.02
N GLY A 490 -0.99 15.26 3.77
CA GLY A 490 -2.01 14.32 3.33
C GLY A 490 -2.65 14.71 2.01
N ARG A 491 -1.86 15.31 1.13
CA ARG A 491 -2.39 15.81 -0.14
C ARG A 491 -2.94 14.73 -1.07
N THR A 492 -4.17 14.97 -1.50
CA THR A 492 -4.83 14.19 -2.53
C THR A 492 -5.45 15.11 -3.56
N TRP A 493 -6.04 14.53 -4.60
CA TRP A 493 -6.68 15.28 -5.67
C TRP A 493 -8.06 14.67 -5.89
N ILE A 494 -9.06 15.53 -5.92
CA ILE A 494 -10.45 15.12 -6.12
C ILE A 494 -10.93 15.51 -7.50
N ILE A 495 -11.46 14.55 -8.22
CA ILE A 495 -12.11 14.84 -9.48
C ILE A 495 -13.61 14.80 -9.24
N SER A 496 -14.27 15.93 -9.52
CA SER A 496 -15.70 16.05 -9.28
C SER A 496 -16.44 16.54 -10.51
N ASN A 497 -17.76 16.40 -10.46
CA ASN A 497 -18.63 16.95 -11.48
C ASN A 497 -19.43 18.07 -10.82
N PRO A 498 -19.13 19.32 -11.15
CA PRO A 498 -19.80 20.46 -10.50
C PRO A 498 -21.30 20.56 -10.79
N GLU A 499 -21.76 19.88 -11.84
CA GLU A 499 -23.16 19.86 -12.25
C GLU A 499 -23.95 18.62 -11.80
N SER A 500 -23.30 17.71 -11.06
CA SER A 500 -23.99 16.53 -10.55
C SER A 500 -23.78 16.48 -9.04
N LYS A 501 -24.88 16.62 -8.31
CA LYS A 501 -24.82 16.69 -6.87
C LYS A 501 -25.46 15.44 -6.24
N ASN A 502 -24.91 15.03 -5.10
CA ASN A 502 -25.48 13.93 -4.35
C ASN A 502 -26.68 14.42 -3.53
N ARG A 503 -27.30 13.54 -2.75
CA ARG A 503 -28.52 13.93 -2.03
C ARG A 503 -28.27 14.97 -0.93
N LEU A 504 -27.00 15.13 -0.53
CA LEU A 504 -26.63 16.17 0.42
C LEU A 504 -26.26 17.49 -0.22
N ASN A 505 -26.56 17.64 -1.51
CA ASN A 505 -26.28 18.85 -2.30
C ASN A 505 -24.80 19.16 -2.51
N GLU A 506 -23.95 18.13 -2.43
CA GLU A 506 -22.50 18.26 -2.56
C GLU A 506 -22.10 17.62 -3.93
N PRO A 507 -21.22 18.26 -4.71
CA PRO A 507 -20.78 17.66 -5.97
C PRO A 507 -20.19 16.26 -5.79
N VAL A 508 -20.60 15.34 -6.65
CA VAL A 508 -20.08 13.98 -6.66
C VAL A 508 -18.61 13.96 -7.07
N GLY A 509 -17.83 13.05 -6.50
CA GLY A 509 -16.42 13.02 -6.81
C GLY A 509 -15.74 11.71 -6.48
N TYR A 510 -14.50 11.62 -6.94
CA TYR A 510 -13.59 10.51 -6.65
C TYR A 510 -12.26 11.12 -6.21
N LYS A 511 -11.64 10.52 -5.20
CA LYS A 511 -10.37 11.02 -4.64
C LYS A 511 -9.22 10.11 -5.03
N LEU A 512 -8.18 10.69 -5.61
CA LEU A 512 -6.99 9.97 -6.02
C LEU A 512 -6.00 9.97 -4.86
N HIS A 513 -5.62 8.78 -4.41
CA HIS A 513 -4.65 8.59 -3.34
C HIS A 513 -3.35 8.07 -3.95
N ALA A 514 -2.31 8.87 -3.91
CA ALA A 514 -1.01 8.50 -4.42
C ALA A 514 -0.14 7.90 -3.31
N HIS A 515 0.92 7.21 -3.71
CA HIS A 515 1.84 6.58 -2.80
C HIS A 515 2.94 7.54 -2.36
N ASN A 516 3.05 8.67 -3.06
CA ASN A 516 3.98 9.73 -2.73
C ASN A 516 5.43 9.25 -2.74
N GLN A 517 5.75 8.33 -3.65
CA GLN A 517 7.12 7.89 -3.87
C GLN A 517 7.92 9.01 -4.58
N PRO A 518 9.24 8.98 -4.51
CA PRO A 518 10.02 10.01 -5.21
C PRO A 518 9.74 10.08 -6.73
N THR A 519 9.76 11.30 -7.28
CA THR A 519 9.62 11.46 -8.72
C THR A 519 11.03 11.45 -9.37
N LEU A 520 11.16 11.92 -10.62
CA LEU A 520 12.41 11.77 -11.36
C LEU A 520 13.54 12.49 -10.65
N LEU A 521 14.63 11.77 -10.37
CA LEU A 521 15.71 12.34 -9.57
C LEU A 521 16.75 13.09 -10.38
N ALA A 522 16.82 12.83 -11.68
CA ALA A 522 17.84 13.47 -12.55
C ALA A 522 17.85 14.99 -12.44
N ASP A 523 19.01 15.56 -12.69
CA ASP A 523 19.16 17.01 -12.70
C ASP A 523 18.14 17.59 -13.70
N PRO A 524 17.47 18.68 -13.37
CA PRO A 524 16.47 19.27 -14.29
C PRO A 524 17.02 19.70 -15.66
N GLY A 525 18.32 19.80 -15.80
CA GLY A 525 18.95 20.19 -17.07
C GLY A 525 19.39 19.02 -17.91
N SER A 526 19.14 17.80 -17.44
CA SER A 526 19.51 16.61 -18.19
C SER A 526 18.59 16.36 -19.38
N SER A 527 19.09 15.57 -20.32
CA SER A 527 18.30 15.06 -21.44
C SER A 527 17.05 14.31 -20.97
N ILE A 528 17.21 13.43 -19.97
CA ILE A 528 16.04 12.67 -19.50
C ILE A 528 14.98 13.54 -18.82
N ALA A 529 15.39 14.58 -18.11
CA ALA A 529 14.42 15.51 -17.52
C ALA A 529 13.56 16.23 -18.54
N ARG A 530 14.12 16.44 -19.73
CA ARG A 530 13.38 17.02 -20.85
C ARG A 530 12.54 16.00 -21.63
N ARG A 531 13.08 14.79 -21.82
CA ARG A 531 12.38 13.78 -22.60
C ARG A 531 11.29 13.10 -21.77
N ALA A 532 11.49 13.05 -20.46
CA ALA A 532 10.51 12.49 -19.54
C ALA A 532 10.05 13.59 -18.55
N ALA A 533 9.69 14.75 -19.08
CA ALA A 533 9.27 15.85 -18.20
C ALA A 533 8.10 15.49 -17.30
N PHE A 534 7.23 14.62 -17.80
CA PHE A 534 6.06 14.16 -17.08
C PHE A 534 6.49 13.58 -15.73
N ALA A 535 7.66 12.93 -15.72
CA ALA A 535 8.16 12.21 -14.55
C ALA A 535 8.67 13.11 -13.43
N THR A 536 8.79 14.40 -13.69
CA THR A 536 9.26 15.34 -12.67
C THR A 536 8.18 15.88 -11.75
N LYS A 537 6.91 15.61 -12.07
CA LYS A 537 5.81 16.06 -11.23
C LYS A 537 4.76 14.96 -11.06
N ASP A 538 4.10 14.96 -9.92
CA ASP A 538 3.19 13.87 -9.57
C ASP A 538 1.85 13.88 -10.29
N LEU A 539 1.36 15.06 -10.65
CA LEU A 539 0.02 15.16 -11.21
C LEU A 539 -0.08 16.28 -12.21
N TRP A 540 -0.63 15.95 -13.35
CA TRP A 540 -0.92 16.92 -14.41
C TRP A 540 -2.40 16.81 -14.79
N VAL A 541 -3.02 17.94 -15.13
CA VAL A 541 -4.39 17.90 -15.65
C VAL A 541 -4.42 18.68 -16.95
N THR A 542 -4.91 18.04 -18.01
CA THR A 542 -5.11 18.67 -19.31
C THR A 542 -6.57 18.63 -19.73
N ARG A 543 -6.91 19.56 -20.62
CA ARG A 543 -8.14 19.49 -21.39
C ARG A 543 -8.01 18.38 -22.43
N TYR A 544 -9.04 17.53 -22.53
CA TYR A 544 -9.00 16.44 -23.47
C TYR A 544 -8.83 16.92 -24.90
N ALA A 545 -7.94 16.27 -25.64
CA ALA A 545 -7.83 16.41 -27.09
C ALA A 545 -7.50 15.03 -27.65
N ASP A 546 -8.12 14.68 -28.78
CA ASP A 546 -7.92 13.34 -29.35
C ASP A 546 -6.47 12.98 -29.72
N ASP A 547 -5.63 13.97 -30.02
CA ASP A 547 -4.24 13.71 -30.40
C ASP A 547 -3.23 13.83 -29.24
N GLU A 548 -3.73 13.98 -28.02
CA GLU A 548 -2.88 14.09 -26.84
C GLU A 548 -2.97 12.77 -26.09
N ARG A 549 -2.22 11.79 -26.57
CA ARG A 549 -2.33 10.41 -26.12
C ARG A 549 -1.28 9.98 -25.10
N TYR A 550 -0.05 10.47 -25.24
CA TYR A 550 1.08 10.00 -24.45
C TYR A 550 1.77 11.18 -23.81
N PRO A 551 2.28 11.03 -22.58
CA PRO A 551 2.90 12.16 -21.88
C PRO A 551 4.22 12.55 -22.55
N THR A 552 4.73 11.67 -23.42
CA THR A 552 6.01 11.83 -24.09
C THR A 552 5.86 12.05 -25.60
N GLY A 553 4.62 12.20 -26.08
CA GLY A 553 4.35 12.31 -27.50
C GLY A 553 4.27 10.98 -28.24
N ASP A 554 3.97 11.05 -29.53
CA ASP A 554 3.81 9.88 -30.36
C ASP A 554 5.11 9.16 -30.66
N PHE A 555 6.20 9.90 -30.83
CA PHE A 555 7.47 9.28 -31.23
C PHE A 555 8.55 9.63 -30.20
N VAL A 556 8.82 8.69 -29.31
CA VAL A 556 9.72 8.92 -28.18
C VAL A 556 11.18 8.60 -28.51
N ASN A 557 11.37 7.53 -29.27
CA ASN A 557 12.69 7.04 -29.66
C ASN A 557 13.54 8.14 -30.31
N GLN A 558 14.66 8.45 -29.66
CA GLN A 558 15.62 9.43 -30.17
C GLN A 558 14.96 10.78 -30.43
N HIS A 559 13.98 11.14 -29.61
CA HIS A 559 13.28 12.38 -29.82
C HIS A 559 13.58 13.29 -28.66
N SER A 560 14.01 14.50 -28.95
CA SER A 560 14.30 15.46 -27.91
C SER A 560 12.95 15.91 -27.31
N GLY A 561 13.02 16.80 -26.33
CA GLY A 561 11.84 17.56 -25.92
C GLY A 561 11.27 18.29 -27.12
N GLY A 562 10.04 18.76 -26.97
CA GLY A 562 9.28 19.37 -28.07
C GLY A 562 7.81 18.97 -27.98
N ALA A 563 7.57 17.74 -27.56
CA ALA A 563 6.23 17.15 -27.55
C ALA A 563 5.82 16.67 -26.14
N GLY A 564 4.64 16.10 -26.04
CA GLY A 564 4.13 15.62 -24.76
C GLY A 564 3.56 16.69 -23.85
N LEU A 565 3.43 16.33 -22.58
CA LEU A 565 2.70 17.13 -21.59
C LEU A 565 3.10 18.61 -21.49
N PRO A 566 4.39 18.94 -21.44
CA PRO A 566 4.78 20.36 -21.39
C PRO A 566 4.22 21.16 -22.57
N SER A 567 4.17 20.55 -23.75
CA SER A 567 3.58 21.22 -24.93
C SER A 567 2.06 21.33 -24.84
N TYR A 568 1.42 20.28 -24.34
CA TYR A 568 -0.04 20.28 -24.22
C TYR A 568 -0.50 21.40 -23.27
N ILE A 569 0.13 21.45 -22.11
CA ILE A 569 -0.19 22.37 -21.01
C ILE A 569 -0.01 23.84 -21.41
N ALA A 570 0.94 24.09 -22.30
CA ALA A 570 1.18 25.44 -22.83
C ALA A 570 -0.05 26.11 -23.44
N GLN A 571 -1.03 25.32 -23.86
CA GLN A 571 -2.24 25.88 -24.45
C GLN A 571 -3.14 26.58 -23.41
N ASP A 572 -2.92 26.27 -22.13
CA ASP A 572 -3.54 26.95 -20.98
C ASP A 572 -5.06 26.97 -21.07
N ARG A 573 -5.61 25.79 -21.35
CA ARG A 573 -7.02 25.63 -21.61
C ARG A 573 -7.81 25.55 -20.30
N ASP A 574 -9.09 25.90 -20.39
CA ASP A 574 -10.01 25.84 -19.26
C ASP A 574 -10.22 24.38 -18.85
N ILE A 575 -10.00 24.08 -17.59
CA ILE A 575 -10.25 22.72 -17.07
C ILE A 575 -11.24 22.73 -15.90
N ASP A 576 -11.95 23.84 -15.72
CA ASP A 576 -12.85 23.98 -14.59
C ASP A 576 -14.26 23.68 -15.07
N GLY A 577 -14.62 22.40 -15.03
CA GLY A 577 -15.92 21.98 -15.50
C GLY A 577 -15.87 21.70 -16.99
N GLN A 578 -14.91 20.88 -17.39
CA GLN A 578 -14.67 20.57 -18.79
C GLN A 578 -14.29 19.10 -18.91
N ASP A 579 -14.10 18.64 -20.15
CA ASP A 579 -13.67 17.28 -20.42
C ASP A 579 -12.15 17.25 -20.20
N ILE A 580 -11.74 16.61 -19.10
CA ILE A 580 -10.36 16.64 -18.67
C ILE A 580 -9.73 15.26 -18.51
N VAL A 581 -8.42 15.28 -18.42
CA VAL A 581 -7.56 14.09 -18.33
C VAL A 581 -6.56 14.32 -17.22
N VAL A 582 -6.47 13.35 -16.32
CA VAL A 582 -5.49 13.36 -15.26
C VAL A 582 -4.33 12.45 -15.64
N TRP A 583 -3.11 12.93 -15.44
CA TRP A 583 -1.90 12.14 -15.69
C TRP A 583 -1.11 12.05 -14.39
N HIS A 584 -1.07 10.87 -13.79
CA HIS A 584 -0.43 10.69 -12.51
C HIS A 584 0.85 9.92 -12.71
N THR A 585 1.95 10.55 -12.29
CA THR A 585 3.25 9.94 -12.26
C THR A 585 3.48 9.22 -10.95
N PHE A 586 3.98 7.98 -11.02
CA PHE A 586 4.31 7.21 -9.84
C PHE A 586 5.37 6.20 -10.19
N GLY A 587 6.31 6.01 -9.28
CA GLY A 587 7.42 5.11 -9.54
C GLY A 587 8.06 4.45 -8.35
N LEU A 588 8.95 3.51 -8.68
CA LEU A 588 9.81 2.84 -7.73
C LEU A 588 11.23 3.33 -7.92
N THR A 589 11.88 3.71 -6.84
CA THR A 589 13.29 4.04 -6.87
C THR A 589 14.05 2.85 -6.34
N HIS A 590 14.91 2.26 -7.17
CA HIS A 590 15.51 0.95 -6.90
C HIS A 590 17.00 1.08 -6.67
N PHE A 591 17.41 0.81 -5.43
CA PHE A 591 18.80 0.62 -5.07
C PHE A 591 18.93 -0.89 -4.89
N PRO A 592 19.40 -1.61 -5.89
CA PRO A 592 19.29 -3.08 -5.81
C PRO A 592 19.98 -3.64 -4.56
N ARG A 593 19.36 -4.70 -4.03
CA ARG A 593 19.83 -5.34 -2.83
C ARG A 593 20.30 -6.74 -3.23
N VAL A 594 21.14 -7.32 -2.41
CA VAL A 594 21.61 -8.69 -2.63
C VAL A 594 20.44 -9.70 -2.85
N GLU A 595 19.35 -9.48 -2.13
CA GLU A 595 18.13 -10.30 -2.23
C GLU A 595 17.46 -10.24 -3.61
N ASP A 596 17.81 -9.24 -4.41
CA ASP A 596 17.28 -9.10 -5.78
C ASP A 596 18.00 -10.02 -6.78
N TRP A 597 19.07 -10.66 -6.33
CA TRP A 597 19.96 -11.44 -7.18
C TRP A 597 19.86 -12.93 -6.80
N PRO A 598 19.82 -13.87 -7.75
CA PRO A 598 19.92 -13.71 -9.20
C PRO A 598 18.64 -13.47 -9.99
N ILE A 599 17.49 -13.54 -9.32
CA ILE A 599 16.22 -13.15 -9.90
C ILE A 599 15.45 -12.44 -8.81
N MET A 600 14.79 -11.37 -9.19
CA MET A 600 14.28 -10.44 -8.19
C MET A 600 12.86 -10.80 -7.71
N PRO A 601 12.66 -10.82 -6.41
CA PRO A 601 11.29 -10.90 -5.88
C PRO A 601 10.49 -9.66 -6.28
N VAL A 602 9.20 -9.86 -6.52
CA VAL A 602 8.31 -8.78 -6.94
C VAL A 602 8.34 -7.61 -5.96
N ASP A 603 8.41 -6.40 -6.50
CA ASP A 603 8.11 -5.21 -5.72
C ASP A 603 7.00 -4.47 -6.46
N THR A 604 6.31 -3.60 -5.73
CA THR A 604 5.08 -3.01 -6.26
C THR A 604 5.01 -1.50 -6.07
N VAL A 605 4.24 -0.89 -6.95
CA VAL A 605 3.85 0.51 -6.82
C VAL A 605 2.51 0.70 -7.52
N GLY A 606 1.79 1.73 -7.16
CA GLY A 606 0.50 2.00 -7.76
C GLY A 606 -0.19 3.22 -7.19
N PHE A 607 -1.51 3.23 -7.32
CA PHE A 607 -2.36 4.30 -6.84
C PHE A 607 -3.80 3.80 -6.82
N LYS A 608 -4.67 4.55 -6.16
CA LYS A 608 -6.09 4.19 -6.19
C LYS A 608 -6.95 5.43 -6.19
N LEU A 609 -8.21 5.25 -6.56
CA LEU A 609 -9.19 6.30 -6.46
C LEU A 609 -10.40 5.73 -5.72
N ARG A 610 -10.89 6.48 -4.75
CA ARG A 610 -12.01 6.07 -3.91
C ARG A 610 -13.15 7.07 -4.11
N PRO A 611 -14.39 6.60 -4.11
CA PRO A 611 -15.52 7.53 -4.17
C PRO A 611 -15.50 8.52 -3.02
N GLU A 612 -15.88 9.74 -3.31
CA GLU A 612 -15.87 10.84 -2.37
C GLU A 612 -17.16 11.61 -2.55
N GLY A 613 -18.21 11.19 -1.86
CA GLY A 613 -19.52 11.76 -2.03
C GLY A 613 -20.12 11.49 -3.41
N PHE A 614 -19.63 10.44 -4.08
CA PHE A 614 -20.19 10.00 -5.35
C PHE A 614 -21.54 9.34 -5.12
N PHE A 615 -21.61 8.51 -4.08
CA PHE A 615 -22.84 7.80 -3.75
C PHE A 615 -23.59 8.54 -2.63
N ASP A 616 -24.84 8.15 -2.41
CA ASP A 616 -25.70 8.79 -1.42
C ASP A 616 -25.60 8.15 -0.03
N ARG A 617 -24.85 7.06 0.05
CA ARG A 617 -24.58 6.28 1.24
C ARG A 617 -23.67 5.15 0.77
N SER A 618 -23.24 4.28 1.68
CA SER A 618 -22.45 3.13 1.26
C SER A 618 -23.09 2.43 0.07
N PRO A 619 -22.34 2.14 -0.98
CA PRO A 619 -22.88 1.35 -2.11
C PRO A 619 -22.89 -0.17 -1.90
N VAL A 620 -22.54 -0.64 -0.71
CA VAL A 620 -22.44 -2.08 -0.47
C VAL A 620 -23.35 -2.59 0.64
N LEU A 621 -24.46 -1.90 0.85
CA LEU A 621 -25.45 -2.35 1.84
C LEU A 621 -26.23 -3.58 1.36
N ASP A 622 -26.23 -3.81 0.06
CA ASP A 622 -27.00 -4.92 -0.50
C ASP A 622 -26.18 -6.18 -0.73
N VAL A 623 -24.93 -6.16 -0.26
CA VAL A 623 -24.08 -7.35 -0.28
C VAL A 623 -24.62 -8.30 0.80
N PRO A 624 -24.84 -9.56 0.45
CA PRO A 624 -25.47 -10.50 1.38
C PRO A 624 -24.43 -11.13 2.32
N ALA A 625 -24.89 -11.69 3.43
CA ALA A 625 -24.01 -12.40 4.36
C ALA A 625 -23.35 -13.60 3.67
N ALA B 7 8.85 -27.06 27.66
CA ALA B 7 9.35 -25.83 28.37
C ALA B 7 8.52 -24.59 28.04
N SER B 8 8.52 -24.20 26.77
CA SER B 8 7.89 -22.98 26.23
C SER B 8 7.57 -21.79 27.14
N PRO B 9 8.57 -20.98 27.51
CA PRO B 9 8.32 -19.81 28.38
C PRO B 9 7.46 -18.71 27.72
N PHE B 10 7.28 -18.79 26.40
CA PHE B 10 6.45 -17.83 25.67
C PHE B 10 5.05 -18.35 25.37
N ARG B 11 4.67 -19.48 25.97
CA ARG B 11 3.34 -20.03 25.75
C ARG B 11 2.27 -19.06 26.24
N LEU B 12 1.11 -19.13 25.62
CA LEU B 12 -0.07 -18.39 26.07
C LEU B 12 -0.43 -18.69 27.52
N ALA B 13 -0.99 -17.71 28.22
CA ALA B 13 -1.49 -17.92 29.57
C ALA B 13 -2.59 -18.97 29.54
N SER B 14 -2.58 -19.88 30.50
CA SER B 14 -3.64 -20.89 30.58
C SER B 14 -4.68 -20.52 31.64
N ALA B 15 -5.87 -21.11 31.55
CA ALA B 15 -6.91 -20.89 32.56
C ALA B 15 -6.37 -21.15 33.95
N GLY B 16 -5.62 -22.24 34.10
CA GLY B 16 -5.01 -22.58 35.36
C GLY B 16 -4.08 -21.56 35.94
N GLU B 17 -3.24 -20.95 35.09
CA GLU B 17 -2.34 -19.90 35.54
C GLU B 17 -3.11 -18.69 36.06
N ILE B 18 -4.19 -18.34 35.38
CA ILE B 18 -4.99 -17.17 35.78
C ILE B 18 -5.64 -17.46 37.15
N SER B 19 -6.25 -18.63 37.29
CA SER B 19 -6.85 -19.04 38.55
C SER B 19 -5.82 -19.09 39.65
N GLU B 20 -4.61 -19.49 39.31
CA GLU B 20 -3.55 -19.57 40.28
C GLU B 20 -3.08 -18.17 40.70
N VAL B 21 -3.04 -17.23 39.76
CA VAL B 21 -2.74 -15.85 40.13
C VAL B 21 -3.80 -15.34 41.11
N GLN B 22 -5.07 -15.61 40.81
CA GLN B 22 -6.18 -15.29 41.70
C GLN B 22 -5.93 -15.83 43.11
N GLY B 23 -5.54 -17.09 43.19
CA GLY B 23 -5.28 -17.76 44.46
C GLY B 23 -4.13 -17.15 45.25
N ILE B 24 -3.04 -16.84 44.56
CA ILE B 24 -1.89 -16.23 45.18
C ILE B 24 -2.27 -14.85 45.70
N LEU B 25 -3.03 -14.11 44.91
CA LEU B 25 -3.46 -12.77 45.35
C LEU B 25 -4.38 -12.86 46.56
N ARG B 26 -5.31 -13.81 46.52
CA ARG B 26 -6.25 -13.98 47.62
C ARG B 26 -5.50 -14.34 48.89
N THR B 27 -4.61 -15.31 48.77
CA THR B 27 -3.82 -15.79 49.89
C THR B 27 -3.02 -14.66 50.51
N ALA B 28 -2.55 -13.71 49.68
CA ALA B 28 -1.71 -12.61 50.13
C ALA B 28 -2.49 -11.43 50.73
N GLY B 29 -3.81 -11.49 50.68
CA GLY B 29 -4.65 -10.44 51.20
C GLY B 29 -4.85 -9.28 50.24
N LEU B 30 -4.57 -9.49 48.96
CA LEU B 30 -4.61 -8.43 47.95
C LEU B 30 -5.86 -8.47 47.06
N LEU B 31 -6.70 -9.47 47.25
CA LEU B 31 -7.88 -9.67 46.39
C LEU B 31 -9.13 -10.02 47.18
N GLY B 32 -9.46 -9.18 48.14
CA GLY B 32 -10.73 -9.25 48.85
C GLY B 32 -11.94 -8.89 47.98
N PRO B 33 -13.14 -8.92 48.57
CA PRO B 33 -14.39 -8.69 47.82
C PRO B 33 -14.55 -7.30 47.19
N GLU B 34 -13.84 -6.29 47.68
CA GLU B 34 -13.92 -4.94 47.11
C GLU B 34 -12.94 -4.73 45.94
N LYS B 35 -12.13 -5.74 45.65
CA LYS B 35 -11.09 -5.61 44.64
C LYS B 35 -11.56 -6.08 43.27
N ARG B 36 -11.04 -5.43 42.22
CA ARG B 36 -11.34 -5.81 40.85
C ARG B 36 -10.05 -5.78 40.04
N ILE B 37 -9.87 -6.74 39.16
CA ILE B 37 -8.72 -6.75 38.27
C ILE B 37 -9.03 -5.89 37.04
N ALA B 38 -8.29 -4.80 36.89
CA ALA B 38 -8.41 -3.93 35.73
C ALA B 38 -7.49 -4.33 34.54
N TYR B 39 -6.42 -5.06 34.84
CA TYR B 39 -5.48 -5.53 33.84
C TYR B 39 -4.72 -6.71 34.46
N LEU B 40 -4.54 -7.77 33.68
CA LEU B 40 -3.70 -8.89 34.07
C LEU B 40 -3.05 -9.43 32.82
N GLY B 41 -1.73 -9.63 32.89
CA GLY B 41 -0.99 -10.22 31.79
C GLY B 41 0.31 -10.86 32.21
N VAL B 42 0.76 -11.80 31.40
CA VAL B 42 2.02 -12.48 31.64
C VAL B 42 3.15 -11.55 31.22
N LEU B 43 4.23 -11.57 31.97
CA LEU B 43 5.44 -10.82 31.62
C LEU B 43 6.35 -11.69 30.78
N ASP B 44 7.11 -11.07 29.90
CA ASP B 44 8.04 -11.81 29.06
C ASP B 44 9.25 -12.21 29.91
N PRO B 45 9.92 -13.31 29.54
CA PRO B 45 11.15 -13.68 30.22
C PRO B 45 12.17 -12.55 30.17
N ALA B 46 12.95 -12.43 31.24
CA ALA B 46 14.05 -11.48 31.30
C ALA B 46 15.14 -11.84 30.30
N ARG B 47 15.92 -10.85 29.91
CA ARG B 47 17.10 -11.07 29.08
C ARG B 47 18.06 -12.00 29.81
N GLY B 48 18.59 -12.98 29.09
CA GLY B 48 19.54 -13.93 29.68
C GLY B 48 18.90 -15.18 30.26
N ALA B 49 17.58 -15.19 30.37
CA ALA B 49 16.85 -16.40 30.75
C ALA B 49 16.95 -17.42 29.61
N GLY B 50 16.80 -18.69 29.96
CA GLY B 50 17.00 -19.78 29.02
C GLY B 50 17.81 -20.87 29.70
N SER B 51 18.97 -20.47 30.24
CA SER B 51 19.80 -21.36 31.07
C SER B 51 19.14 -21.66 32.42
N GLU B 52 18.49 -20.63 33.00
CA GLU B 52 17.73 -20.78 34.24
C GLU B 52 16.32 -21.33 33.95
N ALA B 53 15.70 -21.95 34.96
CA ALA B 53 14.38 -22.55 34.80
C ALA B 53 13.29 -21.50 34.60
N GLU B 54 12.09 -21.95 34.26
CA GLU B 54 10.96 -21.04 34.02
C GLU B 54 10.54 -20.30 35.30
N ASP B 55 10.26 -19.02 35.13
CA ASP B 55 9.56 -18.23 36.14
C ASP B 55 8.49 -17.44 35.41
N ARG B 56 7.29 -18.01 35.37
CA ARG B 56 6.14 -17.33 34.79
C ARG B 56 5.66 -16.27 35.78
N ARG B 57 5.78 -15.02 35.38
CA ARG B 57 5.37 -13.89 36.20
C ARG B 57 4.21 -13.17 35.54
N PHE B 58 3.28 -12.70 36.35
CA PHE B 58 2.11 -11.98 35.88
C PHE B 58 2.05 -10.62 36.52
N ARG B 59 1.66 -9.62 35.74
CA ARG B 59 1.45 -8.30 36.25
C ARG B 59 -0.04 -7.98 36.30
N VAL B 60 -0.45 -7.33 37.37
CA VAL B 60 -1.85 -7.12 37.67
C VAL B 60 -2.07 -5.69 38.17
N PHE B 61 -3.10 -5.01 37.66
CA PHE B 61 -3.53 -3.72 38.20
C PHE B 61 -4.84 -3.99 38.94
N ILE B 62 -4.89 -3.66 40.22
CA ILE B 62 -6.03 -3.98 41.08
C ILE B 62 -6.72 -2.72 41.55
N HIS B 63 -7.98 -2.57 41.16
CA HIS B 63 -8.87 -1.48 41.54
C HIS B 63 -9.67 -1.82 42.81
N ASP B 64 -10.04 -0.80 43.57
CA ASP B 64 -10.83 -0.98 44.78
C ASP B 64 -12.13 -0.16 44.66
N VAL B 65 -13.27 -0.84 44.68
CA VAL B 65 -14.57 -0.21 44.48
C VAL B 65 -15.04 0.61 45.67
N SER B 66 -14.38 0.48 46.82
CA SER B 66 -14.75 1.22 48.02
C SER B 66 -14.08 2.60 48.09
N GLY B 67 -13.13 2.85 47.20
CA GLY B 67 -12.45 4.13 47.15
C GLY B 67 -10.98 4.11 47.58
N ALA B 68 -10.49 2.95 48.01
CA ALA B 68 -9.09 2.82 48.41
C ALA B 68 -8.21 2.94 47.18
N ARG B 69 -6.92 3.15 47.39
CA ARG B 69 -5.99 3.34 46.29
C ARG B 69 -5.74 2.01 45.58
N PRO B 70 -5.57 2.04 44.27
CA PRO B 70 -5.33 0.82 43.51
C PRO B 70 -3.90 0.34 43.71
N GLN B 71 -3.61 -0.88 43.27
CA GLN B 71 -2.27 -1.45 43.41
C GLN B 71 -1.75 -1.98 42.08
N GLU B 72 -0.43 -1.91 41.91
CA GLU B 72 0.25 -2.66 40.87
C GLU B 72 1.02 -3.80 41.54
N VAL B 73 0.80 -5.02 41.05
CA VAL B 73 1.32 -6.22 41.67
C VAL B 73 1.95 -7.12 40.61
N THR B 74 3.08 -7.72 40.94
CA THR B 74 3.67 -8.76 40.12
C THR B 74 3.71 -10.03 40.95
N VAL B 75 3.24 -11.11 40.33
CA VAL B 75 3.14 -12.43 40.96
C VAL B 75 3.98 -13.43 40.18
N SER B 76 4.68 -14.31 40.87
CA SER B 76 5.30 -15.47 40.27
C SER B 76 4.33 -16.62 40.41
N VAL B 77 3.70 -17.04 39.32
CA VAL B 77 2.73 -18.14 39.40
C VAL B 77 3.46 -19.46 39.57
N THR B 78 4.70 -19.53 39.07
CA THR B 78 5.55 -20.70 39.25
C THR B 78 5.80 -20.99 40.73
N ASN B 79 6.18 -19.94 41.46
CA ASN B 79 6.60 -20.07 42.85
C ASN B 79 5.51 -19.79 43.88
N GLY B 80 4.34 -19.36 43.41
CA GLY B 80 3.23 -19.06 44.29
C GLY B 80 3.44 -17.86 45.19
N THR B 81 4.20 -16.87 44.74
CA THR B 81 4.56 -15.71 45.55
C THR B 81 4.14 -14.38 44.94
N VAL B 82 4.01 -13.39 45.80
CA VAL B 82 3.93 -11.99 45.38
C VAL B 82 5.36 -11.46 45.35
N ILE B 83 5.83 -11.08 44.17
CA ILE B 83 7.15 -10.47 43.99
C ILE B 83 7.16 -9.04 44.50
N SER B 84 6.17 -8.26 44.09
CA SER B 84 6.03 -6.87 44.52
C SER B 84 4.58 -6.41 44.48
N ALA B 85 4.24 -5.54 45.42
CA ALA B 85 2.93 -4.89 45.43
C ALA B 85 3.12 -3.44 45.87
N VAL B 86 2.61 -2.53 45.08
CA VAL B 86 2.77 -1.12 45.36
C VAL B 86 1.46 -0.37 45.20
N GLU B 87 1.17 0.49 46.16
CA GLU B 87 0.00 1.32 46.10
C GLU B 87 0.23 2.51 45.17
N LEU B 88 -0.74 2.76 44.30
CA LEU B 88 -0.62 3.83 43.31
C LEU B 88 -1.30 5.09 43.79
N ASP B 89 -0.64 6.22 43.54
CA ASP B 89 -1.24 7.53 43.67
C ASP B 89 -1.67 7.97 42.27
N THR B 90 -2.96 7.76 41.94
CA THR B 90 -3.41 7.96 40.57
C THR B 90 -3.36 9.40 40.08
N ALA B 91 -3.46 10.37 40.99
CA ALA B 91 -3.36 11.74 40.58
C ALA B 91 -1.98 12.03 39.97
N ALA B 92 -0.96 11.32 40.46
CA ALA B 92 0.40 11.40 39.93
C ALA B 92 0.63 10.51 38.71
N THR B 93 0.40 9.21 38.85
CA THR B 93 0.86 8.25 37.82
C THR B 93 -0.18 7.80 36.81
N GLY B 94 -1.45 8.15 37.03
CA GLY B 94 -2.52 7.83 36.10
C GLY B 94 -3.54 6.92 36.74
N GLU B 95 -4.77 6.99 36.23
CA GLU B 95 -5.81 6.05 36.63
C GLU B 95 -5.63 4.71 35.91
N LEU B 96 -6.22 3.70 36.48
CA LEU B 96 -6.23 2.40 35.87
C LEU B 96 -7.13 2.42 34.62
N PRO B 97 -6.94 1.46 33.72
CA PRO B 97 -7.82 1.34 32.55
C PRO B 97 -9.31 1.26 32.92
N VAL B 98 -10.16 1.62 31.96
CA VAL B 98 -11.60 1.58 32.17
C VAL B 98 -12.00 0.14 32.42
N LEU B 99 -12.91 -0.05 33.35
CA LEU B 99 -13.35 -1.38 33.76
C LEU B 99 -14.62 -1.71 32.98
N GLU B 100 -14.73 -2.96 32.58
CA GLU B 100 -15.95 -3.45 31.92
C GLU B 100 -17.20 -3.02 32.62
N GLU B 101 -17.21 -3.16 33.94
CA GLU B 101 -18.41 -2.91 34.73
C GLU B 101 -18.80 -1.44 34.81
N GLU B 102 -17.86 -0.57 34.46
CA GLU B 102 -18.13 0.87 34.46
C GLU B 102 -18.91 1.32 33.23
N PHE B 103 -18.98 0.47 32.21
CA PHE B 103 -19.61 0.82 30.95
C PHE B 103 -21.07 1.28 31.07
N GLU B 104 -21.83 0.55 31.88
CA GLU B 104 -23.25 0.81 32.13
C GLU B 104 -23.49 2.00 33.06
N VAL B 105 -22.47 2.34 33.85
CA VAL B 105 -22.68 3.22 34.99
C VAL B 105 -23.01 4.64 34.59
N VAL B 106 -22.44 5.10 33.48
CA VAL B 106 -22.63 6.49 33.08
C VAL B 106 -24.11 6.75 32.77
N GLU B 107 -24.69 5.89 31.96
CA GLU B 107 -26.09 6.00 31.58
C GLU B 107 -26.99 5.86 32.82
N GLN B 108 -26.70 4.87 33.66
CA GLN B 108 -27.50 4.60 34.85
C GLN B 108 -27.54 5.77 35.82
N LEU B 109 -26.39 6.42 36.05
CA LEU B 109 -26.33 7.53 37.00
C LEU B 109 -27.03 8.76 36.41
N LEU B 110 -26.85 8.98 35.12
CA LEU B 110 -27.45 10.13 34.48
C LEU B 110 -28.97 10.02 34.42
N ALA B 111 -29.50 8.80 34.35
CA ALA B 111 -30.94 8.60 34.20
C ALA B 111 -31.77 9.13 35.39
N THR B 112 -31.16 9.37 36.55
CA THR B 112 -31.87 9.96 37.68
C THR B 112 -31.32 11.31 38.11
N ASP B 113 -30.45 11.89 37.28
CA ASP B 113 -29.94 13.23 37.55
C ASP B 113 -30.86 14.28 36.96
N GLU B 114 -31.28 15.25 37.78
CA GLU B 114 -32.28 16.23 37.37
C GLU B 114 -31.78 17.14 36.23
N ARG B 115 -30.49 17.45 36.23
CA ARG B 115 -29.92 18.27 35.14
C ARG B 115 -29.99 17.54 33.80
N TRP B 116 -29.59 16.27 33.80
CA TRP B 116 -29.65 15.42 32.62
C TRP B 116 -31.10 15.29 32.15
N LEU B 117 -32.00 15.03 33.10
CA LEU B 117 -33.42 14.86 32.74
C LEU B 117 -34.01 16.14 32.15
N LYS B 118 -33.61 17.29 32.67
CA LYS B 118 -34.04 18.56 32.13
C LYS B 118 -33.57 18.75 30.69
N ALA B 119 -32.32 18.35 30.42
CA ALA B 119 -31.76 18.46 29.08
C ALA B 119 -32.50 17.57 28.10
N LEU B 120 -32.85 16.35 28.53
CA LEU B 120 -33.56 15.43 27.67
C LEU B 120 -34.99 15.89 27.44
N ALA B 121 -35.63 16.43 28.48
CA ALA B 121 -36.99 16.94 28.35
C ALA B 121 -37.05 18.13 27.39
N ALA B 122 -36.00 18.96 27.38
CA ALA B 122 -35.95 20.10 26.44
C ALA B 122 -35.93 19.66 24.97
N ARG B 123 -35.50 18.43 24.74
CA ARG B 123 -35.38 17.83 23.40
C ARG B 123 -36.47 16.78 23.13
N ASN B 124 -37.41 16.62 24.08
CA ASN B 124 -38.52 15.68 23.96
C ASN B 124 -38.08 14.24 23.73
N LEU B 125 -37.03 13.86 24.45
CA LEU B 125 -36.44 12.53 24.38
C LEU B 125 -36.79 11.70 25.62
N ASP B 126 -37.33 10.52 25.40
CA ASP B 126 -37.64 9.56 26.45
C ASP B 126 -36.33 9.00 27.02
N VAL B 127 -36.10 9.18 28.32
CA VAL B 127 -34.88 8.73 28.96
C VAL B 127 -34.62 7.23 28.76
N SER B 128 -35.68 6.43 28.70
CA SER B 128 -35.52 4.99 28.48
C SER B 128 -34.91 4.65 27.10
N LYS B 129 -34.95 5.60 26.17
CA LYS B 129 -34.43 5.40 24.81
C LYS B 129 -33.05 6.03 24.61
N VAL B 130 -32.49 6.66 25.64
CA VAL B 130 -31.24 7.40 25.47
C VAL B 130 -30.05 6.60 25.96
N ARG B 131 -29.23 6.18 25.01
CA ARG B 131 -27.99 5.48 25.28
C ARG B 131 -26.90 6.48 25.61
N VAL B 132 -26.05 6.14 26.54
CA VAL B 132 -24.93 7.02 26.88
C VAL B 132 -23.64 6.24 26.81
N ALA B 133 -22.73 6.72 25.99
CA ALA B 133 -21.45 6.08 25.79
C ALA B 133 -20.51 6.43 26.97
N PRO B 134 -19.81 5.43 27.48
CA PRO B 134 -18.85 5.62 28.57
C PRO B 134 -17.47 5.97 28.05
N LEU B 135 -17.21 7.28 27.98
CA LEU B 135 -16.10 7.79 27.21
C LEU B 135 -14.96 8.28 28.11
N SER B 136 -13.73 7.97 27.71
CA SER B 136 -12.56 8.36 28.50
C SER B 136 -12.51 9.87 28.56
N ALA B 137 -11.99 10.38 29.69
CA ALA B 137 -12.13 11.80 30.03
C ALA B 137 -10.95 12.67 29.64
N GLY B 138 -9.76 12.09 29.58
CA GLY B 138 -8.53 12.84 29.38
C GLY B 138 -8.28 13.80 30.53
N VAL B 139 -7.48 14.82 30.26
CA VAL B 139 -7.07 15.77 31.29
C VAL B 139 -7.21 17.18 30.72
N PHE B 140 -8.09 17.96 31.32
CA PHE B 140 -8.36 19.30 30.86
C PHE B 140 -8.37 20.25 32.05
N GLU B 141 -9.34 21.16 32.15
CA GLU B 141 -9.24 22.30 33.08
C GLU B 141 -9.96 22.05 34.41
N TYR B 142 -10.50 20.86 34.59
CA TYR B 142 -11.40 20.60 35.71
C TYR B 142 -10.63 20.02 36.89
N ALA B 143 -10.29 20.89 37.84
CA ALA B 143 -9.38 20.52 38.94
C ALA B 143 -9.94 19.42 39.86
N GLU B 144 -11.26 19.36 39.99
CA GLU B 144 -11.87 18.33 40.85
C GLU B 144 -11.70 16.90 40.31
N GLU B 145 -11.38 16.76 39.03
CA GLU B 145 -11.19 15.44 38.42
C GLU B 145 -9.85 14.79 38.79
N ARG B 146 -8.93 15.58 39.31
CA ARG B 146 -7.57 15.07 39.55
C ARG B 146 -7.58 14.09 40.73
N GLY B 147 -7.21 12.83 40.46
CA GLY B 147 -7.31 11.75 41.42
C GLY B 147 -8.63 10.99 41.47
N ARG B 148 -9.61 11.40 40.66
CA ARG B 148 -10.91 10.73 40.57
C ARG B 148 -11.04 9.97 39.27
N ARG B 149 -11.77 8.85 39.29
CA ARG B 149 -12.06 8.10 38.07
C ARG B 149 -13.31 8.71 37.45
N ILE B 150 -13.12 9.43 36.34
CA ILE B 150 -14.18 10.11 35.65
C ILE B 150 -14.41 9.45 34.30
N LEU B 151 -15.66 9.33 33.88
CA LEU B 151 -16.00 9.07 32.48
C LEU B 151 -16.93 10.18 32.04
N ARG B 152 -16.85 10.55 30.76
CA ARG B 152 -17.76 11.54 30.19
C ARG B 152 -18.79 10.79 29.37
N GLY B 153 -19.97 11.38 29.22
CA GLY B 153 -21.09 10.72 28.56
C GLY B 153 -21.62 11.57 27.43
N LEU B 154 -21.74 10.97 26.25
CA LEU B 154 -22.42 11.58 25.12
C LEU B 154 -23.57 10.67 24.77
N ALA B 155 -24.69 11.28 24.40
CA ALA B 155 -25.97 10.57 24.26
C ALA B 155 -26.37 10.33 22.80
N PHE B 156 -27.04 9.19 22.57
CA PHE B 156 -27.50 8.73 21.28
C PHE B 156 -28.83 8.08 21.53
N VAL B 157 -29.83 8.41 20.72
CA VAL B 157 -31.18 7.86 20.89
C VAL B 157 -31.34 6.54 20.13
N GLN B 158 -31.94 5.56 20.78
CA GLN B 158 -32.26 4.27 20.20
C GLN B 158 -33.78 4.15 20.12
N ASP B 159 -34.35 4.14 18.91
CA ASP B 159 -35.82 4.19 18.76
C ASP B 159 -36.49 2.90 19.18
N PHE B 160 -35.74 1.81 19.10
CA PHE B 160 -36.22 0.50 19.51
C PHE B 160 -34.98 -0.38 19.75
N PRO B 161 -35.12 -1.55 20.38
CA PRO B 161 -33.95 -2.30 20.84
C PRO B 161 -32.87 -2.61 19.78
N GLU B 162 -33.27 -2.81 18.53
CA GLU B 162 -32.36 -3.21 17.46
C GLU B 162 -31.94 -2.05 16.57
N ASP B 163 -32.24 -0.82 17.03
CA ASP B 163 -31.93 0.39 16.27
C ASP B 163 -30.46 0.76 16.50
N SER B 164 -29.86 1.34 15.47
CA SER B 164 -28.50 1.89 15.56
C SER B 164 -28.55 3.31 16.11
N ALA B 165 -28.10 3.46 17.34
CA ALA B 165 -28.27 4.73 18.05
C ALA B 165 -27.37 5.78 17.44
N TRP B 166 -26.34 5.34 16.75
CA TRP B 166 -25.35 6.24 16.12
C TRP B 166 -25.99 7.17 15.09
N ALA B 167 -27.11 6.78 14.52
CA ALA B 167 -27.86 7.62 13.61
C ALA B 167 -28.52 8.83 14.29
N HIS B 168 -28.61 8.81 15.62
CA HIS B 168 -29.40 9.78 16.37
C HIS B 168 -28.60 10.41 17.51
N PRO B 169 -27.49 11.08 17.19
CA PRO B 169 -26.69 11.75 18.22
C PRO B 169 -27.47 12.91 18.83
N VAL B 170 -27.26 13.16 20.13
CA VAL B 170 -27.82 14.28 20.88
C VAL B 170 -26.73 15.32 21.11
N ASP B 171 -26.63 16.28 20.22
CA ASP B 171 -25.56 17.28 20.27
C ASP B 171 -25.96 18.37 21.24
N GLY B 172 -24.96 19.14 21.67
CA GLY B 172 -25.16 20.23 22.59
C GLY B 172 -25.16 19.80 24.04
N LEU B 173 -24.92 18.53 24.30
CA LEU B 173 -25.06 17.96 25.62
C LEU B 173 -23.94 17.00 25.95
N VAL B 174 -23.33 17.20 27.11
CA VAL B 174 -22.34 16.27 27.63
C VAL B 174 -22.37 16.31 29.14
N ALA B 175 -22.05 15.18 29.76
CA ALA B 175 -22.00 15.07 31.21
C ALA B 175 -20.75 14.34 31.65
N TYR B 176 -20.30 14.66 32.85
CA TYR B 176 -19.14 14.08 33.48
C TYR B 176 -19.60 13.37 34.75
N VAL B 177 -19.07 12.16 34.96
CA VAL B 177 -19.49 11.30 36.05
C VAL B 177 -18.29 10.68 36.78
N ASP B 178 -18.34 10.69 38.11
CA ASP B 178 -17.39 10.01 38.97
C ASP B 178 -17.93 8.60 39.18
N VAL B 179 -17.31 7.62 38.52
CA VAL B 179 -17.80 6.25 38.50
C VAL B 179 -17.49 5.44 39.75
N VAL B 180 -16.70 6.00 40.68
CA VAL B 180 -16.45 5.33 41.96
C VAL B 180 -17.38 5.82 43.06
N SER B 181 -17.45 7.14 43.27
CA SER B 181 -18.39 7.71 44.23
C SER B 181 -19.82 7.71 43.71
N LYS B 182 -19.98 7.43 42.43
CA LYS B 182 -21.28 7.37 41.76
C LYS B 182 -21.99 8.71 41.84
N GLU B 183 -21.30 9.76 41.42
CA GLU B 183 -21.83 11.12 41.38
C GLU B 183 -21.70 11.70 39.98
N VAL B 184 -22.70 12.47 39.56
CA VAL B 184 -22.60 13.29 38.35
C VAL B 184 -21.98 14.64 38.70
N THR B 185 -20.75 14.89 38.24
CA THR B 185 -20.05 16.12 38.61
C THR B 185 -20.48 17.36 37.82
N ARG B 186 -20.75 17.20 36.52
CA ARG B 186 -21.17 18.30 35.67
C ARG B 186 -22.13 17.82 34.58
N VAL B 187 -23.08 18.65 34.22
CA VAL B 187 -23.91 18.46 33.03
C VAL B 187 -23.89 19.76 32.26
N ILE B 188 -23.37 19.72 31.03
CA ILE B 188 -23.22 20.88 30.17
C ILE B 188 -24.22 20.80 29.02
N ASP B 189 -25.06 21.82 28.91
CA ASP B 189 -26.02 21.91 27.81
C ASP B 189 -25.82 23.25 27.14
N THR B 190 -25.18 23.24 25.97
CA THR B 190 -24.89 24.48 25.24
C THR B 190 -26.05 24.87 24.31
N GLY B 191 -27.09 24.05 24.28
CA GLY B 191 -28.30 24.34 23.55
C GLY B 191 -28.73 23.17 22.69
N VAL B 192 -29.98 23.20 22.26
CA VAL B 192 -30.55 22.09 21.50
C VAL B 192 -30.10 22.14 20.05
N PHE B 193 -29.79 20.95 19.52
CA PHE B 193 -29.63 20.71 18.09
C PHE B 193 -30.68 19.66 17.72
N PRO B 194 -31.16 19.70 16.50
CA PRO B 194 -32.07 18.64 16.01
C PRO B 194 -31.37 17.28 16.13
N VAL B 195 -32.09 16.27 16.61
CA VAL B 195 -31.55 14.94 16.66
C VAL B 195 -31.88 14.32 15.31
N PRO B 196 -30.87 13.95 14.52
CA PRO B 196 -31.10 13.44 13.16
C PRO B 196 -32.08 12.27 13.18
N ALA B 197 -33.00 12.26 12.22
CA ALA B 197 -34.16 11.37 12.27
C ALA B 197 -34.02 10.10 11.44
N GLU B 198 -33.29 10.14 10.33
CA GLU B 198 -33.14 8.93 9.50
C GLU B 198 -32.50 7.83 10.29
N HIS B 199 -32.99 6.62 10.11
CA HIS B 199 -32.31 5.47 10.71
C HIS B 199 -31.06 5.08 9.93
N GLY B 200 -30.17 4.35 10.60
CA GLY B 200 -28.95 3.84 10.00
C GLY B 200 -28.85 2.33 10.16
N ASN B 201 -29.98 1.66 9.98
CA ASN B 201 -30.07 0.22 10.18
C ASN B 201 -29.72 -0.55 8.90
N TYR B 202 -28.46 -0.96 8.84
CA TYR B 202 -27.85 -1.56 7.66
C TYR B 202 -28.31 -3.01 7.42
N THR B 203 -29.15 -3.55 8.29
CA THR B 203 -29.82 -4.83 8.00
C THR B 203 -31.30 -4.69 7.66
N ASP B 204 -31.83 -3.47 7.71
CA ASP B 204 -33.22 -3.20 7.33
C ASP B 204 -33.38 -3.23 5.80
N PRO B 205 -34.21 -4.17 5.30
CA PRO B 205 -34.46 -4.27 3.86
C PRO B 205 -34.88 -2.98 3.18
N GLU B 206 -35.55 -2.08 3.89
CA GLU B 206 -35.95 -0.79 3.31
C GLU B 206 -34.74 0.07 2.93
N LEU B 207 -33.63 -0.08 3.66
CA LEU B 207 -32.40 0.67 3.40
C LEU B 207 -31.43 -0.06 2.45
N THR B 208 -31.28 -1.37 2.63
CA THR B 208 -30.39 -2.17 1.79
C THR B 208 -30.95 -2.36 0.39
N GLY B 209 -32.27 -2.38 0.27
CA GLY B 209 -32.94 -2.87 -0.92
C GLY B 209 -32.80 -4.38 -1.01
N PRO B 210 -33.27 -4.95 -2.11
CA PRO B 210 -33.08 -6.38 -2.35
C PRO B 210 -31.60 -6.74 -2.35
N LEU B 211 -31.23 -7.78 -1.62
CA LEU B 211 -29.85 -8.20 -1.56
C LEU B 211 -29.43 -8.82 -2.87
N ARG B 212 -28.19 -8.51 -3.28
CA ARG B 212 -27.60 -9.06 -4.49
C ARG B 212 -27.68 -10.55 -4.53
N THR B 213 -28.02 -11.09 -5.70
CA THR B 213 -27.99 -12.54 -5.92
C THR B 213 -26.90 -12.91 -6.92
N THR B 214 -25.96 -11.99 -7.15
CA THR B 214 -25.02 -12.09 -8.25
C THR B 214 -23.66 -12.63 -7.85
N GLN B 215 -23.43 -12.81 -6.55
CA GLN B 215 -22.13 -13.27 -6.07
C GLN B 215 -22.11 -14.78 -6.04
N LYS B 216 -21.32 -15.37 -6.93
CA LYS B 216 -21.10 -16.81 -6.93
C LYS B 216 -20.01 -17.12 -5.94
N PRO B 217 -20.06 -18.30 -5.35
CA PRO B 217 -19.09 -18.66 -4.31
C PRO B 217 -17.62 -18.72 -4.76
N ILE B 218 -16.76 -18.40 -3.80
CA ILE B 218 -15.33 -18.61 -3.94
C ILE B 218 -14.93 -19.60 -2.86
N SER B 219 -14.35 -20.73 -3.25
CA SER B 219 -13.98 -21.78 -2.32
C SER B 219 -12.48 -21.82 -2.22
N ILE B 220 -11.97 -21.60 -1.01
CA ILE B 220 -10.55 -21.71 -0.71
C ILE B 220 -10.31 -22.87 0.23
N THR B 221 -9.59 -23.89 -0.24
CA THR B 221 -9.30 -25.09 0.55
C THR B 221 -7.86 -25.52 0.40
N GLN B 222 -7.42 -26.32 1.35
CA GLN B 222 -6.11 -26.91 1.36
C GLN B 222 -6.32 -28.39 1.61
N PRO B 223 -6.32 -29.19 0.55
CA PRO B 223 -6.71 -30.60 0.70
C PRO B 223 -5.73 -31.41 1.55
N GLU B 224 -4.50 -30.96 1.67
CA GLU B 224 -3.49 -31.64 2.50
C GLU B 224 -3.25 -30.90 3.81
N GLY B 225 -4.12 -29.94 4.13
CA GLY B 225 -3.97 -29.14 5.32
C GLY B 225 -3.00 -28.01 5.06
N PRO B 226 -2.71 -27.22 6.10
CA PRO B 226 -1.86 -26.04 5.95
C PRO B 226 -0.38 -26.38 6.01
N SER B 227 0.43 -25.49 5.44
CA SER B 227 1.89 -25.66 5.40
C SER B 227 2.60 -25.27 6.68
N PHE B 228 1.90 -24.64 7.62
CA PHE B 228 2.50 -24.32 8.92
C PHE B 228 2.16 -25.36 9.98
N THR B 229 3.02 -25.48 10.98
CA THR B 229 2.76 -26.29 12.17
C THR B 229 2.58 -25.42 13.40
N VAL B 230 1.77 -25.89 14.33
CA VAL B 230 1.64 -25.24 15.63
C VAL B 230 2.04 -26.26 16.69
N THR B 231 3.03 -25.91 17.50
CA THR B 231 3.45 -26.74 18.64
C THR B 231 3.56 -25.90 19.90
N GLY B 232 3.50 -26.55 21.05
CA GLY B 232 3.47 -25.85 22.32
C GLY B 232 2.33 -24.86 22.42
N GLY B 233 1.25 -25.11 21.68
CA GLY B 233 0.07 -24.26 21.67
C GLY B 233 0.15 -23.00 20.81
N ASN B 234 1.34 -22.43 20.71
CA ASN B 234 1.47 -21.14 20.02
C ASN B 234 2.79 -20.91 19.30
N HIS B 235 3.58 -21.96 19.11
CA HIS B 235 4.80 -21.87 18.34
C HIS B 235 4.50 -22.23 16.91
N ILE B 236 4.79 -21.31 16.00
CA ILE B 236 4.52 -21.47 14.59
C ILE B 236 5.82 -21.68 13.83
N GLU B 237 5.81 -22.64 12.92
CA GLU B 237 6.87 -22.81 11.94
C GLU B 237 6.23 -22.84 10.56
N TRP B 238 6.72 -21.98 9.66
CA TRP B 238 6.14 -21.88 8.33
C TRP B 238 7.17 -21.36 7.35
N GLU B 239 7.54 -22.15 6.34
CA GLU B 239 8.34 -21.66 5.21
C GLU B 239 9.59 -20.85 5.66
N LYS B 240 10.36 -21.48 6.54
CA LYS B 240 11.62 -21.00 7.11
C LYS B 240 11.43 -20.09 8.32
N TRP B 241 10.23 -19.51 8.49
CA TRP B 241 9.95 -18.66 9.64
C TRP B 241 9.64 -19.43 10.90
N SER B 242 10.01 -18.84 12.03
CA SER B 242 9.76 -19.38 13.35
C SER B 242 9.27 -18.21 14.21
N LEU B 243 8.21 -18.40 15.00
CA LEU B 243 7.77 -17.38 15.95
C LEU B 243 6.80 -17.94 16.97
N ASP B 244 6.57 -17.16 18.02
CA ASP B 244 5.54 -17.48 19.01
C ASP B 244 4.46 -16.41 19.01
N VAL B 245 3.22 -16.84 18.95
CA VAL B 245 2.07 -15.94 18.94
C VAL B 245 1.55 -15.74 20.36
N GLY B 246 1.84 -14.58 20.92
CA GLY B 246 1.34 -14.21 22.23
C GLY B 246 0.04 -13.41 22.15
N PHE B 247 -0.57 -13.23 23.32
CA PHE B 247 -1.78 -12.44 23.42
C PHE B 247 -1.82 -11.77 24.76
N ASP B 248 -2.10 -10.46 24.73
CA ASP B 248 -2.22 -9.67 25.92
C ASP B 248 -3.51 -8.86 25.85
N VAL B 249 -4.16 -8.67 26.99
CA VAL B 249 -5.43 -8.00 27.03
C VAL B 249 -5.35 -6.50 26.63
N ARG B 250 -4.20 -5.88 26.86
CA ARG B 250 -3.98 -4.51 26.44
C ARG B 250 -3.63 -4.45 24.95
N GLU B 251 -2.57 -5.15 24.55
CA GLU B 251 -2.00 -5.00 23.21
C GLU B 251 -2.66 -5.83 22.14
N GLY B 252 -3.29 -6.92 22.56
CA GLY B 252 -3.86 -7.91 21.65
C GLY B 252 -2.80 -8.91 21.25
N VAL B 253 -2.77 -9.28 19.97
CA VAL B 253 -1.79 -10.26 19.48
C VAL B 253 -0.41 -9.61 19.55
N VAL B 254 0.51 -10.36 20.13
CA VAL B 254 1.92 -9.97 20.26
C VAL B 254 2.78 -11.04 19.64
N LEU B 255 3.69 -10.68 18.73
CA LEU B 255 4.59 -11.67 18.13
C LEU B 255 5.93 -11.68 18.84
N HIS B 256 6.41 -12.87 19.14
CA HIS B 256 7.67 -13.07 19.86
C HIS B 256 8.63 -13.90 19.01
N ASN B 257 9.92 -13.62 19.11
CA ASN B 257 10.97 -14.49 18.56
C ASN B 257 10.85 -14.76 17.05
N ILE B 258 10.54 -13.71 16.28
CA ILE B 258 10.48 -13.84 14.85
C ILE B 258 11.88 -14.09 14.36
N ALA B 259 12.06 -15.23 13.73
CA ALA B 259 13.36 -15.68 13.26
C ALA B 259 13.19 -16.40 11.92
N PHE B 260 14.27 -16.49 11.14
CA PHE B 260 14.22 -17.12 9.81
C PHE B 260 15.33 -18.17 9.73
N ARG B 261 15.00 -19.40 9.30
CA ARG B 261 15.98 -20.47 9.17
C ARG B 261 16.66 -20.38 7.81
N ASP B 262 17.87 -19.84 7.82
CA ASP B 262 18.67 -19.63 6.62
C ASP B 262 19.71 -20.73 6.61
N GLY B 263 19.47 -21.74 5.80
CA GLY B 263 20.33 -22.91 5.78
C GLY B 263 20.20 -23.58 7.11
N ASP B 264 21.31 -23.75 7.81
CA ASP B 264 21.31 -24.49 9.06
C ASP B 264 21.04 -23.61 10.28
N ARG B 265 21.14 -22.29 10.11
CA ARG B 265 21.09 -21.37 11.24
C ARG B 265 19.75 -20.66 11.40
N LEU B 266 19.23 -20.65 12.62
CA LEU B 266 18.04 -19.90 12.97
C LEU B 266 18.48 -18.47 13.29
N ARG B 267 18.10 -17.52 12.43
CA ARG B 267 18.57 -16.16 12.54
C ARG B 267 17.44 -15.29 13.07
N PRO B 268 17.62 -14.68 14.24
CA PRO B 268 16.60 -13.78 14.77
C PRO B 268 16.47 -12.54 13.90
N ILE B 269 15.26 -11.99 13.87
CA ILE B 269 15.02 -10.71 13.21
C ILE B 269 14.37 -9.71 14.17
N ILE B 270 13.21 -10.08 14.72
CA ILE B 270 12.50 -9.26 15.70
C ILE B 270 12.20 -10.02 16.97
N ASN B 271 12.64 -9.52 18.09
CA ASN B 271 12.40 -10.17 19.37
C ASN B 271 10.97 -10.02 19.83
N ARG B 272 10.40 -8.82 19.70
CA ARG B 272 8.99 -8.65 20.06
C ARG B 272 8.36 -7.59 19.19
N ALA B 273 7.17 -7.89 18.67
CA ALA B 273 6.42 -6.96 17.82
C ALA B 273 5.01 -6.84 18.33
N SER B 274 4.54 -5.61 18.52
CA SER B 274 3.21 -5.39 19.02
C SER B 274 2.74 -4.01 18.60
N ILE B 275 1.44 -3.80 18.70
CA ILE B 275 0.87 -2.45 18.63
C ILE B 275 0.72 -2.00 20.09
N ALA B 276 1.60 -1.10 20.52
CA ALA B 276 1.75 -0.78 21.94
C ALA B 276 0.83 0.35 22.39
N GLU B 277 0.26 1.08 21.43
CA GLU B 277 -0.80 2.07 21.68
C GLU B 277 -1.53 2.36 20.40
N MET B 278 -2.73 2.89 20.53
CA MET B 278 -3.46 3.43 19.42
C MET B 278 -4.41 4.50 19.98
N VAL B 279 -4.44 5.66 19.34
CA VAL B 279 -5.26 6.77 19.78
C VAL B 279 -6.08 7.36 18.67
N VAL B 280 -7.29 7.76 19.03
CA VAL B 280 -8.23 8.37 18.09
C VAL B 280 -8.56 9.78 18.54
N PRO B 281 -7.74 10.77 18.16
CA PRO B 281 -8.06 12.15 18.51
C PRO B 281 -9.05 12.79 17.56
N TYR B 282 -9.98 13.57 18.12
CA TYR B 282 -10.99 14.27 17.33
C TYR B 282 -10.68 15.75 17.14
N GLY B 283 -11.01 16.25 15.96
CA GLY B 283 -10.63 17.56 15.48
C GLY B 283 -11.78 18.56 15.41
N ASP B 284 -12.84 18.33 16.18
CA ASP B 284 -14.00 19.21 16.29
C ASP B 284 -13.83 20.10 17.54
N PRO B 285 -13.74 21.41 17.35
CA PRO B 285 -13.56 22.33 18.48
C PRO B 285 -14.82 22.60 19.32
N SER B 286 -15.96 21.98 19.01
CA SER B 286 -17.12 22.09 19.88
C SER B 286 -16.74 21.60 21.28
N PRO B 287 -17.15 22.31 22.32
CA PRO B 287 -16.93 21.83 23.70
C PRO B 287 -17.61 20.50 24.01
N ILE B 288 -18.60 20.12 23.22
CA ILE B 288 -19.25 18.83 23.41
C ILE B 288 -18.30 17.67 23.13
N ARG B 289 -17.34 17.89 22.22
CA ARG B 289 -16.43 16.83 21.79
C ARG B 289 -14.95 17.21 21.80
N SER B 290 -14.58 18.44 22.13
CA SER B 290 -13.20 18.85 21.95
C SER B 290 -12.20 18.17 22.90
N TRP B 291 -12.73 17.46 23.89
CA TRP B 291 -11.94 16.73 24.88
C TRP B 291 -11.71 15.29 24.44
N GLN B 292 -12.27 14.85 23.32
CA GLN B 292 -12.29 13.43 23.06
C GLN B 292 -11.06 12.92 22.31
N ASN B 293 -10.40 11.94 22.94
CA ASN B 293 -9.23 11.28 22.40
C ASN B 293 -9.24 9.90 22.97
N TYR B 294 -9.52 8.89 22.15
CA TYR B 294 -9.70 7.56 22.69
C TYR B 294 -8.45 6.73 22.46
N PHE B 295 -7.77 6.39 23.56
CA PHE B 295 -6.63 5.48 23.52
C PHE B 295 -7.20 4.08 23.67
N ASP B 296 -7.59 3.53 22.54
CA ASP B 296 -8.28 2.25 22.55
C ASP B 296 -7.41 1.19 23.26
N THR B 297 -6.10 1.21 23.02
CA THR B 297 -5.20 0.23 23.63
C THR B 297 -4.95 0.52 25.09
N GLY B 298 -4.46 1.73 25.39
CA GLY B 298 -4.05 2.09 26.74
C GLY B 298 -5.14 2.33 27.76
N GLU B 299 -6.27 2.87 27.31
CA GLU B 299 -7.40 3.19 28.17
C GLU B 299 -8.44 2.07 28.22
N TYR B 300 -8.72 1.48 27.09
CA TYR B 300 -9.80 0.49 27.02
C TYR B 300 -9.36 -0.97 27.00
N LEU B 301 -8.15 -1.23 26.50
CA LEU B 301 -7.57 -2.57 26.37
C LEU B 301 -8.18 -3.35 25.20
N VAL B 302 -7.55 -3.28 24.03
CA VAL B 302 -8.18 -3.82 22.82
C VAL B 302 -8.27 -5.33 22.84
N GLY B 303 -7.31 -5.99 23.46
CA GLY B 303 -7.36 -7.45 23.51
C GLY B 303 -8.59 -7.95 24.23
N GLN B 304 -9.02 -7.25 25.26
CA GLN B 304 -10.12 -7.74 26.10
C GLN B 304 -11.44 -7.82 25.33
N TYR B 305 -11.56 -7.04 24.25
CA TYR B 305 -12.77 -6.96 23.43
C TYR B 305 -12.63 -7.63 22.06
N ALA B 306 -11.62 -8.49 21.94
CA ALA B 306 -11.38 -9.23 20.72
C ALA B 306 -12.61 -10.06 20.43
N ASN B 307 -13.02 -10.07 19.16
CA ASN B 307 -14.20 -10.82 18.73
C ASN B 307 -13.90 -12.31 18.63
N SER B 308 -14.94 -13.12 18.83
CA SER B 308 -14.93 -14.51 18.37
C SER B 308 -15.18 -14.52 16.86
N LEU B 309 -14.24 -15.07 16.10
CA LEU B 309 -14.19 -14.95 14.63
C LEU B 309 -14.76 -16.18 13.94
N GLU B 310 -15.86 -15.98 13.20
CA GLU B 310 -16.63 -17.05 12.57
C GLU B 310 -15.98 -17.54 11.28
N LEU B 311 -15.88 -18.85 11.13
CA LEU B 311 -15.25 -19.45 9.95
C LEU B 311 -16.09 -19.21 8.70
N GLY B 312 -15.41 -18.91 7.59
CA GLY B 312 -16.07 -18.59 6.33
C GLY B 312 -16.65 -17.20 6.27
N CYS B 313 -16.65 -16.48 7.39
CA CYS B 313 -17.22 -15.17 7.47
C CYS B 313 -16.09 -14.18 7.80
N ASP B 314 -15.47 -14.34 8.96
CA ASP B 314 -14.35 -13.48 9.38
C ASP B 314 -13.01 -13.91 8.81
N CYS B 315 -12.75 -15.20 8.78
CA CYS B 315 -11.50 -15.74 8.30
C CYS B 315 -11.81 -16.86 7.32
N LEU B 316 -11.34 -16.72 6.08
CA LEU B 316 -11.71 -17.61 5.00
C LEU B 316 -10.53 -18.51 4.64
N GLY B 317 -10.82 -19.79 4.40
CA GLY B 317 -9.80 -20.75 4.02
C GLY B 317 -9.61 -21.80 5.10
N ASP B 318 -8.47 -22.46 5.09
CA ASP B 318 -8.11 -23.44 6.11
C ASP B 318 -7.51 -22.70 7.30
N ILE B 319 -8.32 -22.50 8.33
CA ILE B 319 -7.96 -21.63 9.46
C ILE B 319 -7.59 -22.46 10.69
N THR B 320 -6.50 -22.08 11.35
CA THR B 320 -6.15 -22.60 12.67
C THR B 320 -6.37 -21.48 13.67
N TYR B 321 -7.16 -21.76 14.70
CA TYR B 321 -7.54 -20.75 15.69
C TYR B 321 -6.76 -20.94 16.99
N LEU B 322 -6.45 -19.82 17.65
CA LEU B 322 -6.09 -19.81 19.06
C LEU B 322 -7.25 -19.17 19.81
N SER B 323 -7.47 -19.64 21.03
CA SER B 323 -8.51 -19.13 21.90
C SER B 323 -7.85 -18.65 23.17
N PRO B 324 -7.42 -17.39 23.19
CA PRO B 324 -6.68 -16.86 24.34
C PRO B 324 -7.56 -16.76 25.58
N VAL B 325 -6.93 -16.89 26.75
CA VAL B 325 -7.60 -16.79 28.03
C VAL B 325 -7.17 -15.51 28.70
N ILE B 326 -8.15 -14.79 29.23
CA ILE B 326 -7.91 -13.56 30.00
C ILE B 326 -8.62 -13.66 31.36
N SER B 327 -8.34 -12.69 32.22
CA SER B 327 -8.98 -12.65 33.53
C SER B 327 -10.23 -11.80 33.43
N ASP B 328 -11.29 -12.18 34.11
CA ASP B 328 -12.39 -11.25 34.33
C ASP B 328 -12.06 -10.34 35.51
N ALA B 329 -13.02 -9.54 35.95
CA ALA B 329 -12.74 -8.54 36.97
C ALA B 329 -12.43 -9.15 38.34
N PHE B 330 -12.77 -10.42 38.53
CA PHE B 330 -12.58 -11.08 39.81
C PHE B 330 -11.40 -12.03 39.82
N GLY B 331 -10.72 -12.17 38.68
CA GLY B 331 -9.58 -13.08 38.56
C GLY B 331 -9.92 -14.48 38.07
N ASN B 332 -11.16 -14.69 37.64
CA ASN B 332 -11.55 -15.95 37.03
C ASN B 332 -11.17 -15.95 35.55
N PRO B 333 -10.65 -17.05 35.03
CA PRO B 333 -10.29 -17.13 33.60
C PRO B 333 -11.53 -17.12 32.69
N ARG B 334 -11.37 -16.47 31.55
CA ARG B 334 -12.41 -16.32 30.55
C ARG B 334 -11.73 -16.53 29.21
N GLU B 335 -12.27 -17.42 28.40
CA GLU B 335 -11.72 -17.71 27.09
C GLU B 335 -12.35 -16.83 26.04
N ILE B 336 -11.54 -16.33 25.12
CA ILE B 336 -12.02 -15.72 23.90
C ILE B 336 -11.95 -16.77 22.81
N ARG B 337 -13.06 -17.45 22.56
CA ARG B 337 -13.09 -18.55 21.63
C ARG B 337 -12.83 -18.05 20.22
N ASN B 338 -11.89 -18.68 19.53
CA ASN B 338 -11.57 -18.39 18.14
C ASN B 338 -11.24 -16.91 17.99
N GLY B 339 -10.50 -16.45 18.96
CA GLY B 339 -10.10 -15.03 18.99
C GLY B 339 -8.95 -14.69 18.05
N ILE B 340 -8.11 -15.65 17.65
CA ILE B 340 -6.96 -15.39 16.77
C ILE B 340 -7.05 -16.31 15.59
N CYS B 341 -7.02 -15.77 14.38
CA CYS B 341 -6.99 -16.59 13.17
C CYS B 341 -5.58 -16.75 12.70
N MET B 342 -5.25 -17.95 12.23
CA MET B 342 -3.97 -18.22 11.62
C MET B 342 -4.19 -18.99 10.34
N HIS B 343 -3.66 -18.49 9.24
CA HIS B 343 -3.75 -19.21 7.96
C HIS B 343 -2.70 -18.71 6.98
N GLU B 344 -2.41 -19.49 5.96
CA GLU B 344 -1.57 -19.03 4.86
C GLU B 344 -2.42 -18.75 3.63
N GLU B 345 -2.01 -17.79 2.81
CA GLU B 345 -2.73 -17.54 1.59
C GLU B 345 -1.80 -17.23 0.44
N ASP B 346 -2.29 -17.52 -0.75
CA ASP B 346 -1.59 -17.23 -1.97
C ASP B 346 -1.44 -15.71 -2.08
N TRP B 347 -0.30 -15.26 -2.59
CA TRP B 347 -0.03 -13.83 -2.75
C TRP B 347 0.55 -13.49 -4.14
N GLY B 348 -0.05 -14.06 -5.17
CA GLY B 348 0.28 -13.71 -6.55
C GLY B 348 1.68 -14.16 -6.95
N ILE B 349 2.29 -13.44 -7.89
CA ILE B 349 3.59 -13.82 -8.41
C ILE B 349 4.69 -13.39 -7.42
N LEU B 350 5.59 -14.33 -7.14
CA LEU B 350 6.77 -14.10 -6.34
C LEU B 350 7.93 -13.58 -7.16
N ALA B 351 8.21 -14.23 -8.29
CA ALA B 351 9.32 -13.87 -9.17
C ALA B 351 9.06 -14.49 -10.53
N LYS B 352 9.47 -13.79 -11.57
CA LYS B 352 9.14 -14.19 -12.92
C LYS B 352 10.15 -13.60 -13.88
N HIS B 353 10.63 -14.41 -14.81
CA HIS B 353 11.44 -13.92 -15.89
C HIS B 353 11.38 -14.88 -17.07
N SER B 354 11.21 -14.31 -18.26
CA SER B 354 11.27 -15.04 -19.51
C SER B 354 12.49 -14.51 -20.27
N ASP B 355 13.56 -15.29 -20.32
CA ASP B 355 14.82 -14.76 -20.82
C ASP B 355 15.04 -14.98 -22.31
N LEU B 356 15.33 -13.88 -22.99
CA LEU B 356 15.58 -13.81 -24.43
C LEU B 356 16.76 -14.66 -24.91
N TRP B 357 17.80 -14.80 -24.09
CA TRP B 357 19.03 -15.47 -24.53
C TRP B 357 19.12 -16.92 -24.08
N SER B 358 18.67 -17.23 -22.88
CA SER B 358 18.74 -18.59 -22.36
C SER B 358 17.55 -19.47 -22.79
N GLY B 359 16.46 -18.84 -23.23
CA GLY B 359 15.22 -19.53 -23.54
C GLY B 359 14.43 -20.06 -22.34
N ILE B 360 14.91 -19.79 -21.12
CA ILE B 360 14.29 -20.32 -19.91
C ILE B 360 13.17 -19.39 -19.45
N ASN B 361 11.99 -19.96 -19.26
CA ASN B 361 10.84 -19.27 -18.70
C ASN B 361 10.59 -19.79 -17.30
N TYR B 362 10.42 -18.85 -16.36
CA TYR B 362 10.44 -19.15 -14.95
C TYR B 362 9.39 -18.30 -14.27
N THR B 363 8.56 -18.96 -13.47
CA THR B 363 7.53 -18.28 -12.69
C THR B 363 7.38 -18.98 -11.36
N ARG B 364 7.31 -18.23 -10.27
CA ARG B 364 7.03 -18.79 -8.95
C ARG B 364 5.95 -17.97 -8.26
N ARG B 365 5.10 -18.62 -7.46
CA ARG B 365 4.03 -17.97 -6.69
C ARG B 365 4.50 -17.61 -5.29
N ASN B 366 3.98 -16.50 -4.79
CA ASN B 366 4.22 -16.06 -3.43
C ASN B 366 3.12 -16.57 -2.50
N ARG B 367 3.42 -16.60 -1.21
CA ARG B 367 2.42 -16.79 -0.16
C ARG B 367 2.77 -15.98 1.05
N ARG B 368 1.78 -15.80 1.92
CA ARG B 368 2.04 -15.20 3.22
C ARG B 368 1.29 -15.91 4.34
N MET B 369 1.93 -15.98 5.49
CA MET B 369 1.31 -16.42 6.72
C MET B 369 0.63 -15.23 7.34
N VAL B 370 -0.59 -15.42 7.79
CA VAL B 370 -1.43 -14.37 8.35
C VAL B 370 -1.79 -14.70 9.81
N ILE B 371 -1.53 -13.76 10.73
CA ILE B 371 -1.98 -13.89 12.10
C ILE B 371 -2.77 -12.66 12.44
N SER B 372 -4.04 -12.81 12.78
CA SER B 372 -4.95 -11.68 12.97
C SER B 372 -5.93 -11.84 14.13
N PHE B 373 -6.44 -10.70 14.58
CA PHE B 373 -7.59 -10.63 15.45
C PHE B 373 -8.41 -9.38 15.10
N PHE B 374 -9.65 -9.35 15.57
CA PHE B 374 -10.56 -8.22 15.33
C PHE B 374 -11.15 -7.83 16.65
N THR B 375 -11.16 -6.54 16.96
CA THR B 375 -11.71 -6.05 18.20
C THR B 375 -12.78 -5.00 17.93
N THR B 376 -13.61 -4.77 18.93
CA THR B 376 -14.68 -3.79 18.89
C THR B 376 -14.57 -2.89 20.11
N ILE B 377 -14.49 -1.59 19.88
CA ILE B 377 -14.41 -0.58 20.93
C ILE B 377 -15.52 0.43 20.63
N GLY B 378 -16.69 0.24 21.25
CA GLY B 378 -17.86 1.07 21.01
C GLY B 378 -18.35 1.06 19.57
N ASN B 379 -18.25 2.19 18.88
CA ASN B 379 -18.58 2.26 17.46
C ASN B 379 -17.52 1.68 16.52
N TPQ B 380 -16.27 1.65 16.95
CA TPQ B 380 -15.17 1.24 16.06
CB TPQ B 380 -13.74 1.71 16.41
C TPQ B 380 -14.98 -0.27 16.09
O TPQ B 380 -15.19 -0.85 17.13
C1 TPQ B 380 -13.64 3.12 16.86
C2 TPQ B 380 -13.87 4.24 15.91
O2 TPQ B 380 -14.15 4.00 14.71
C3 TPQ B 380 -13.77 5.63 16.39
C4 TPQ B 380 -13.44 5.89 17.72
O4 TPQ B 380 -13.37 7.09 18.14
C5 TPQ B 380 -13.18 4.78 18.67
O5 TPQ B 380 -12.86 5.02 19.87
C6 TPQ B 380 -13.29 3.39 18.19
H TPQ B 380 -16.01 1.93 17.88
HA TPQ B 380 -15.38 1.55 15.02
HB2 TPQ B 380 -13.32 1.06 17.18
HB3 TPQ B 380 -13.11 1.58 15.52
H3 TPQ B 380 -13.95 6.45 15.71
H6 TPQ B 380 -13.12 2.57 18.86
N ASP B 381 -14.55 -0.85 14.97
CA ASP B 381 -14.09 -2.24 14.96
C ASP B 381 -12.82 -2.26 14.14
N TYR B 382 -11.80 -2.94 14.65
CA TYR B 382 -10.49 -2.91 14.03
C TYR B 382 -9.92 -4.30 13.93
N GLY B 383 -9.38 -4.61 12.76
CA GLY B 383 -8.64 -5.83 12.48
C GLY B 383 -7.15 -5.54 12.50
N PHE B 384 -6.39 -6.34 13.24
CA PHE B 384 -4.95 -6.23 13.36
C PHE B 384 -4.35 -7.43 12.63
N TYR B 385 -3.59 -7.20 11.57
CA TYR B 385 -3.06 -8.30 10.73
C TYR B 385 -1.55 -8.25 10.67
N TRP B 386 -0.88 -9.35 11.02
CA TRP B 386 0.53 -9.53 10.78
C TRP B 386 0.74 -10.54 9.67
N TYR B 387 1.67 -10.23 8.78
CA TYR B 387 1.99 -11.04 7.61
C TYR B 387 3.48 -11.35 7.58
N LEU B 388 3.81 -12.61 7.27
CA LEU B 388 5.17 -13.02 6.97
C LEU B 388 5.15 -13.57 5.54
N TYR B 389 6.07 -13.12 4.70
CA TYR B 389 6.10 -13.47 3.28
C TYR B 389 7.26 -14.39 2.99
N LEU B 390 7.17 -15.17 1.90
CA LEU B 390 8.25 -16.10 1.56
C LEU B 390 9.61 -15.44 1.46
N ASP B 391 9.61 -14.20 0.97
CA ASP B 391 10.84 -13.51 0.64
C ASP B 391 11.48 -12.78 1.82
N GLY B 392 10.94 -12.97 3.02
CA GLY B 392 11.54 -12.41 4.22
C GLY B 392 10.86 -11.13 4.66
N THR B 393 9.93 -10.63 3.86
CA THR B 393 9.19 -9.43 4.26
C THR B 393 8.26 -9.65 5.45
N ILE B 394 8.17 -8.67 6.32
CA ILE B 394 7.30 -8.66 7.48
C ILE B 394 6.43 -7.41 7.34
N GLU B 395 5.14 -7.57 7.55
CA GLU B 395 4.18 -6.49 7.37
C GLU B 395 3.11 -6.51 8.45
N PHE B 396 2.65 -5.34 8.82
CA PHE B 396 1.47 -5.15 9.60
C PHE B 396 0.44 -4.33 8.85
N GLU B 397 -0.83 -4.68 9.01
CA GLU B 397 -1.91 -3.94 8.42
C GLU B 397 -3.01 -3.82 9.46
N ALA B 398 -3.52 -2.62 9.66
CA ALA B 398 -4.75 -2.39 10.41
C ALA B 398 -5.91 -2.11 9.48
N LYS B 399 -7.07 -2.73 9.76
CA LYS B 399 -8.26 -2.53 8.95
C LYS B 399 -9.30 -1.87 9.84
N ALA B 400 -9.68 -0.66 9.47
CA ALA B 400 -10.63 0.11 10.25
C ALA B 400 -12.00 0.08 9.65
N THR B 401 -12.97 -0.25 10.48
CA THR B 401 -14.38 -0.29 10.08
C THR B 401 -15.25 0.01 11.31
N GLY B 402 -16.52 -0.40 11.29
CA GLY B 402 -17.46 -0.07 12.33
C GLY B 402 -18.42 1.01 11.85
N VAL B 403 -18.92 1.79 12.78
CA VAL B 403 -19.83 2.89 12.49
C VAL B 403 -19.09 4.16 12.87
N VAL B 404 -19.16 5.18 12.04
CA VAL B 404 -18.48 6.43 12.41
C VAL B 404 -19.14 7.11 13.60
N PHE B 405 -18.32 7.78 14.40
CA PHE B 405 -18.84 8.54 15.55
C PHE B 405 -19.50 9.81 15.05
N THR B 406 -20.74 10.04 15.46
CA THR B 406 -21.56 11.09 14.87
C THR B 406 -21.81 12.26 15.82
N SER B 407 -22.32 13.32 15.21
CA SER B 407 -22.73 14.56 15.86
C SER B 407 -23.88 15.11 15.02
N ALA B 408 -24.41 16.27 15.42
CA ALA B 408 -25.23 17.05 14.52
C ALA B 408 -24.36 17.66 13.43
N PHE B 409 -24.95 17.90 12.27
CA PHE B 409 -24.27 18.70 11.26
C PHE B 409 -24.83 20.10 11.37
N PRO B 410 -23.98 21.08 11.69
CA PRO B 410 -24.44 22.46 11.90
C PRO B 410 -25.11 23.07 10.69
N GLU B 411 -26.13 23.89 10.95
CA GLU B 411 -26.74 24.68 9.92
C GLU B 411 -25.66 25.63 9.44
N GLY B 412 -25.49 25.73 8.14
CA GLY B 412 -24.45 26.59 7.61
C GLY B 412 -23.09 25.95 7.51
N GLY B 413 -23.00 24.65 7.79
CA GLY B 413 -21.78 23.89 7.59
C GLY B 413 -20.75 23.91 8.70
N SER B 414 -19.62 23.27 8.41
CA SER B 414 -18.54 23.13 9.37
C SER B 414 -17.20 22.91 8.68
N ASP B 415 -16.16 23.52 9.24
CA ASP B 415 -14.81 23.22 8.82
C ASP B 415 -14.23 21.98 9.50
N ASN B 416 -14.96 21.36 10.44
CA ASN B 416 -14.39 20.26 11.25
C ASN B 416 -15.26 19.00 11.34
N ILE B 417 -16.32 18.98 10.55
CA ILE B 417 -17.35 17.94 10.60
C ILE B 417 -17.85 17.76 9.18
N SER B 418 -18.05 16.51 8.78
CA SER B 418 -18.61 16.11 7.50
C SER B 418 -20.10 15.85 7.62
N GLN B 419 -20.86 16.13 6.58
CA GLN B 419 -22.27 15.71 6.54
C GLN B 419 -22.44 14.29 5.96
N LEU B 420 -23.22 13.45 6.64
CA LEU B 420 -23.46 12.06 6.20
C LEU B 420 -24.88 11.79 5.73
N ALA B 421 -25.81 12.51 6.32
CA ALA B 421 -27.24 12.37 6.09
C ALA B 421 -27.86 13.66 6.57
N PRO B 422 -29.13 13.93 6.26
CA PRO B 422 -29.78 15.17 6.68
C PRO B 422 -29.66 15.44 8.18
N GLY B 423 -28.94 16.50 8.55
CA GLY B 423 -28.74 16.87 9.93
C GLY B 423 -27.67 16.07 10.68
N LEU B 424 -27.10 15.05 10.03
CA LEU B 424 -26.17 14.14 10.67
C LEU B 424 -24.73 14.44 10.24
N GLY B 425 -23.86 14.65 11.23
CA GLY B 425 -22.45 14.90 10.99
C GLY B 425 -21.55 13.82 11.52
N ALA B 426 -20.27 13.88 11.11
CA ALA B 426 -19.21 13.03 11.59
C ALA B 426 -17.97 13.90 11.77
N PRO B 427 -17.60 14.18 13.01
CA PRO B 427 -16.41 14.99 13.26
C PRO B 427 -15.14 14.33 12.71
N PHE B 428 -14.25 15.17 12.22
CA PHE B 428 -12.95 14.75 11.72
C PHE B 428 -12.12 14.19 12.89
N HIS B 429 -11.29 13.21 12.58
CA HIS B 429 -10.51 12.53 13.59
C HIS B 429 -9.37 11.77 12.91
N GLN B 430 -8.46 11.24 13.70
CA GLN B 430 -7.36 10.41 13.22
C GLN B 430 -7.41 9.08 13.98
N HIS B 431 -6.80 8.04 13.42
CA HIS B 431 -6.59 6.78 14.14
C HIS B 431 -5.11 6.54 14.05
N ILE B 432 -4.37 6.68 15.16
CA ILE B 432 -2.92 6.65 15.08
C ILE B 432 -2.36 5.53 15.96
N PHE B 433 -1.58 4.67 15.34
CA PHE B 433 -1.00 3.53 15.97
C PHE B 433 0.48 3.74 16.27
N SER B 434 0.97 3.01 17.28
CA SER B 434 2.40 2.90 17.57
C SER B 434 2.79 1.43 17.57
N ALA B 435 3.67 1.04 16.65
CA ALA B 435 4.17 -0.32 16.62
C ALA B 435 5.49 -0.29 17.39
N ARG B 436 5.61 -1.16 18.38
CA ARG B 436 6.83 -1.30 19.15
C ARG B 436 7.52 -2.56 18.68
N LEU B 437 8.68 -2.39 18.09
CA LEU B 437 9.45 -3.48 17.47
C LEU B 437 10.75 -3.55 18.20
N ASP B 438 10.83 -4.46 19.15
CA ASP B 438 12.08 -4.76 19.88
C ASP B 438 12.91 -5.58 18.92
N MET B 439 13.87 -4.93 18.28
CA MET B 439 14.64 -5.51 17.20
C MET B 439 15.66 -6.52 17.69
N ALA B 440 15.92 -7.51 16.84
CA ALA B 440 17.01 -8.46 17.07
C ALA B 440 17.58 -8.96 15.74
N ILE B 441 18.01 -8.04 14.90
CA ILE B 441 18.59 -8.40 13.61
C ILE B 441 19.86 -9.21 13.80
N ASP B 442 19.76 -10.50 13.53
CA ASP B 442 20.86 -11.45 13.74
C ASP B 442 21.38 -11.43 15.20
N GLY B 443 20.49 -11.16 16.14
CA GLY B 443 20.84 -10.99 17.54
C GLY B 443 20.59 -9.58 18.00
N PHE B 444 20.99 -9.28 19.23
CA PHE B 444 20.57 -8.02 19.88
C PHE B 444 21.43 -6.80 19.58
N THR B 445 22.66 -6.99 19.10
CA THR B 445 23.55 -5.86 18.83
C THR B 445 23.12 -5.18 17.51
N ASN B 446 22.29 -4.15 17.63
CA ASN B 446 21.71 -3.51 16.46
C ASN B 446 21.93 -1.99 16.45
N ARG B 447 21.72 -1.40 15.29
CA ARG B 447 21.66 0.05 15.17
C ARG B 447 20.71 0.45 14.05
N VAL B 448 20.34 1.72 14.04
CA VAL B 448 19.40 2.27 13.06
C VAL B 448 20.06 3.39 12.28
N GLU B 449 19.89 3.36 10.96
CA GLU B 449 20.28 4.44 10.07
C GLU B 449 19.07 4.98 9.38
N GLU B 450 19.03 6.29 9.21
CA GLU B 450 18.06 6.93 8.38
C GLU B 450 18.67 7.03 6.98
N GLU B 451 17.96 6.53 5.97
CA GLU B 451 18.42 6.56 4.59
C GLU B 451 17.56 7.48 3.73
N ASP B 452 18.18 8.51 3.15
CA ASP B 452 17.53 9.38 2.20
C ASP B 452 18.13 9.20 0.82
N VAL B 453 17.29 9.36 -0.20
CA VAL B 453 17.76 9.55 -1.57
C VAL B 453 18.51 10.89 -1.62
N VAL B 454 19.58 10.91 -2.40
CA VAL B 454 20.42 12.09 -2.62
C VAL B 454 20.43 12.43 -4.10
N ARG B 455 19.95 13.63 -4.42
CA ARG B 455 19.99 14.12 -5.80
C ARG B 455 21.34 14.79 -6.01
N GLN B 456 21.82 14.73 -7.25
CA GLN B 456 23.17 15.19 -7.60
C GLN B 456 23.06 16.21 -8.72
N THR B 457 23.93 17.21 -8.67
CA THR B 457 23.94 18.28 -9.64
C THR B 457 24.74 17.92 -10.88
N MET B 458 24.25 18.36 -12.03
CA MET B 458 24.94 18.18 -13.29
C MET B 458 26.22 19.01 -13.23
N GLY B 459 27.32 18.41 -13.65
CA GLY B 459 28.62 19.04 -13.56
C GLY B 459 29.70 17.98 -13.60
N PRO B 460 30.91 18.35 -13.19
CA PRO B 460 32.04 17.41 -13.15
C PRO B 460 31.76 16.11 -12.38
N GLY B 461 32.05 14.99 -13.01
CA GLY B 461 31.72 13.68 -12.46
C GLY B 461 30.30 13.24 -12.80
N ASN B 462 29.48 14.12 -13.34
CA ASN B 462 28.07 13.85 -13.59
C ASN B 462 27.62 14.72 -14.75
N GLU B 463 28.31 14.58 -15.88
CA GLU B 463 28.21 15.54 -16.98
C GLU B 463 26.84 15.52 -17.67
N ARG B 464 26.20 14.35 -17.70
CA ARG B 464 24.83 14.22 -18.25
C ARG B 464 23.73 14.47 -17.23
N GLY B 465 24.07 14.66 -15.96
CA GLY B 465 23.08 15.05 -14.96
C GLY B 465 22.07 13.95 -14.68
N ASN B 466 22.53 12.72 -14.76
CA ASN B 466 21.68 11.55 -14.51
C ASN B 466 21.94 10.89 -13.16
N ALA B 467 23.06 11.17 -12.52
CA ALA B 467 23.44 10.43 -11.31
C ALA B 467 22.47 10.72 -10.17
N PHE B 468 22.16 9.68 -9.39
CA PHE B 468 21.58 9.86 -8.08
C PHE B 468 22.11 8.78 -7.15
N SER B 469 22.02 9.07 -5.86
CA SER B 469 22.65 8.28 -4.82
C SER B 469 21.74 8.21 -3.58
N ARG B 470 22.31 7.83 -2.45
CA ARG B 470 21.65 7.84 -1.17
C ARG B 470 22.67 8.10 -0.08
N LYS B 471 22.17 8.43 1.10
CA LYS B 471 23.01 8.62 2.26
C LYS B 471 22.34 7.94 3.43
N ARG B 472 23.16 7.49 4.38
CA ARG B 472 22.69 6.83 5.57
C ARG B 472 23.33 7.56 6.75
N THR B 473 22.51 7.88 7.74
CA THR B 473 22.96 8.58 8.93
C THR B 473 22.63 7.68 10.12
N VAL B 474 23.66 7.24 10.83
CA VAL B 474 23.49 6.43 12.03
C VAL B 474 22.93 7.29 13.14
N LEU B 475 21.93 6.76 13.83
CA LEU B 475 21.36 7.37 15.01
C LEU B 475 22.13 6.80 16.17
N THR B 476 23.00 7.62 16.76
CA THR B 476 23.95 7.07 17.75
C THR B 476 23.45 7.05 19.17
N ARG B 477 22.62 8.03 19.53
CA ARG B 477 22.10 8.18 20.89
C ARG B 477 20.61 8.54 20.85
N GLU B 478 19.88 8.24 21.93
CA GLU B 478 18.42 8.44 21.91
C GLU B 478 18.05 9.89 21.60
N SER B 479 18.85 10.87 22.02
CA SER B 479 18.56 12.26 21.71
C SER B 479 18.51 12.58 20.21
N GLU B 480 19.15 11.78 19.38
CA GLU B 480 19.20 11.98 17.94
C GLU B 480 18.22 11.06 17.22
N ALA B 481 17.40 10.33 17.95
CA ALA B 481 16.65 9.25 17.33
C ALA B 481 15.14 9.48 17.29
N VAL B 482 14.71 10.72 17.32
CA VAL B 482 13.29 11.06 17.16
C VAL B 482 13.16 11.67 15.77
N ARG B 483 12.62 10.90 14.83
CA ARG B 483 12.70 11.21 13.41
C ARG B 483 11.34 11.41 12.76
N GLU B 484 11.32 12.21 11.71
CA GLU B 484 10.12 12.46 10.93
C GLU B 484 10.26 11.89 9.50
N ALA B 485 9.11 11.61 8.89
CA ALA B 485 9.04 11.18 7.52
C ALA B 485 9.57 12.25 6.55
N ASP B 486 10.08 11.79 5.42
CA ASP B 486 10.30 12.66 4.27
C ASP B 486 10.03 11.84 3.01
N ALA B 487 8.77 11.79 2.60
CA ALA B 487 8.38 10.99 1.45
C ALA B 487 9.07 11.43 0.16
N ARG B 488 9.27 12.74 0.01
CA ARG B 488 9.85 13.32 -1.19
C ARG B 488 11.26 12.80 -1.45
N THR B 489 12.01 12.54 -0.37
CA THR B 489 13.37 11.98 -0.47
C THR B 489 13.46 10.49 -0.20
N GLY B 490 12.31 9.82 -0.27
CA GLY B 490 12.25 8.40 -0.11
C GLY B 490 12.85 7.88 1.19
N ARG B 491 12.65 8.62 2.27
CA ARG B 491 13.25 8.27 3.53
C ARG B 491 12.74 6.96 4.09
N THR B 492 13.69 6.11 4.44
CA THR B 492 13.44 4.86 5.18
C THR B 492 14.40 4.75 6.35
N TRP B 493 14.27 3.71 7.14
CA TRP B 493 15.14 3.46 8.27
C TRP B 493 15.57 1.99 8.23
N ILE B 494 16.87 1.78 8.35
CA ILE B 494 17.48 0.46 8.28
C ILE B 494 17.94 0.08 9.65
N ILE B 495 17.52 -1.08 10.10
CA ILE B 495 18.02 -1.67 11.31
C ILE B 495 19.04 -2.72 10.89
N SER B 496 20.28 -2.56 11.34
CA SER B 496 21.33 -3.51 10.99
C SER B 496 22.07 -4.01 12.21
N ASN B 497 22.85 -5.07 12.00
CA ASN B 497 23.75 -5.60 13.00
C ASN B 497 25.19 -5.29 12.52
N PRO B 498 25.85 -4.35 13.17
CA PRO B 498 27.21 -3.95 12.76
C PRO B 498 28.27 -5.05 12.94
N GLU B 499 27.96 -6.10 13.70
CA GLU B 499 28.85 -7.21 13.96
C GLU B 499 28.54 -8.48 13.16
N SER B 500 27.50 -8.44 12.33
CA SER B 500 27.15 -9.58 11.49
C SER B 500 27.09 -9.12 10.04
N LYS B 501 27.98 -9.69 9.23
CA LYS B 501 28.15 -9.27 7.86
C LYS B 501 27.74 -10.39 6.89
N ASN B 502 27.17 -10.01 5.76
CA ASN B 502 26.82 -10.96 4.73
C ASN B 502 28.09 -11.32 3.95
N ARG B 503 27.94 -12.15 2.92
CA ARG B 503 29.11 -12.64 2.19
C ARG B 503 29.82 -11.54 1.39
N LEU B 504 29.17 -10.39 1.23
CA LEU B 504 29.77 -9.24 0.58
C LEU B 504 30.43 -8.27 1.54
N ASN B 505 30.62 -8.70 2.79
CA ASN B 505 31.21 -7.91 3.87
C ASN B 505 30.41 -6.66 4.24
N GLU B 506 29.09 -6.71 4.04
CA GLU B 506 28.19 -5.59 4.36
C GLU B 506 27.34 -6.01 5.59
N PRO B 507 27.12 -5.11 6.56
CA PRO B 507 26.23 -5.43 7.69
C PRO B 507 24.84 -5.87 7.25
N VAL B 508 24.36 -6.95 7.82
CA VAL B 508 23.01 -7.43 7.57
C VAL B 508 21.97 -6.45 8.10
N GLY B 509 20.86 -6.34 7.40
CA GLY B 509 19.85 -5.38 7.82
C GLY B 509 18.47 -5.66 7.29
N TYR B 510 17.52 -4.94 7.86
CA TYR B 510 16.13 -4.88 7.43
C TYR B 510 15.75 -3.41 7.28
N LYS B 511 14.98 -3.11 6.25
CA LYS B 511 14.58 -1.73 5.95
C LYS B 511 13.11 -1.53 6.24
N LEU B 512 12.79 -0.52 7.04
CA LEU B 512 11.40 -0.19 7.37
C LEU B 512 10.86 0.79 6.37
N HIS B 513 9.79 0.42 5.69
CA HIS B 513 9.10 1.26 4.74
C HIS B 513 7.77 1.73 5.36
N ALA B 514 7.68 3.03 5.62
CA ALA B 514 6.46 3.64 6.14
C ALA B 514 5.57 4.14 5.00
N HIS B 515 4.30 4.38 5.32
CA HIS B 515 3.31 4.85 4.37
C HIS B 515 3.36 6.40 4.31
N ASN B 516 4.02 6.99 5.28
CA ASN B 516 4.20 8.44 5.31
C ASN B 516 2.88 9.26 5.35
N GLN B 517 1.92 8.75 6.09
CA GLN B 517 0.66 9.44 6.35
C GLN B 517 0.89 10.56 7.37
N PRO B 518 0.00 11.55 7.43
CA PRO B 518 0.13 12.60 8.44
C PRO B 518 0.20 12.05 9.86
N THR B 519 1.03 12.66 10.69
CA THR B 519 1.07 12.35 12.11
C THR B 519 0.09 13.28 12.88
N LEU B 520 0.19 13.31 14.21
CA LEU B 520 -0.81 13.98 15.03
C LEU B 520 -0.95 15.47 14.61
N LEU B 521 -2.17 15.86 14.29
CA LEU B 521 -2.38 17.24 13.76
C LEU B 521 -2.61 18.29 14.81
N ALA B 522 -2.99 17.92 16.01
CA ALA B 522 -3.33 18.86 17.10
C ALA B 522 -2.22 19.89 17.34
N ASP B 523 -2.58 21.06 17.78
CA ASP B 523 -1.59 22.06 18.15
C ASP B 523 -0.59 21.44 19.16
N PRO B 524 0.71 21.75 19.04
CA PRO B 524 1.71 21.19 19.97
C PRO B 524 1.51 21.57 21.45
N GLY B 525 0.74 22.62 21.72
CA GLY B 525 0.37 23.02 23.07
C GLY B 525 -0.87 22.40 23.68
N SER B 526 -1.49 21.45 22.97
CA SER B 526 -2.69 20.79 23.45
C SER B 526 -2.38 19.68 24.41
N SER B 527 -3.39 19.34 25.22
CA SER B 527 -3.34 18.20 26.12
C SER B 527 -3.01 16.90 25.34
N ILE B 528 -3.69 16.65 24.23
CA ILE B 528 -3.39 15.44 23.45
C ILE B 528 -1.99 15.38 22.86
N ALA B 529 -1.41 16.49 22.46
CA ALA B 529 -0.04 16.44 21.98
C ALA B 529 0.95 15.99 23.06
N ARG B 530 0.65 16.29 24.32
CA ARG B 530 1.48 15.88 25.46
C ARG B 530 1.20 14.47 25.86
N ARG B 531 -0.08 14.11 25.88
CA ARG B 531 -0.46 12.75 26.28
C ARG B 531 -0.16 11.75 25.17
N ALA B 532 -0.21 12.17 23.91
CA ALA B 532 0.17 11.30 22.81
C ALA B 532 1.38 11.84 22.08
N ALA B 533 2.41 12.25 22.84
CA ALA B 533 3.62 12.81 22.23
C ALA B 533 4.21 11.88 21.17
N PHE B 534 4.12 10.58 21.39
CA PHE B 534 4.64 9.63 20.44
C PHE B 534 4.08 9.86 19.04
N ALA B 535 2.81 10.28 18.97
CA ALA B 535 2.05 10.39 17.72
C ALA B 535 2.50 11.62 16.89
N THR B 536 3.35 12.45 17.46
CA THR B 536 3.84 13.65 16.78
C THR B 536 5.06 13.43 15.87
N LYS B 537 5.68 12.26 15.96
CA LYS B 537 6.85 11.94 15.17
C LYS B 537 6.72 10.52 14.64
N ASP B 538 7.29 10.25 13.47
CA ASP B 538 7.10 8.95 12.79
C ASP B 538 7.94 7.81 13.34
N LEU B 539 9.09 8.12 13.91
CA LEU B 539 10.02 7.08 14.32
C LEU B 539 10.78 7.49 15.56
N TRP B 540 10.81 6.61 16.55
CA TRP B 540 11.60 6.79 17.75
C TRP B 540 12.46 5.56 17.94
N VAL B 541 13.67 5.71 18.46
CA VAL B 541 14.50 4.59 18.80
C VAL B 541 14.96 4.72 20.23
N THR B 542 14.71 3.70 21.05
CA THR B 542 15.20 3.67 22.42
C THR B 542 16.11 2.48 22.66
N ARG B 543 16.93 2.62 23.70
CA ARG B 543 17.63 1.49 24.30
C ARG B 543 16.60 0.65 25.07
N TYR B 544 16.64 -0.67 24.88
CA TYR B 544 15.73 -1.57 25.55
C TYR B 544 15.81 -1.45 27.08
N ALA B 545 14.65 -1.40 27.72
CA ALA B 545 14.55 -1.52 29.17
C ALA B 545 13.27 -2.27 29.46
N ASP B 546 13.29 -3.13 30.48
CA ASP B 546 12.12 -3.96 30.69
C ASP B 546 10.88 -3.22 31.12
N ASP B 547 11.02 -2.01 31.68
CA ASP B 547 9.85 -1.25 32.12
C ASP B 547 9.36 -0.19 31.12
N GLU B 548 9.92 -0.19 29.92
CA GLU B 548 9.54 0.75 28.88
C GLU B 548 8.74 -0.02 27.85
N ARG B 549 7.46 -0.23 28.18
CA ARG B 549 6.57 -1.09 27.40
C ARG B 549 5.66 -0.35 26.42
N TYR B 550 5.17 0.84 26.80
CA TYR B 550 4.16 1.57 26.04
C TYR B 550 4.64 2.98 25.78
N PRO B 551 4.30 3.55 24.63
CA PRO B 551 4.80 4.90 24.30
C PRO B 551 4.15 5.98 25.17
N THR B 552 3.07 5.62 25.86
CA THR B 552 2.25 6.46 26.72
C THR B 552 2.37 6.10 28.21
N GLY B 553 3.26 5.19 28.55
CA GLY B 553 3.42 4.72 29.93
C GLY B 553 2.39 3.68 30.33
N ASP B 554 2.46 3.25 31.59
CA ASP B 554 1.62 2.16 32.06
C ASP B 554 0.20 2.59 32.30
N PHE B 555 0.00 3.85 32.70
CA PHE B 555 -1.33 4.31 33.08
C PHE B 555 -1.69 5.55 32.28
N VAL B 556 -2.52 5.39 31.27
CA VAL B 556 -2.81 6.45 30.32
C VAL B 556 -4.04 7.25 30.71
N ASN B 557 -5.02 6.56 31.27
CA ASN B 557 -6.32 7.11 31.65
C ASN B 557 -6.15 8.29 32.60
N GLN B 558 -6.59 9.45 32.12
CA GLN B 558 -6.61 10.67 32.92
C GLN B 558 -5.21 11.03 33.42
N HIS B 559 -4.23 10.71 32.60
CA HIS B 559 -2.85 10.93 32.98
C HIS B 559 -2.28 11.98 32.06
N SER B 560 -1.71 13.03 32.65
CA SER B 560 -1.04 14.04 31.90
C SER B 560 0.26 13.49 31.29
N GLY B 561 0.96 14.35 30.55
CA GLY B 561 2.33 14.07 30.16
C GLY B 561 3.18 13.87 31.40
N GLY B 562 4.35 13.28 31.17
CA GLY B 562 5.32 13.00 32.22
C GLY B 562 5.90 11.60 32.10
N ALA B 563 5.20 10.72 31.41
CA ALA B 563 5.67 9.35 31.24
C ALA B 563 5.83 9.04 29.73
N GLY B 564 6.05 7.77 29.40
CA GLY B 564 6.17 7.39 28.00
C GLY B 564 7.44 7.83 27.29
N LEU B 565 7.38 7.85 25.96
CA LEU B 565 8.57 8.01 25.14
C LEU B 565 9.40 9.24 25.42
N PRO B 566 8.80 10.41 25.59
CA PRO B 566 9.62 11.60 25.90
C PRO B 566 10.42 11.42 27.19
N SER B 567 9.90 10.68 28.16
CA SER B 567 10.63 10.43 29.41
C SER B 567 11.77 9.42 29.16
N TYR B 568 11.53 8.42 28.33
CA TYR B 568 12.51 7.39 28.06
C TYR B 568 13.74 7.96 27.35
N ILE B 569 13.49 8.75 26.31
CA ILE B 569 14.50 9.34 25.42
C ILE B 569 15.44 10.31 26.15
N ALA B 570 14.92 10.96 27.18
CA ALA B 570 15.72 11.86 28.00
C ALA B 570 16.98 11.24 28.61
N GLN B 571 16.98 9.92 28.77
CA GLN B 571 18.14 9.22 29.31
C GLN B 571 19.34 9.24 28.34
N ASP B 572 19.07 9.51 27.05
CA ASP B 572 20.09 9.73 26.03
C ASP B 572 21.11 8.59 25.98
N ARG B 573 20.59 7.37 26.00
CA ARG B 573 21.40 6.18 26.02
C ARG B 573 22.00 5.85 24.64
N ASP B 574 23.09 5.12 24.66
CA ASP B 574 23.76 4.66 23.45
C ASP B 574 22.86 3.66 22.73
N ILE B 575 22.62 3.88 21.44
CA ILE B 575 21.84 2.95 20.61
C ILE B 575 22.61 2.49 19.37
N ASP B 576 23.92 2.72 19.37
CA ASP B 576 24.76 2.36 18.23
C ASP B 576 25.43 1.02 18.50
N GLY B 577 24.75 -0.06 18.11
CA GLY B 577 25.25 -1.40 18.35
C GLY B 577 24.87 -1.83 19.76
N GLN B 578 23.57 -1.73 20.04
CA GLN B 578 23.03 -2.06 21.35
C GLN B 578 21.66 -2.74 21.17
N ASP B 579 21.07 -3.17 22.28
CA ASP B 579 19.75 -3.78 22.28
C ASP B 579 18.76 -2.62 22.20
N ILE B 580 18.14 -2.44 21.03
CA ILE B 580 17.26 -1.32 20.76
C ILE B 580 15.84 -1.70 20.38
N VAL B 581 14.98 -0.69 20.45
CA VAL B 581 13.56 -0.80 20.20
C VAL B 581 13.17 0.34 19.28
N VAL B 582 12.50 0.01 18.18
CA VAL B 582 11.97 0.99 17.24
C VAL B 582 10.49 1.17 17.53
N TRP B 583 10.02 2.40 17.55
CA TRP B 583 8.62 2.70 17.81
C TRP B 583 8.12 3.48 16.61
N HIS B 584 7.27 2.90 15.79
CA HIS B 584 6.84 3.53 14.55
C HIS B 584 5.40 3.97 14.69
N THR B 585 5.18 5.25 14.52
CA THR B 585 3.87 5.86 14.51
C THR B 585 3.33 5.91 13.08
N PHE B 586 2.08 5.50 12.91
CA PHE B 586 1.42 5.49 11.61
C PHE B 586 -0.08 5.54 11.83
N GLY B 587 -0.77 6.28 11.00
CA GLY B 587 -2.20 6.43 11.18
C GLY B 587 -2.97 6.88 9.97
N LEU B 588 -4.29 6.88 10.15
CA LEU B 588 -5.24 7.32 9.16
C LEU B 588 -5.84 8.62 9.60
N THR B 589 -5.93 9.58 8.69
CA THR B 589 -6.61 10.84 8.95
C THR B 589 -7.95 10.76 8.21
N HIS B 590 -9.03 10.81 8.97
CA HIS B 590 -10.37 10.46 8.49
C HIS B 590 -11.26 11.67 8.46
N PHE B 591 -11.60 12.09 7.24
CA PHE B 591 -12.62 13.09 6.99
C PHE B 591 -13.80 12.27 6.48
N PRO B 592 -14.76 11.91 7.33
CA PRO B 592 -15.76 10.93 6.89
C PRO B 592 -16.50 11.35 5.62
N ARG B 593 -16.81 10.35 4.82
CA ARG B 593 -17.48 10.56 3.56
C ARG B 593 -18.87 9.95 3.70
N VAL B 594 -19.77 10.35 2.82
CA VAL B 594 -21.13 9.79 2.79
C VAL B 594 -21.09 8.26 2.64
N GLU B 595 -20.11 7.78 1.88
CA GLU B 595 -19.94 6.32 1.67
C GLU B 595 -19.59 5.54 2.95
N ASP B 596 -19.16 6.24 4.00
CA ASP B 596 -18.86 5.61 5.28
C ASP B 596 -20.11 5.32 6.12
N TRP B 597 -21.25 5.82 5.66
CA TRP B 597 -22.52 5.78 6.40
C TRP B 597 -23.49 4.85 5.65
N PRO B 598 -24.26 4.02 6.33
CA PRO B 598 -24.36 3.88 7.80
C PRO B 598 -23.41 2.90 8.49
N ILE B 599 -22.62 2.17 7.69
CA ILE B 599 -21.56 1.32 8.22
C ILE B 599 -20.39 1.44 7.25
N MET B 600 -19.21 1.63 7.80
CA MET B 600 -18.06 2.04 6.99
C MET B 600 -17.32 0.87 6.31
N PRO B 601 -17.06 1.00 5.01
CA PRO B 601 -16.18 0.04 4.35
C PRO B 601 -14.78 0.12 4.93
N VAL B 602 -14.09 -1.01 4.99
CA VAL B 602 -12.74 -1.06 5.55
C VAL B 602 -11.81 -0.09 4.84
N ASP B 603 -11.02 0.63 5.65
CA ASP B 603 -9.85 1.35 5.18
C ASP B 603 -8.63 0.86 5.94
N THR B 604 -7.43 1.09 5.39
CA THR B 604 -6.24 0.42 5.89
C THR B 604 -5.06 1.36 6.05
N VAL B 605 -4.17 0.99 6.96
CA VAL B 605 -2.85 1.60 7.08
C VAL B 605 -1.90 0.58 7.67
N GLY B 606 -0.62 0.78 7.50
CA GLY B 606 0.35 -0.12 8.04
C GLY B 606 1.79 0.27 7.70
N PHE B 607 2.65 -0.71 7.67
CA PHE B 607 4.05 -0.57 7.38
C PHE B 607 4.63 -1.93 7.08
N LYS B 608 5.85 -1.96 6.56
CA LYS B 608 6.52 -3.25 6.35
C LYS B 608 8.00 -3.11 6.53
N LEU B 609 8.67 -4.23 6.72
CA LEU B 609 10.14 -4.27 6.79
C LEU B 609 10.60 -5.28 5.80
N ARG B 610 11.55 -4.95 4.94
CA ARG B 610 12.06 -5.87 3.93
C ARG B 610 13.54 -6.17 4.20
N PRO B 611 14.01 -7.36 3.96
CA PRO B 611 15.45 -7.62 4.12
C PRO B 611 16.29 -6.70 3.21
N GLU B 612 17.43 -6.28 3.74
CA GLU B 612 18.34 -5.34 3.08
C GLU B 612 19.76 -5.84 3.30
N GLY B 613 20.22 -6.73 2.42
CA GLY B 613 21.48 -7.43 2.61
C GLY B 613 21.54 -8.34 3.84
N PHE B 614 20.38 -8.77 4.32
CA PHE B 614 20.30 -9.78 5.37
C PHE B 614 20.74 -11.13 4.86
N PHE B 615 20.30 -11.47 3.66
CA PHE B 615 20.61 -12.74 3.05
C PHE B 615 21.77 -12.57 2.04
N ASP B 616 22.36 -13.68 1.63
CA ASP B 616 23.50 -13.69 0.72
C ASP B 616 23.12 -13.70 -0.76
N ARG B 617 21.82 -13.82 -1.00
CA ARG B 617 21.19 -13.84 -2.33
C ARG B 617 19.69 -14.01 -2.02
N SER B 618 18.85 -14.07 -3.05
CA SER B 618 17.43 -14.28 -2.83
C SER B 618 17.20 -15.49 -1.93
N PRO B 619 16.35 -15.36 -0.91
CA PRO B 619 16.02 -16.49 -0.03
C PRO B 619 14.94 -17.42 -0.59
N VAL B 620 14.48 -17.19 -1.81
CA VAL B 620 13.37 -17.98 -2.34
C VAL B 620 13.74 -18.72 -3.62
N LEU B 621 15.01 -19.03 -3.77
CA LEU B 621 15.48 -19.80 -4.93
C LEU B 621 15.05 -21.26 -4.83
N ASP B 622 14.77 -21.70 -3.61
CA ASP B 622 14.38 -23.09 -3.38
C ASP B 622 12.87 -23.34 -3.41
N VAL B 623 12.11 -22.32 -3.78
CA VAL B 623 10.66 -22.47 -3.94
C VAL B 623 10.42 -23.25 -5.24
N PRO B 624 9.61 -24.30 -5.20
CA PRO B 624 9.34 -25.13 -6.37
C PRO B 624 8.31 -24.53 -7.33
N ALA B 625 8.33 -24.99 -8.58
CA ALA B 625 7.33 -24.56 -9.57
C ALA B 625 5.93 -24.89 -9.10
CU CU C . 14.50 -1.97 -10.67
NA NA D . -12.44 13.42 -19.55
CM2 R4A E . 15.79 -2.20 -22.22
NNG R4A E . 16.78 -3.20 -21.81
CM1 R4A E . 17.54 -2.96 -20.59
CNE R4A E . 17.00 -4.36 -22.60
CNF R4A E . 16.26 -4.47 -23.76
CNA R4A E . 16.42 -5.57 -24.60
CNB R4A E . 17.31 -6.58 -24.27
CNC R4A E . 18.05 -6.48 -23.11
CND R4A E . 17.90 -5.38 -22.27
OL5 R4A E . 15.67 -5.65 -25.73
CL4 R4A E . 14.39 -5.02 -25.72
CL3 R4A E . 13.39 -6.03 -25.21
CL2 R4A E . 12.30 -6.19 -26.24
CL1 R4A E . 12.92 -6.66 -27.55
CAL R4A E . 12.75 -8.13 -27.73
CAK R4A E . 13.87 -9.08 -27.95
CAJ R4A E . 15.24 -8.80 -28.02
CAB R4A E . 13.42 -10.46 -28.11
CAC R4A E . 14.38 -11.50 -28.34
CAH R4A E . 15.81 -11.17 -28.41
CAI R4A E . 16.20 -9.82 -28.23
CAG R4A E . 16.67 -12.24 -28.62
CAF R4A E . 16.13 -13.52 -28.77
CAE R4A E . 14.75 -13.78 -28.70
NAD R4A E . 13.87 -12.78 -28.48
NAA R4A E . 12.08 -10.85 -28.07
CAN R4A E . 11.11 -9.97 -27.87
CAM R4A E . 11.44 -8.62 -27.70
RU R4A E . 11.82 -12.87 -28.36
NCL R4A E . 11.67 -14.90 -28.70
CCK R4A E . 11.54 -15.45 -29.91
CCJ R4A E . 11.45 -16.84 -30.01
CCI R4A E . 11.50 -17.64 -28.86
CCG R4A E . 11.73 -15.66 -27.53
CCH R4A E . 11.63 -17.05 -27.61
CCF R4A E . 11.88 -14.85 -26.28
CCE R4A E . 11.93 -15.45 -24.93
CCD R4A E . 12.02 -14.61 -23.90
CCC R4A E . 12.07 -13.18 -24.18
CCB R4A E . 12.04 -12.76 -25.45
NCA R4A E . 11.95 -13.58 -26.42
NBL R4A E . 11.50 -12.30 -30.32
CBK R4A E . 12.46 -12.03 -31.21
CBJ R4A E . 12.10 -11.65 -32.51
CBI R4A E . 10.75 -11.55 -32.87
CBG R4A E . 10.14 -12.21 -30.66
CBH R4A E . 9.76 -11.84 -31.95
CBF R4A E . 9.21 -12.56 -29.53
CBE R4A E . 7.73 -12.53 -29.67
CBD R4A E . 7.00 -12.85 -28.61
CBC R4A E . 7.72 -13.20 -27.39
CBB R4A E . 9.05 -13.20 -27.39
NBA R4A E . 9.74 -12.89 -28.42
HM23 R4A E . 15.75 -1.44 -21.50
HM22 R4A E . 14.84 -2.65 -22.29
HM21 R4A E . 16.07 -1.79 -23.15
HM13 R4A E . 18.48 -2.54 -20.84
HM12 R4A E . 17.01 -2.28 -19.97
HM11 R4A E . 17.69 -3.86 -20.07
HNF R4A E . 15.57 -3.69 -24.03
HNB R4A E . 17.42 -7.44 -24.93
HNC R4A E . 18.74 -7.27 -22.85
HND R4A E . 18.49 -5.32 -21.37
HL41 R4A E . 14.14 -4.67 -26.73
HL42 R4A E . 14.35 -4.15 -25.08
HL31 R4A E . 12.96 -5.68 -24.27
HL32 R4A E . 13.87 -6.99 -25.04
HL21 R4A E . 11.81 -5.22 -26.40
HL22 R4A E . 11.55 -6.89 -25.87
HL11 R4A E . 13.99 -6.42 -27.60
HL12 R4A E . 12.44 -6.14 -28.37
HAJ R4A E . 15.59 -7.78 -27.90
HAI R4A E . 17.25 -9.56 -28.28
HAG R4A E . 17.74 -12.08 -28.68
HAF R4A E . 16.81 -14.35 -28.94
HAE R4A E . 14.38 -14.79 -28.82
HAN R4A E . 10.07 -10.29 -27.85
HAM R4A E . 10.66 -7.92 -27.54
HCK R4A E . 11.49 -14.85 -30.80
HCJ R4A E . 11.34 -17.31 -30.98
HCI R4A E . 11.44 -18.71 -28.95
HCH R4A E . 11.68 -17.67 -26.71
HCE R4A E . 11.89 -16.50 -24.78
HCD R4A E . 12.06 -14.99 -22.89
HCC R4A E . 12.16 -12.47 -23.38
HCB R4A E . 12.09 -11.70 -25.65
HBK R4A E . 13.50 -12.09 -30.95
HBJ R4A E . 12.87 -11.43 -33.24
HBI R4A E . 10.49 -11.26 -33.88
HBH R4A E . 8.72 -11.78 -32.22
HBE R4A E . 7.27 -12.26 -30.60
HBD R4A E . 5.93 -12.85 -28.65
HBC R4A E . 7.18 -13.47 -26.50
HBB R4A E . 9.55 -13.46 -26.47
C1 GOL F . 32.24 -15.60 -18.28
O1 GOL F . 32.86 -16.77 -18.82
C2 GOL F . 32.96 -15.14 -17.01
O2 GOL F . 33.25 -16.24 -16.17
C3 GOL F . 34.28 -14.45 -17.37
O3 GOL F . 34.98 -14.08 -16.20
H11 GOL F . 31.20 -15.82 -18.04
H12 GOL F . 32.25 -14.80 -19.01
H2 GOL F . 32.32 -14.43 -16.49
H31 GOL F . 34.08 -13.56 -17.97
H32 GOL F . 34.89 -15.13 -17.96
C1 GOL G . 7.08 -0.28 -1.70
O1 GOL G . 6.60 -1.28 -2.58
C2 GOL G . 8.55 -0.51 -1.40
O2 GOL G . 8.75 -1.87 -1.08
C3 GOL G . 9.38 -0.12 -2.62
O3 GOL G . 10.67 -0.70 -2.56
H11 GOL G . 6.51 -0.31 -0.77
H12 GOL G . 6.95 0.70 -2.15
H2 GOL G . 8.85 0.11 -0.55
H31 GOL G . 9.47 0.96 -2.66
H32 GOL G . 8.88 -0.45 -3.52
C1 GOL H . -22.48 16.26 -17.94
O1 GOL H . -21.33 15.80 -17.28
C2 GOL H . -22.41 15.96 -19.43
O2 GOL H . -21.22 16.51 -19.98
C3 GOL H . -22.49 14.46 -19.69
O3 GOL H . -21.35 14.03 -20.40
H11 GOL H . -22.58 17.33 -17.78
H12 GOL H . -23.36 15.77 -17.51
H2 GOL H . -23.27 16.43 -19.90
H31 GOL H . -23.38 14.24 -20.27
H32 GOL H . -22.57 13.92 -18.75
C1 GOL I . -8.95 -1.19 -1.37
O1 GOL I . -8.88 0.16 -0.98
C2 GOL I . -9.97 -1.90 -0.51
O2 GOL I . -9.46 -1.86 0.82
C3 GOL I . -11.30 -1.17 -0.70
O3 GOL I . -12.39 -2.05 -0.73
H11 GOL I . -7.99 -1.68 -1.23
H12 GOL I . -9.22 -1.26 -2.42
H2 GOL I . -10.07 -2.94 -0.85
H31 GOL I . -11.29 -0.59 -1.62
H32 GOL I . -11.44 -0.47 0.13
S SO4 J . -9.11 -12.93 6.22
O1 SO4 J . -9.08 -12.96 7.68
O2 SO4 J . -7.79 -13.18 5.67
O3 SO4 J . -9.94 -14.06 5.71
O4 SO4 J . -9.58 -11.62 5.76
C1 GOL K . -3.41 -12.22 -4.14
O1 GOL K . -4.82 -12.17 -3.99
C2 GOL K . -2.90 -11.00 -4.92
O2 GOL K . -2.25 -11.40 -6.10
C3 GOL K . -1.93 -10.17 -4.08
O3 GOL K . -1.55 -9.02 -4.80
H11 GOL K . -3.13 -13.13 -4.67
H12 GOL K . -2.95 -12.25 -3.15
H2 GOL K . -3.75 -10.38 -5.17
H31 GOL K . -1.04 -10.77 -3.85
H32 GOL K . -2.40 -9.88 -3.14
CU CU L . -12.22 7.00 11.38
NA NA M . 16.21 -5.08 20.73
CM2 R4A N . -14.47 5.30 22.47
NNG R4A N . -15.82 5.48 21.95
CM1 R4A N . -16.03 6.46 20.89
CNE R4A N . -16.89 4.74 22.48
CNF R4A N . -16.60 3.91 23.56
CNA R4A N . -17.59 3.15 24.16
CNB R4A N . -18.90 3.20 23.69
CNC R4A N . -19.20 4.02 22.63
CND R4A N . -18.20 4.79 22.00
OL5 R4A N . -17.26 2.36 25.22
CL4 R4A N . -15.98 1.75 25.22
CL3 R4A N . -16.02 0.51 24.35
CL2 R4A N . -15.43 -0.65 25.11
CL1 R4A N . -16.20 -0.85 26.40
CAL R4A N . -17.20 -1.95 26.27
CAK R4A N . -18.66 -1.76 26.40
CAJ R4A N . -19.36 -0.57 26.67
CAB R4A N . -19.41 -3.00 26.23
CAC R4A N . -20.85 -2.98 26.34
CAH R4A N . -21.54 -1.71 26.62
CAI R4A N . -20.77 -0.55 26.77
CAG R4A N . -22.92 -1.79 26.71
CAF R4A N . -23.55 -3.03 26.53
CAE R4A N . -22.85 -4.22 26.26
NAD R4A N . -21.50 -4.20 26.15
NAA R4A N . -18.82 -4.23 25.96
CAN R4A N . -17.50 -4.35 25.84
CAM R4A N . -16.70 -3.22 25.99
RU R4A N . -20.20 -5.76 25.80
NCL R4A N . -21.71 -7.15 25.75
CCK R4A N . -22.19 -7.79 26.83
CCJ R4A N . -23.23 -8.71 26.66
CCI R4A N . -23.78 -8.94 25.39
CCG R4A N . -22.23 -7.36 24.46
CCH R4A N . -23.27 -8.28 24.28
CCF R4A N . -21.57 -6.53 23.41
CCE R4A N . -21.92 -6.60 21.98
CCD R4A N . -21.24 -5.84 21.13
CCC R4A N . -20.19 -4.99 21.67
CCB R4A N . -19.96 -4.99 23.00
NCA R4A N . -20.64 -5.74 23.78
NBL R4A N . -19.69 -5.98 27.79
CBK R4A N . -20.22 -5.28 28.81
CBJ R4A N . -19.77 -5.52 30.10
CBI R4A N . -18.79 -6.48 30.35
CBG R4A N . -18.70 -6.94 28.00
CBH R4A N . -18.24 -7.20 29.30
CBF R4A N . -18.22 -7.62 26.76
CBE R4A N . -17.18 -8.67 26.77
CBD R4A N . -16.83 -9.21 25.61
CBC R4A N . -17.50 -8.71 24.42
CBB R4A N . -18.44 -7.76 24.53
NBA R4A N . -18.77 -7.25 25.65
HM23 R4A N . -13.80 5.89 21.91
HM22 R4A N . -14.18 4.29 22.40
HM21 R4A N . -14.42 5.62 23.48
HM13 R4A N . -16.30 7.39 21.33
HM12 R4A N . -15.13 6.59 20.34
HM11 R4A N . -16.79 6.15 20.23
HNF R4A N . -15.59 3.87 23.95
HNB R4A N . -19.67 2.60 24.17
HNC R4A N . -20.22 4.04 22.27
HND R4A N . -18.47 5.42 21.17
HL41 R4A N . -15.69 1.51 26.25
HL42 R4A N . -15.21 2.41 24.84
HL31 R4A N . -15.43 0.68 23.45
HL32 R4A N . -17.04 0.29 24.06
HL21 R4A N . -14.38 -0.45 25.34
HL22 R4A N . -15.47 -1.55 24.49
HL11 R4A N . -16.73 0.06 26.72
HL12 R4A N . -15.51 -1.11 27.20
HAJ R4A N . -18.81 0.35 26.80
HAI R4A N . -21.27 0.40 26.98
HAG R4A N . -23.51 -0.90 26.91
HAF R4A N . -24.63 -3.08 26.59
HAE R4A N . -23.38 -5.14 26.13
HAN R4A N . -17.05 -5.31 25.64
HAM R4A N . -15.63 -3.32 25.89
HCK R4A N . -21.78 -7.60 27.80
HCJ R4A N . -23.63 -9.23 27.52
HCI R4A N . -24.58 -9.65 25.28
HCH R4A N . -23.69 -8.46 23.30
HCE R4A N . -22.71 -7.25 21.63
HCD R4A N . -21.46 -5.86 20.08
HCC R4A N . -19.61 -4.35 21.03
HCB R4A N . -19.19 -4.36 23.40
HBK R4A N . -20.98 -4.53 28.63
HBJ R4A N . -20.20 -4.96 30.93
HBI R4A N . -18.46 -6.66 31.36
HBH R4A N . -17.48 -7.94 29.48
HBE R4A N . -16.72 -8.99 27.69
HBD R4A N . -16.08 -9.98 25.56
HBC R4A N . -17.25 -9.11 23.45
HBB R4A N . -18.91 -7.41 23.63
S SO4 O . -2.79 -13.54 -9.87
O1 SO4 O . -2.73 -13.17 -11.28
O2 SO4 O . -3.84 -12.81 -9.18
O3 SO4 O . -3.17 -14.95 -9.72
O4 SO4 O . -1.51 -13.25 -9.24
C1 GOL P . 2.54 10.76 27.85
O1 GOL P . 2.57 9.99 26.65
C2 GOL P . 2.12 9.91 29.03
O2 GOL P . 2.47 10.51 30.28
C3 GOL P . 0.62 9.61 28.97
O3 GOL P . 0.27 8.71 30.01
H11 GOL P . 1.85 11.60 27.74
H12 GOL P . 3.53 11.17 28.05
H2 GOL P . 2.65 8.97 28.94
H31 GOL P . 0.37 9.16 28.01
H32 GOL P . 0.04 10.53 29.06
C1 GOL Q . -35.29 12.12 17.02
O1 GOL Q . -35.42 13.18 16.10
C2 GOL Q . -34.89 10.83 16.30
O2 GOL Q . -35.87 10.58 15.31
C3 GOL Q . -34.80 9.66 17.27
O3 GOL Q . -36.09 9.37 17.81
H11 GOL Q . -36.23 11.96 17.54
H12 GOL Q . -34.53 12.37 17.77
H2 GOL Q . -33.91 10.97 15.83
H31 GOL Q . -34.12 9.91 18.08
H32 GOL Q . -34.42 8.79 16.75
C1 GOL R . -5.14 4.79 2.29
O1 GOL R . -5.58 3.67 3.05
C2 GOL R . -6.33 5.71 2.05
O2 GOL R . -7.40 4.94 1.54
C3 GOL R . -6.70 6.37 3.37
O3 GOL R . -8.01 6.89 3.33
H11 GOL R . -4.73 4.45 1.34
H12 GOL R . -4.36 5.32 2.83
H2 GOL R . -6.04 6.47 1.34
H31 GOL R . -6.00 7.17 3.58
H32 GOL R . -6.63 5.65 4.18
C1 GOL S . 25.08 -10.51 18.55
O1 GOL S . 24.07 -9.69 18.00
C2 GOL S . 24.76 -10.85 20.01
O2 GOL S . 24.52 -9.67 20.75
C3 GOL S . 23.57 -11.81 20.09
O3 GOL S . 22.55 -11.25 20.89
H11 GOL S . 26.04 -9.99 18.50
H12 GOL S . 25.16 -11.43 17.97
H2 GOL S . 25.62 -11.36 20.42
H31 GOL S . 23.90 -12.75 20.53
H32 GOL S . 23.18 -12.01 19.09
C1 GOL T . -7.23 -11.35 0.98
O1 GOL T . -6.29 -12.36 0.69
C2 GOL T . -6.69 -10.38 2.03
O2 GOL T . -7.58 -10.31 3.13
C3 GOL T . -6.53 -8.98 1.45
O3 GOL T . -6.16 -8.08 2.48
H11 GOL T . -8.16 -11.80 1.33
H12 GOL T . -7.46 -10.81 0.05
H2 GOL T . -5.73 -10.74 2.36
H31 GOL T . -7.47 -8.66 1.02
H32 GOL T . -5.77 -8.99 0.67
C1 GOL U . 6.68 -9.22 -0.72
O1 GOL U . 6.70 -10.61 -0.93
C2 GOL U . 5.28 -8.65 -0.96
O2 GOL U . 5.15 -7.96 -2.19
C3 GOL U . 5.00 -7.68 0.16
O3 GOL U . 5.94 -6.62 0.09
H11 GOL U . 7.38 -8.75 -1.42
H12 GOL U . 7.03 -9.01 0.29
H2 GOL U . 4.56 -9.47 -0.90
H31 GOL U . 5.07 -8.18 1.13
H32 GOL U . 3.99 -7.30 0.04
#